data_5XAT
#
_entry.id   5XAT
#
_cell.length_a   87.668
_cell.length_b   91.874
_cell.length_c   96.320
_cell.angle_alpha   86.10
_cell.angle_beta   82.22
_cell.angle_gamma   69.66
#
_symmetry.space_group_name_H-M   'P 1'
#
loop_
_entity.id
_entity.type
_entity.pdbx_description
1 polymer 'Citrate-sodium symporter'
2 non-polymer 'SODIUM ION'
3 non-polymer 'CITRATE ANION'
4 non-polymer 'octyl beta-D-glucopyranoside'
5 water water
#
_entity_poly.entity_id   1
_entity_poly.type   'polypeptide(L)'
_entity_poly.pdbx_seq_one_letter_code
;GSKGVSDLLGFKIFGMPLPLYAFALITLLLSHFYNALPTDIVGGFAIMFIIGAIFGEIGKRLPIFNKYIGGAPVMIFLVA
AYFVYAGIFTQKEIDAISNVMDKSNFLNLFIAVLITGAILSVNRRLLLKSLLGYIPTILMGIVGASIFGIAIGLVFGIPV
DRIMMLYVLPIMGGGNGAGAVPLSEIYHSVTGRSREEYYSTAIAILTIANIFAIVFAAVLDIIGKKHTWLSGEGELVRKA
SFKVEEDEKTGQITHRETAVGLVLSTTCFLLAYVVAKKILPSIGGVAIHYFAWMVLIVAALNASGLCSPEIKAGAKRLSD
FFSKQLLWVLMVGVGVCYTDLQEIINAITFANVVIAAIIVIGAVLGAAIGGWLMGFFPIESAITAGLCMANRGGSGDLEV
LSACNRMNLISYAQISSRLGGGIVLVIASIVFGMMIPR
;
_entity_poly.pdbx_strand_id   A,B,C,D
#
loop_
_chem_comp.id
_chem_comp.type
_chem_comp.name
_chem_comp.formula
BOG D-saccharide 'octyl beta-D-glucopyranoside' 'C14 H28 O6'
FLC non-polymer 'CITRATE ANION' 'C6 H5 O7 -3'
NA non-polymer 'SODIUM ION' 'Na 1'
#
# COMPACT_ATOMS: atom_id res chain seq x y z
N GLY A 10 11.36 27.42 -5.78
CA GLY A 10 9.98 26.94 -5.44
C GLY A 10 9.92 25.44 -5.24
N PHE A 11 11.02 24.90 -4.74
CA PHE A 11 11.09 23.49 -4.40
C PHE A 11 10.67 23.33 -2.96
N LYS A 12 9.55 22.67 -2.72
CA LYS A 12 8.89 22.77 -1.40
C LYS A 12 9.49 21.94 -0.26
N ILE A 13 9.54 22.53 0.95
CA ILE A 13 9.82 21.82 2.19
C ILE A 13 8.55 21.86 2.93
N PHE A 14 8.03 20.69 3.36
CA PHE A 14 6.83 20.62 4.23
C PHE A 14 5.59 21.27 3.61
N GLY A 15 5.44 21.08 2.31
CA GLY A 15 4.40 21.77 1.54
C GLY A 15 4.52 23.29 1.62
N MET A 16 5.71 23.75 1.97
CA MET A 16 6.02 25.15 2.01
C MET A 16 7.18 25.41 1.07
N PRO A 17 6.99 26.37 0.13
CA PRO A 17 8.07 26.65 -0.86
C PRO A 17 9.30 27.22 -0.20
N LEU A 18 10.48 26.85 -0.71
CA LEU A 18 11.75 27.22 -0.08
C LEU A 18 11.81 28.68 0.39
N PRO A 19 11.32 29.64 -0.43
CA PRO A 19 11.21 31.03 0.04
C PRO A 19 10.41 31.21 1.32
N LEU A 20 9.20 30.65 1.36
CA LEU A 20 8.37 30.72 2.55
C LEU A 20 9.00 30.01 3.75
N TYR A 21 9.50 28.79 3.53
CA TYR A 21 10.15 28.05 4.61
C TYR A 21 11.30 28.88 5.19
N ALA A 22 12.06 29.56 4.33
CA ALA A 22 13.15 30.40 4.78
C ALA A 22 12.67 31.48 5.77
N PHE A 23 11.54 32.12 5.44
CA PHE A 23 10.91 33.09 6.34
C PHE A 23 10.75 32.50 7.75
N ALA A 24 10.24 31.28 7.80
CA ALA A 24 10.02 30.58 9.06
C ALA A 24 11.36 30.20 9.72
N LEU A 25 12.26 29.60 8.93
CA LEU A 25 13.57 29.22 9.43
C LEU A 25 14.35 30.43 9.95
N ILE A 26 14.22 31.58 9.29
CA ILE A 26 14.73 32.85 9.81
C ILE A 26 14.15 33.15 11.20
N THR A 27 12.82 33.10 11.31
CA THR A 27 12.14 33.37 12.56
C THR A 27 12.64 32.44 13.67
N LEU A 28 12.74 31.15 13.36
CA LEU A 28 13.24 30.18 14.34
C LEU A 28 14.56 30.64 14.92
N LEU A 29 15.44 31.07 14.02
CA LEU A 29 16.78 31.47 14.42
C LEU A 29 16.77 32.79 15.18
N LEU A 30 15.89 33.71 14.81
CA LEU A 30 15.70 34.93 15.60
C LEU A 30 15.32 34.60 17.04
N SER A 31 14.29 33.76 17.22
CA SER A 31 13.88 33.26 18.55
C SER A 31 15.00 32.56 19.29
N HIS A 32 15.77 31.82 18.52
CA HIS A 32 16.88 31.07 19.06
C HIS A 32 17.99 31.97 19.57
N PHE A 33 18.55 32.80 18.68
CA PHE A 33 19.69 33.66 19.06
C PHE A 33 19.32 34.81 19.98
N TYR A 34 18.18 35.47 19.78
CA TYR A 34 17.68 36.46 20.76
C TYR A 34 17.15 35.86 22.08
N ASN A 35 16.97 34.55 22.13
CA ASN A 35 16.48 33.86 23.32
C ASN A 35 15.14 34.44 23.76
N ALA A 36 14.24 34.55 22.80
CA ALA A 36 12.88 35.04 23.03
C ALA A 36 11.92 34.02 22.46
N LEU A 37 11.17 33.37 23.34
CA LEU A 37 10.26 32.31 22.97
C LEU A 37 9.27 32.05 24.07
N PRO A 38 7.97 32.04 23.76
CA PRO A 38 7.00 31.67 24.79
C PRO A 38 7.05 30.18 25.07
N THR A 39 7.19 29.79 26.33
CA THR A 39 7.30 28.38 26.68
C THR A 39 5.91 27.72 26.74
N ASP A 40 5.15 27.81 25.66
CA ASP A 40 3.76 27.34 25.60
C ASP A 40 3.48 26.58 24.29
N ILE A 41 2.21 26.24 24.04
CA ILE A 41 1.81 25.61 22.77
C ILE A 41 2.29 26.38 21.53
N VAL A 42 2.04 27.68 21.50
CA VAL A 42 2.30 28.47 20.31
C VAL A 42 3.79 28.41 20.03
N GLY A 43 4.59 28.82 21.01
CA GLY A 43 6.03 28.79 20.89
C GLY A 43 6.55 27.40 20.56
N GLY A 44 5.98 26.38 21.21
CA GLY A 44 6.37 24.98 20.97
C GLY A 44 6.13 24.54 19.54
N PHE A 45 4.87 24.44 19.15
CA PHE A 45 4.53 24.09 17.76
C PHE A 45 5.32 24.88 16.73
N ALA A 46 5.54 26.17 16.96
CA ALA A 46 6.31 26.99 16.03
C ALA A 46 7.67 26.36 15.74
N ILE A 47 8.38 26.02 16.82
CA ILE A 47 9.70 25.43 16.71
C ILE A 47 9.62 24.03 16.16
N MET A 48 8.76 23.23 16.77
CA MET A 48 8.60 21.84 16.41
C MET A 48 8.25 21.70 14.93
N PHE A 49 7.31 22.52 14.44
CA PHE A 49 6.92 22.47 13.02
C PHE A 49 8.11 22.69 12.10
N ILE A 50 8.87 23.75 12.39
CA ILE A 50 10.00 24.15 11.56
C ILE A 50 11.11 23.12 11.64
N ILE A 51 11.54 22.80 12.84
CA ILE A 51 12.63 21.83 13.01
C ILE A 51 12.27 20.48 12.40
N GLY A 52 11.09 20.00 12.74
CA GLY A 52 10.59 18.76 12.17
C GLY A 52 10.59 18.79 10.65
N ALA A 53 10.13 19.91 10.09
CA ALA A 53 10.02 20.07 8.65
C ALA A 53 11.37 19.83 7.96
N ILE A 54 12.41 20.56 8.36
CA ILE A 54 13.71 20.47 7.70
C ILE A 54 14.30 19.08 7.83
N PHE A 55 14.38 18.56 9.05
CA PHE A 55 15.03 17.27 9.27
C PHE A 55 14.16 16.15 8.78
N GLY A 56 12.86 16.39 8.73
CA GLY A 56 11.93 15.45 8.11
C GLY A 56 12.30 15.25 6.65
N GLU A 57 12.42 16.35 5.90
CA GLU A 57 12.79 16.29 4.49
C GLU A 57 14.16 15.64 4.33
N ILE A 58 15.12 16.13 5.11
CA ILE A 58 16.47 15.59 5.07
C ILE A 58 16.43 14.09 5.23
N GLY A 59 15.84 13.59 6.31
CA GLY A 59 15.70 12.14 6.53
C GLY A 59 14.92 11.41 5.46
N LYS A 60 13.95 12.11 4.86
CA LYS A 60 13.19 11.57 3.74
C LYS A 60 14.06 11.39 2.48
N ARG A 61 15.15 12.14 2.34
CA ARG A 61 16.02 12.09 1.15
C ARG A 61 17.50 11.67 1.38
N LEU A 62 17.92 11.41 2.62
CA LEU A 62 19.25 10.84 2.87
C LEU A 62 19.34 9.48 2.23
N PRO A 63 20.44 9.20 1.54
CA PRO A 63 20.41 8.05 0.66
C PRO A 63 20.27 6.76 1.48
N ILE A 64 21.28 6.48 2.28
CA ILE A 64 21.38 5.26 3.06
C ILE A 64 20.35 5.36 4.14
N PHE A 65 20.30 6.56 4.71
CA PHE A 65 19.49 6.84 5.88
C PHE A 65 17.98 6.76 5.62
N ASN A 66 17.56 7.25 4.45
CA ASN A 66 16.20 7.13 3.97
C ASN A 66 16.07 5.82 3.16
N LYS A 67 15.41 4.89 3.83
CA LYS A 67 15.09 3.55 3.35
C LYS A 67 13.60 3.37 3.73
N TYR A 68 12.82 2.89 2.76
CA TYR A 68 11.37 2.75 2.89
C TYR A 68 10.66 4.07 3.21
N ILE A 69 9.72 4.05 4.16
CA ILE A 69 9.08 5.26 4.63
C ILE A 69 9.68 5.72 5.97
N GLY A 70 10.39 4.80 6.61
CA GLY A 70 10.85 4.97 7.96
C GLY A 70 11.96 5.96 8.17
N GLY A 71 12.59 6.45 7.09
CA GLY A 71 13.66 7.42 7.16
C GLY A 71 13.29 8.77 7.76
N ALA A 72 12.16 9.36 7.34
CA ALA A 72 11.70 10.69 7.82
C ALA A 72 11.35 10.79 9.31
N PRO A 73 10.51 9.84 9.84
CA PRO A 73 10.18 9.98 11.28
C PRO A 73 11.41 9.85 12.20
N VAL A 74 12.30 8.93 11.88
CA VAL A 74 13.50 8.63 12.66
C VAL A 74 14.51 9.78 12.71
N MET A 75 14.69 10.47 11.59
CA MET A 75 15.64 11.57 11.51
C MET A 75 15.31 12.59 12.55
N ILE A 76 14.07 13.08 12.52
CA ILE A 76 13.64 14.12 13.43
C ILE A 76 13.88 13.66 14.86
N PHE A 77 13.39 12.48 15.18
CA PHE A 77 13.54 11.87 16.48
C PHE A 77 14.98 11.81 16.98
N LEU A 78 15.87 11.20 16.21
CA LEU A 78 17.28 11.10 16.58
C LEU A 78 17.93 12.46 16.63
N VAL A 79 17.73 13.25 15.57
CA VAL A 79 18.29 14.60 15.47
C VAL A 79 17.90 15.42 16.67
N ALA A 80 16.61 15.44 16.98
CA ALA A 80 16.10 16.18 18.12
C ALA A 80 16.80 15.78 19.43
N ALA A 81 16.99 14.48 19.65
CA ALA A 81 17.69 13.98 20.83
C ALA A 81 19.15 14.48 20.89
N TYR A 82 19.81 14.45 19.73
CA TYR A 82 21.16 14.96 19.60
C TYR A 82 21.24 16.45 19.90
N PHE A 83 20.19 17.20 19.56
CA PHE A 83 20.09 18.62 19.90
C PHE A 83 20.01 18.86 21.41
N VAL A 84 19.32 17.99 22.13
CA VAL A 84 19.25 18.11 23.58
C VAL A 84 20.58 17.73 24.20
N TYR A 85 21.08 16.54 23.81
CA TYR A 85 22.38 16.01 24.28
C TYR A 85 23.53 16.97 24.00
N ALA A 86 23.64 17.41 22.76
CA ALA A 86 24.66 18.39 22.38
C ALA A 86 24.34 19.82 22.85
N GLY A 87 23.23 20.01 23.55
CA GLY A 87 22.88 21.30 24.11
C GLY A 87 22.55 22.34 23.06
N ILE A 88 22.14 21.87 21.88
CA ILE A 88 21.85 22.77 20.76
C ILE A 88 20.60 23.59 21.07
N PHE A 89 19.58 22.92 21.64
CA PHE A 89 18.37 23.59 22.12
C PHE A 89 18.68 24.42 23.35
N THR A 90 17.99 25.56 23.48
CA THR A 90 18.12 26.36 24.69
C THR A 90 17.18 25.82 25.73
N GLN A 91 17.48 26.11 26.99
CA GLN A 91 16.65 25.62 28.06
C GLN A 91 15.18 26.01 27.86
N LYS A 92 14.92 27.28 27.52
CA LYS A 92 13.55 27.73 27.16
C LYS A 92 12.93 26.91 26.00
N GLU A 93 13.71 26.57 24.98
CA GLU A 93 13.21 25.74 23.87
C GLU A 93 12.82 24.35 24.35
N ILE A 94 13.67 23.76 25.19
CA ILE A 94 13.39 22.44 25.74
C ILE A 94 12.14 22.51 26.58
N ASP A 95 12.03 23.60 27.34
CA ASP A 95 10.86 23.87 28.19
C ASP A 95 9.58 23.99 27.37
N ALA A 96 9.64 24.77 26.29
CA ALA A 96 8.50 24.94 25.37
C ALA A 96 8.02 23.62 24.82
N ILE A 97 8.95 22.86 24.23
CA ILE A 97 8.65 21.52 23.70
C ILE A 97 8.12 20.58 24.80
N SER A 98 8.81 20.56 25.94
CA SER A 98 8.42 19.74 27.07
C SER A 98 7.03 20.12 27.59
N ASN A 99 6.76 21.44 27.65
CA ASN A 99 5.42 21.97 28.00
C ASN A 99 4.28 21.49 27.12
N VAL A 100 4.56 21.32 25.83
CA VAL A 100 3.58 20.77 24.90
C VAL A 100 3.41 19.25 25.08
N MET A 101 4.52 18.53 25.21
CA MET A 101 4.48 17.07 25.34
C MET A 101 3.95 16.55 26.68
N ASP A 102 4.38 17.17 27.79
CA ASP A 102 3.97 16.75 29.16
C ASP A 102 2.92 17.64 29.82
N LYS A 103 3.31 18.86 30.24
CA LYS A 103 2.40 19.74 30.99
C LYS A 103 1.06 19.94 30.29
N SER A 104 1.12 20.28 29.02
CA SER A 104 -0.07 20.34 28.17
C SER A 104 -0.55 18.92 27.77
N ASN A 105 0.38 17.97 27.68
CA ASN A 105 0.09 16.56 27.36
C ASN A 105 -0.48 16.37 25.97
N PHE A 106 0.29 16.80 24.98
CA PHE A 106 -0.03 16.57 23.58
C PHE A 106 0.10 15.09 23.26
N LEU A 107 1.05 14.42 23.91
CA LEU A 107 1.33 13.04 23.59
C LEU A 107 0.11 12.17 23.73
N ASN A 108 -0.56 12.26 24.87
CA ASN A 108 -1.74 11.44 25.09
C ASN A 108 -2.81 11.77 24.08
N LEU A 109 -3.08 13.06 23.91
CA LEU A 109 -4.10 13.51 22.96
C LEU A 109 -3.84 12.84 21.64
N PHE A 110 -2.60 12.95 21.18
CA PHE A 110 -2.20 12.34 19.92
C PHE A 110 -2.60 10.87 19.87
N ILE A 111 -2.19 10.10 20.87
CA ILE A 111 -2.48 8.67 20.89
C ILE A 111 -3.98 8.44 20.99
N ALA A 112 -4.63 9.22 21.84
CA ALA A 112 -6.07 9.15 22.00
C ALA A 112 -6.82 9.32 20.69
N VAL A 113 -6.40 10.32 19.90
CA VAL A 113 -7.01 10.61 18.61
C VAL A 113 -6.81 9.45 17.65
N LEU A 114 -5.59 8.95 17.62
CA LEU A 114 -5.24 7.80 16.78
C LEU A 114 -6.09 6.58 17.08
N ILE A 115 -6.07 6.15 18.35
CA ILE A 115 -6.84 5.00 18.81
C ILE A 115 -8.29 5.13 18.38
N THR A 116 -8.90 6.26 18.71
CA THR A 116 -10.30 6.52 18.38
C THR A 116 -10.58 6.40 16.90
N GLY A 117 -9.81 7.14 16.10
CA GLY A 117 -9.94 7.10 14.65
C GLY A 117 -9.69 5.74 14.02
N ALA A 118 -8.74 4.99 14.55
CA ALA A 118 -8.41 3.65 14.06
C ALA A 118 -9.49 2.60 14.35
N ILE A 119 -10.05 2.65 15.56
CA ILE A 119 -11.08 1.71 15.99
C ILE A 119 -12.45 2.06 15.41
N LEU A 120 -12.82 3.34 15.40
CA LEU A 120 -14.11 3.74 14.82
C LEU A 120 -14.20 3.60 13.29
N SER A 121 -13.08 3.33 12.62
CA SER A 121 -13.12 3.04 11.15
C SER A 121 -13.55 1.61 10.81
N VAL A 122 -13.23 0.65 11.68
CA VAL A 122 -13.47 -0.78 11.38
C VAL A 122 -14.87 -1.25 11.70
N ASN A 123 -15.22 -2.38 11.08
CA ASN A 123 -16.53 -3.01 11.28
C ASN A 123 -16.63 -3.60 12.65
N ARG A 124 -17.85 -3.67 13.17
CA ARG A 124 -18.10 -4.34 14.44
C ARG A 124 -17.84 -5.85 14.39
N ARG A 125 -18.23 -6.49 13.29
CA ARG A 125 -18.04 -7.94 13.14
C ARG A 125 -16.57 -8.36 13.31
N LEU A 126 -15.66 -7.60 12.69
CA LEU A 126 -14.21 -7.88 12.74
C LEU A 126 -13.55 -7.80 14.13
N LEU A 127 -14.16 -7.04 15.04
CA LEU A 127 -13.50 -6.63 16.30
C LEU A 127 -13.01 -7.79 17.16
N LEU A 128 -13.95 -8.49 17.77
CA LEU A 128 -13.61 -9.56 18.70
C LEU A 128 -12.75 -10.66 18.06
N LYS A 129 -12.73 -10.77 16.73
CA LYS A 129 -12.05 -11.88 16.05
C LYS A 129 -10.55 -11.89 16.26
N SER A 130 -9.96 -10.71 16.21
CA SER A 130 -8.53 -10.53 16.46
C SER A 130 -8.11 -10.75 17.91
N LEU A 131 -8.69 -9.97 18.84
CA LEU A 131 -8.31 -9.95 20.27
C LEU A 131 -8.00 -11.30 20.89
N LEU A 132 -8.75 -12.31 20.47
CA LEU A 132 -8.62 -13.66 21.00
C LEU A 132 -7.29 -14.30 20.56
N GLY A 133 -6.90 -14.07 19.32
CA GLY A 133 -5.63 -14.61 18.82
C GLY A 133 -4.44 -13.71 19.14
N TYR A 134 -4.68 -12.45 19.50
CA TYR A 134 -3.60 -11.49 19.71
C TYR A 134 -2.83 -11.77 21.00
N ILE A 135 -3.54 -11.84 22.12
CA ILE A 135 -2.89 -11.97 23.43
C ILE A 135 -1.91 -13.15 23.50
N PRO A 136 -2.31 -14.32 22.98
CA PRO A 136 -1.39 -15.45 22.93
C PRO A 136 -0.11 -15.14 22.15
N THR A 137 -0.26 -14.47 21.01
CA THR A 137 0.89 -13.99 20.22
C THR A 137 1.86 -13.20 21.09
N ILE A 138 1.33 -12.30 21.92
CA ILE A 138 2.14 -11.48 22.84
C ILE A 138 2.96 -12.38 23.75
N LEU A 139 2.31 -13.38 24.32
CA LEU A 139 2.94 -14.34 25.21
C LEU A 139 4.03 -15.11 24.48
N MET A 140 3.74 -15.49 23.24
CA MET A 140 4.73 -16.11 22.35
C MET A 140 5.96 -15.25 22.18
N GLY A 141 5.74 -13.95 21.99
CA GLY A 141 6.82 -12.96 21.86
C GLY A 141 7.67 -12.87 23.11
N ILE A 142 7.01 -12.86 24.26
CA ILE A 142 7.70 -12.88 25.56
C ILE A 142 8.59 -14.13 25.70
N VAL A 143 8.03 -15.30 25.39
CA VAL A 143 8.75 -16.58 25.47
C VAL A 143 10.04 -16.47 24.66
N GLY A 144 9.90 -16.03 23.41
CA GLY A 144 11.01 -15.81 22.51
C GLY A 144 11.99 -14.77 23.01
N ALA A 145 11.47 -13.70 23.60
CA ALA A 145 12.31 -12.67 24.21
C ALA A 145 13.11 -13.21 25.39
N SER A 146 12.49 -14.09 26.17
CA SER A 146 13.16 -14.74 27.30
C SER A 146 14.16 -15.79 26.84
N ILE A 147 13.70 -16.69 25.96
CA ILE A 147 14.53 -17.78 25.42
C ILE A 147 15.83 -17.21 24.83
N PHE A 148 15.72 -16.19 23.97
CA PHE A 148 16.90 -15.56 23.36
C PHE A 148 17.76 -14.81 24.38
N GLY A 149 17.11 -14.09 25.27
CA GLY A 149 17.82 -13.36 26.33
C GLY A 149 18.68 -14.27 27.19
N ILE A 150 18.08 -15.36 27.67
CA ILE A 150 18.75 -16.36 28.52
C ILE A 150 19.93 -16.94 27.74
N ALA A 151 19.64 -17.32 26.49
CA ALA A 151 20.64 -17.86 25.58
C ALA A 151 21.88 -16.97 25.45
N ILE A 152 21.67 -15.69 25.11
CA ILE A 152 22.78 -14.75 24.95
C ILE A 152 23.42 -14.36 26.28
N GLY A 153 22.62 -14.34 27.35
CA GLY A 153 23.11 -14.06 28.69
C GLY A 153 24.25 -14.99 29.05
N LEU A 154 24.02 -16.29 28.88
CA LEU A 154 24.98 -17.33 29.25
C LEU A 154 26.23 -17.26 28.34
N VAL A 155 26.07 -16.76 27.11
CA VAL A 155 27.21 -16.48 26.19
C VAL A 155 28.15 -15.41 26.76
N PHE A 156 27.57 -14.47 27.50
CA PHE A 156 28.32 -13.40 28.14
C PHE A 156 28.64 -13.72 29.61
N GLY A 157 28.32 -14.94 30.05
CA GLY A 157 28.56 -15.38 31.42
C GLY A 157 27.73 -14.62 32.45
N ILE A 158 26.50 -14.26 32.08
CA ILE A 158 25.59 -13.48 32.94
C ILE A 158 24.54 -14.41 33.55
N PRO A 159 24.32 -14.29 34.89
CA PRO A 159 23.33 -15.18 35.49
C PRO A 159 21.93 -14.95 34.92
N VAL A 160 21.13 -16.02 34.87
CA VAL A 160 19.82 -15.97 34.24
C VAL A 160 18.88 -15.02 34.99
N ASP A 161 18.91 -15.03 36.32
CA ASP A 161 18.08 -14.09 37.09
C ASP A 161 18.23 -12.64 36.61
N ARG A 162 19.47 -12.19 36.41
CA ARG A 162 19.73 -10.83 35.90
C ARG A 162 19.09 -10.63 34.54
N ILE A 163 19.24 -11.63 33.69
CA ILE A 163 18.69 -11.61 32.32
C ILE A 163 17.21 -11.34 32.38
N MET A 164 16.51 -12.01 33.29
CA MET A 164 15.07 -11.81 33.41
C MET A 164 14.72 -10.52 34.13
N MET A 165 15.42 -10.21 35.21
CA MET A 165 15.06 -9.06 36.05
C MET A 165 15.61 -7.72 35.53
N LEU A 166 16.87 -7.66 35.12
CA LEU A 166 17.50 -6.43 34.61
C LEU A 166 17.54 -6.23 33.08
N TYR A 167 17.18 -7.26 32.31
CA TYR A 167 17.24 -7.19 30.85
C TYR A 167 15.88 -7.45 30.18
N VAL A 168 15.41 -8.69 30.25
CA VAL A 168 14.19 -9.13 29.54
C VAL A 168 12.95 -8.37 30.03
N LEU A 169 12.55 -8.63 31.27
CA LEU A 169 11.34 -8.02 31.84
C LEU A 169 11.25 -6.49 31.61
N PRO A 170 12.34 -5.73 31.87
CA PRO A 170 12.24 -4.28 31.69
C PRO A 170 12.02 -3.86 30.23
N ILE A 171 12.68 -4.54 29.30
CA ILE A 171 12.54 -4.26 27.87
C ILE A 171 11.09 -4.49 27.42
N MET A 172 10.58 -5.67 27.71
CA MET A 172 9.20 -6.05 27.35
C MET A 172 8.16 -5.24 28.11
N GLY A 173 8.51 -4.80 29.31
CA GLY A 173 7.63 -3.94 30.10
C GLY A 173 7.11 -2.73 29.34
N GLY A 174 5.93 -2.27 29.70
CA GLY A 174 5.24 -1.22 28.94
C GLY A 174 5.79 0.18 29.09
N GLY A 175 7.12 0.33 29.08
CA GLY A 175 7.76 1.63 29.04
C GLY A 175 8.32 2.15 30.33
N ASN A 176 8.47 3.47 30.38
CA ASN A 176 9.01 4.17 31.54
C ASN A 176 8.00 4.13 32.66
N GLY A 177 6.84 4.74 32.46
CA GLY A 177 5.81 4.82 33.48
C GLY A 177 5.24 3.46 33.82
N ALA A 178 4.96 2.68 32.79
CA ALA A 178 4.35 1.35 32.97
C ALA A 178 5.28 0.27 33.52
N GLY A 179 6.55 0.24 33.12
CA GLY A 179 7.47 -0.84 33.54
C GLY A 179 8.59 -0.44 34.50
N ALA A 180 9.40 0.54 34.09
CA ALA A 180 10.55 0.98 34.91
C ALA A 180 10.09 1.50 36.26
N VAL A 181 9.00 2.26 36.22
CA VAL A 181 8.39 2.86 37.41
C VAL A 181 7.77 1.80 38.32
N PRO A 182 7.00 0.83 37.77
CA PRO A 182 6.41 -0.17 38.64
C PRO A 182 7.25 -1.42 38.83
N LEU A 183 8.08 -1.79 37.86
CA LEU A 183 8.99 -2.92 38.06
C LEU A 183 10.00 -2.63 39.15
N SER A 184 10.45 -1.38 39.29
CA SER A 184 11.30 -1.02 40.43
C SER A 184 10.54 -1.08 41.77
N GLU A 185 9.24 -0.80 41.73
CA GLU A 185 8.33 -0.96 42.90
C GLU A 185 8.21 -2.42 43.34
N ILE A 186 8.02 -3.33 42.38
CA ILE A 186 7.93 -4.77 42.64
C ILE A 186 9.29 -5.29 43.08
N TYR A 187 10.36 -4.78 42.47
CA TYR A 187 11.73 -5.14 42.85
C TYR A 187 12.02 -4.81 44.33
N HIS A 188 11.65 -3.61 44.74
CA HIS A 188 11.84 -3.17 46.12
C HIS A 188 10.93 -3.91 47.11
N SER A 189 9.70 -4.21 46.70
CA SER A 189 8.75 -4.99 47.52
C SER A 189 9.15 -6.44 47.77
N VAL A 190 9.91 -7.03 46.85
CA VAL A 190 10.26 -8.44 46.91
C VAL A 190 11.72 -8.61 47.35
N THR A 191 12.64 -7.77 46.88
CA THR A 191 14.05 -7.87 47.29
C THR A 191 14.28 -7.01 48.52
N GLY A 192 13.90 -5.74 48.42
CA GLY A 192 14.20 -4.75 49.46
C GLY A 192 15.28 -3.76 49.04
N ARG A 193 15.99 -4.07 47.95
CA ARG A 193 17.04 -3.20 47.42
C ARG A 193 16.45 -1.95 46.77
N SER A 194 17.25 -0.89 46.71
CA SER A 194 16.78 0.43 46.29
C SER A 194 16.16 0.38 44.90
N ARG A 195 15.19 1.26 44.68
CA ARG A 195 14.51 1.34 43.40
C ARG A 195 15.48 1.89 42.36
N GLU A 196 16.27 2.88 42.76
CA GLU A 196 17.18 3.58 41.84
C GLU A 196 18.16 2.61 41.24
N GLU A 197 18.73 1.74 42.08
CA GLU A 197 19.61 0.67 41.60
C GLU A 197 19.02 -0.08 40.42
N TYR A 198 17.75 -0.43 40.51
CA TYR A 198 17.04 -1.13 39.43
C TYR A 198 16.69 -0.19 38.28
N TYR A 199 15.90 0.84 38.60
CA TYR A 199 15.37 1.80 37.64
C TYR A 199 16.46 2.30 36.69
N SER A 200 17.55 2.82 37.28
CA SER A 200 18.64 3.39 36.51
C SER A 200 19.17 2.44 35.44
N THR A 201 19.34 1.16 35.80
CA THR A 201 19.78 0.12 34.86
C THR A 201 18.68 -0.23 33.87
N ALA A 202 17.46 -0.42 34.38
CA ALA A 202 16.29 -0.75 33.56
C ALA A 202 15.96 0.33 32.51
N ILE A 203 15.75 1.57 32.97
CA ILE A 203 15.48 2.71 32.09
C ILE A 203 16.53 2.88 30.98
N ALA A 204 17.79 2.66 31.33
CA ALA A 204 18.90 2.78 30.39
C ALA A 204 18.83 1.71 29.31
N ILE A 205 18.76 0.45 29.74
CA ILE A 205 18.71 -0.69 28.82
C ILE A 205 17.47 -0.74 27.94
N LEU A 206 16.30 -0.47 28.53
CA LEU A 206 15.06 -0.46 27.76
C LEU A 206 15.10 0.58 26.65
N THR A 207 15.73 1.73 26.90
CA THR A 207 15.88 2.76 25.87
C THR A 207 16.80 2.30 24.75
N ILE A 208 17.86 1.57 25.07
CA ILE A 208 18.75 0.99 24.05
C ILE A 208 17.92 0.10 23.12
N ALA A 209 17.20 -0.84 23.71
CA ALA A 209 16.32 -1.76 22.97
C ALA A 209 15.27 -1.02 22.14
N ASN A 210 14.65 0.01 22.73
CA ASN A 210 13.76 0.91 22.01
C ASN A 210 14.36 1.45 20.71
N ILE A 211 15.65 1.79 20.72
CA ILE A 211 16.32 2.25 19.49
C ILE A 211 16.47 1.12 18.51
N PHE A 212 16.83 -0.07 18.99
CA PHE A 212 16.88 -1.25 18.12
C PHE A 212 15.52 -1.61 17.56
N ALA A 213 14.49 -1.48 18.38
CA ALA A 213 13.12 -1.75 17.93
C ALA A 213 12.74 -0.91 16.73
N ILE A 214 13.07 0.37 16.78
CA ILE A 214 12.77 1.32 15.71
C ILE A 214 13.60 1.01 14.47
N VAL A 215 14.82 0.54 14.66
CA VAL A 215 15.65 0.14 13.55
C VAL A 215 15.10 -1.11 12.87
N PHE A 216 14.79 -2.14 13.65
CA PHE A 216 14.29 -3.40 13.07
C PHE A 216 12.90 -3.25 12.45
N ALA A 217 12.14 -2.28 12.96
CA ALA A 217 10.83 -1.96 12.38
C ALA A 217 10.97 -1.58 10.91
N ALA A 218 11.96 -0.76 10.59
CA ALA A 218 12.26 -0.40 9.21
C ALA A 218 12.87 -1.59 8.43
N VAL A 219 13.60 -2.45 9.12
CA VAL A 219 14.20 -3.65 8.52
C VAL A 219 13.11 -4.65 8.12
N LEU A 220 12.15 -4.89 9.02
CA LEU A 220 11.01 -5.76 8.71
C LEU A 220 10.11 -5.20 7.61
N ASP A 221 10.12 -3.87 7.46
CA ASP A 221 9.39 -3.20 6.40
C ASP A 221 10.00 -3.55 5.06
N ILE A 222 11.32 -3.44 4.99
CA ILE A 222 12.08 -3.79 3.79
C ILE A 222 11.93 -5.29 3.48
N ILE A 223 12.06 -6.14 4.50
CA ILE A 223 11.88 -7.58 4.34
C ILE A 223 10.45 -7.93 3.93
N GLY A 224 9.48 -7.18 4.43
CA GLY A 224 8.07 -7.35 4.05
C GLY A 224 7.76 -7.02 2.59
N LYS A 225 8.33 -5.93 2.10
CA LYS A 225 8.19 -5.53 0.72
C LYS A 225 9.12 -6.31 -0.22
N LYS A 226 10.15 -6.96 0.33
CA LYS A 226 11.01 -7.88 -0.47
C LYS A 226 10.45 -9.29 -0.56
N HIS A 227 9.81 -9.75 0.52
CA HIS A 227 9.21 -11.08 0.56
C HIS A 227 7.74 -10.95 0.88
N THR A 228 6.98 -10.57 -0.14
CA THR A 228 5.56 -10.27 0.00
C THR A 228 4.71 -11.28 0.78
N TRP A 229 5.12 -12.55 0.75
CA TRP A 229 4.41 -13.61 1.46
C TRP A 229 4.30 -13.40 2.96
N LEU A 230 5.28 -12.70 3.52
CA LEU A 230 5.35 -12.46 4.97
C LEU A 230 4.52 -11.27 5.38
N SER A 231 4.51 -10.24 4.54
CA SER A 231 3.88 -8.99 4.91
C SER A 231 2.42 -8.99 4.54
N GLY A 232 1.67 -8.19 5.30
CA GLY A 232 0.27 -7.87 5.04
C GLY A 232 0.11 -6.47 4.52
N GLU A 233 1.21 -5.75 4.39
CA GLU A 233 1.23 -4.42 3.80
C GLU A 233 0.33 -3.48 4.63
N GLY A 234 0.56 -3.53 5.94
CA GLY A 234 -0.18 -2.74 6.92
C GLY A 234 -1.46 -3.37 7.45
N GLU A 235 -1.56 -4.69 7.40
CA GLU A 235 -2.76 -5.37 7.88
C GLU A 235 -2.38 -6.59 8.66
N LEU A 236 -2.96 -6.75 9.83
CA LEU A 236 -2.56 -7.83 10.72
C LEU A 236 -3.29 -9.10 10.37
N VAL A 237 -4.62 -8.99 10.22
CA VAL A 237 -5.49 -10.13 10.01
C VAL A 237 -5.67 -10.46 8.53
N ARG A 238 -5.57 -11.73 8.17
CA ARG A 238 -5.66 -12.12 6.75
C ARG A 238 -7.04 -11.94 6.10
N LYS A 239 -8.12 -12.32 6.79
CA LYS A 239 -9.48 -12.16 6.23
C LYS A 239 -9.63 -12.78 4.83
N GLU A 248 -22.67 0.15 5.71
CA GLU A 248 -22.89 1.58 5.93
C GLU A 248 -21.81 2.37 5.20
N LYS A 249 -22.20 3.15 4.19
CA LYS A 249 -21.31 4.10 3.49
C LYS A 249 -21.68 5.55 3.80
N THR A 250 -20.65 6.36 4.03
CA THR A 250 -20.81 7.66 4.66
C THR A 250 -21.34 8.68 3.66
N GLY A 251 -22.04 9.67 4.17
CA GLY A 251 -22.46 10.83 3.39
C GLY A 251 -21.32 11.83 3.35
N GLN A 252 -21.61 13.10 3.05
CA GLN A 252 -20.55 14.14 3.00
C GLN A 252 -20.09 14.51 4.43
N ILE A 253 -18.80 14.81 4.57
CA ILE A 253 -18.18 15.13 5.85
C ILE A 253 -17.93 16.63 5.96
N THR A 254 -18.11 17.16 7.17
CA THR A 254 -17.80 18.56 7.49
C THR A 254 -16.82 18.58 8.66
N HIS A 255 -16.34 19.76 8.98
CA HIS A 255 -15.49 20.00 10.16
C HIS A 255 -16.13 19.52 11.45
N ARG A 256 -17.40 19.81 11.61
CA ARG A 256 -18.16 19.39 12.80
C ARG A 256 -18.03 17.88 13.07
N GLU A 257 -18.15 17.08 12.02
CA GLU A 257 -17.97 15.62 12.13
C GLU A 257 -16.55 15.32 12.60
N THR A 258 -15.58 16.01 12.01
CA THR A 258 -14.21 15.84 12.42
C THR A 258 -14.00 16.36 13.86
N ALA A 259 -14.66 17.46 14.17
CA ALA A 259 -14.60 18.06 15.48
C ALA A 259 -15.21 17.11 16.48
N VAL A 260 -16.29 16.43 16.09
CA VAL A 260 -16.91 15.44 16.95
C VAL A 260 -15.96 14.30 17.23
N GLY A 261 -15.16 13.95 16.21
CA GLY A 261 -14.06 13.01 16.41
C GLY A 261 -13.14 13.41 17.56
N LEU A 262 -12.83 14.68 17.61
CA LEU A 262 -11.99 15.21 18.69
C LEU A 262 -12.67 15.11 20.05
N VAL A 263 -13.96 15.42 20.09
CA VAL A 263 -14.74 15.28 21.32
C VAL A 263 -14.68 13.85 21.81
N LEU A 264 -14.98 12.92 20.90
CA LEU A 264 -14.99 11.50 21.25
C LEU A 264 -13.62 10.98 21.63
N SER A 265 -12.58 11.45 20.95
CA SER A 265 -11.20 11.10 21.29
C SER A 265 -10.89 11.43 22.76
N THR A 266 -11.21 12.65 23.18
CA THR A 266 -10.93 13.10 24.54
C THR A 266 -11.88 12.45 25.53
N THR A 267 -13.17 12.56 25.28
CA THR A 267 -14.18 12.06 26.23
C THR A 267 -14.02 10.55 26.47
N CYS A 268 -13.60 9.80 25.45
CA CYS A 268 -13.31 8.36 25.63
C CYS A 268 -12.09 8.14 26.52
N PHE A 269 -11.08 8.99 26.38
CA PHE A 269 -9.91 8.93 27.25
C PHE A 269 -10.28 9.28 28.69
N LEU A 270 -11.18 10.24 28.85
CA LEU A 270 -11.58 10.64 30.18
C LEU A 270 -12.27 9.50 30.89
N LEU A 271 -13.21 8.85 30.20
CA LEU A 271 -13.94 7.75 30.78
C LEU A 271 -12.97 6.68 31.23
N ALA A 272 -12.11 6.25 30.31
CA ALA A 272 -11.07 5.26 30.60
C ALA A 272 -10.25 5.66 31.82
N TYR A 273 -9.89 6.94 31.88
CA TYR A 273 -9.14 7.46 33.02
C TYR A 273 -9.92 7.31 34.34
N VAL A 274 -11.17 7.76 34.33
CA VAL A 274 -12.04 7.64 35.52
C VAL A 274 -12.22 6.19 35.95
N VAL A 275 -12.23 5.28 34.98
CA VAL A 275 -12.36 3.86 35.25
C VAL A 275 -11.10 3.29 35.91
N ALA A 276 -9.94 3.55 35.31
CA ALA A 276 -8.67 3.02 35.80
C ALA A 276 -8.22 3.64 37.14
N LYS A 277 -8.73 4.82 37.48
CA LYS A 277 -8.39 5.48 38.75
C LYS A 277 -9.34 5.10 39.90
N LYS A 278 -10.65 5.20 39.66
CA LYS A 278 -11.62 5.12 40.77
C LYS A 278 -12.64 4.00 40.67
N ILE A 279 -12.99 3.55 39.47
CA ILE A 279 -14.04 2.54 39.29
C ILE A 279 -13.52 1.11 39.21
N LEU A 280 -12.61 0.86 38.30
CA LEU A 280 -12.12 -0.49 38.09
C LEU A 280 -10.62 -0.46 37.85
N PRO A 281 -9.86 -0.02 38.86
CA PRO A 281 -8.41 0.15 38.66
C PRO A 281 -7.67 -1.12 38.25
N SER A 282 -8.12 -2.25 38.78
CA SER A 282 -7.59 -3.58 38.41
C SER A 282 -8.73 -4.61 38.33
N ILE A 283 -8.81 -5.34 37.21
CA ILE A 283 -9.76 -6.46 37.08
C ILE A 283 -9.40 -7.62 38.02
N GLY A 284 -8.11 -7.91 38.12
CA GLY A 284 -7.64 -9.09 38.83
C GLY A 284 -6.22 -8.87 39.30
N GLY A 285 -5.37 -9.86 39.07
CA GLY A 285 -3.94 -9.74 39.29
C GLY A 285 -3.32 -8.67 38.40
N VAL A 286 -4.01 -8.31 37.32
CA VAL A 286 -3.57 -7.24 36.42
C VAL A 286 -4.19 -5.90 36.81
N ALA A 287 -3.36 -4.85 36.85
CA ALA A 287 -3.84 -3.47 36.93
C ALA A 287 -3.98 -2.94 35.50
N ILE A 288 -5.18 -2.49 35.15
CA ILE A 288 -5.45 -2.07 33.78
C ILE A 288 -5.14 -0.57 33.60
N HIS A 289 -4.09 -0.28 32.82
CA HIS A 289 -3.68 1.08 32.47
C HIS A 289 -4.78 1.76 31.66
N TYR A 290 -5.00 3.04 31.92
CA TYR A 290 -6.16 3.75 31.35
C TYR A 290 -6.29 3.61 29.82
N PHE A 291 -5.15 3.62 29.11
CA PHE A 291 -5.17 3.46 27.64
C PHE A 291 -5.75 2.11 27.23
N ALA A 292 -5.45 1.05 27.99
CA ALA A 292 -6.03 -0.26 27.72
C ALA A 292 -7.55 -0.19 27.80
N TRP A 293 -8.07 0.42 28.86
CA TRP A 293 -9.52 0.62 29.01
C TRP A 293 -10.11 1.34 27.81
N MET A 294 -9.43 2.42 27.40
CA MET A 294 -9.88 3.20 26.27
C MET A 294 -10.16 2.32 25.06
N VAL A 295 -9.26 1.41 24.76
CA VAL A 295 -9.40 0.53 23.61
C VAL A 295 -10.72 -0.23 23.73
N LEU A 296 -10.99 -0.76 24.93
CA LEU A 296 -12.23 -1.50 25.20
C LEU A 296 -13.44 -0.60 25.13
N ILE A 297 -13.30 0.63 25.61
CA ILE A 297 -14.38 1.61 25.58
C ILE A 297 -14.71 2.01 24.16
N VAL A 298 -13.68 2.35 23.39
CA VAL A 298 -13.89 2.80 22.01
C VAL A 298 -14.47 1.65 21.21
N ALA A 299 -13.88 0.47 21.36
CA ALA A 299 -14.37 -0.73 20.67
C ALA A 299 -15.83 -0.98 20.99
N ALA A 300 -16.16 -0.85 22.27
CA ALA A 300 -17.55 -0.93 22.73
C ALA A 300 -18.42 0.12 22.07
N LEU A 301 -17.94 1.37 22.07
CA LEU A 301 -18.64 2.47 21.41
C LEU A 301 -18.93 2.19 19.94
N ASN A 302 -18.00 1.52 19.26
CA ASN A 302 -18.17 1.10 17.86
C ASN A 302 -19.31 0.11 17.73
N ALA A 303 -19.21 -0.97 18.50
CA ALA A 303 -20.24 -2.02 18.49
C ALA A 303 -21.62 -1.51 18.90
N SER A 304 -21.65 -0.58 19.86
CA SER A 304 -22.89 0.11 20.26
C SER A 304 -23.49 0.94 19.15
N GLY A 305 -22.64 1.35 18.20
CA GLY A 305 -23.09 2.07 17.03
C GLY A 305 -23.72 3.40 17.40
N LEU A 306 -23.37 3.93 18.57
CA LEU A 306 -23.83 5.25 18.98
C LEU A 306 -23.35 6.36 18.02
N CYS A 307 -22.25 6.07 17.33
CA CYS A 307 -21.69 6.95 16.31
C CYS A 307 -22.15 6.53 14.92
N SER A 308 -22.81 7.46 14.23
CA SER A 308 -23.15 7.30 12.82
C SER A 308 -21.87 7.20 11.95
N PRO A 309 -21.96 6.53 10.79
CA PRO A 309 -20.84 6.50 9.82
C PRO A 309 -20.16 7.85 9.53
N GLU A 310 -20.95 8.92 9.42
CA GLU A 310 -20.42 10.27 9.21
C GLU A 310 -19.42 10.65 10.32
N ILE A 311 -19.82 10.41 11.56
CA ILE A 311 -19.01 10.70 12.74
C ILE A 311 -17.83 9.76 12.82
N LYS A 312 -18.08 8.48 12.56
CA LYS A 312 -17.03 7.47 12.53
C LYS A 312 -15.91 7.83 11.55
N ALA A 313 -16.27 8.47 10.43
CA ALA A 313 -15.29 8.97 9.45
C ALA A 313 -14.57 10.18 10.00
N GLY A 314 -15.32 11.08 10.61
CA GLY A 314 -14.75 12.26 11.27
C GLY A 314 -13.56 11.94 12.14
N ALA A 315 -13.71 10.88 12.93
CA ALA A 315 -12.66 10.38 13.80
C ALA A 315 -11.47 9.88 13.00
N LYS A 316 -11.76 9.25 11.87
CA LYS A 316 -10.73 8.79 10.96
C LYS A 316 -9.97 9.97 10.38
N ARG A 317 -10.75 10.92 9.84
CA ARG A 317 -10.20 12.13 9.23
C ARG A 317 -9.32 12.89 10.20
N LEU A 318 -9.78 13.03 11.43
CA LEU A 318 -8.98 13.62 12.47
C LEU A 318 -7.66 12.85 12.66
N SER A 319 -7.76 11.53 12.78
CA SER A 319 -6.59 10.66 12.93
C SER A 319 -5.60 10.90 11.81
N ASP A 320 -6.10 11.08 10.60
CA ASP A 320 -5.23 11.38 9.46
C ASP A 320 -4.43 12.67 9.64
N PHE A 321 -5.14 13.74 9.99
CA PHE A 321 -4.52 15.05 10.21
C PHE A 321 -3.37 14.97 11.19
N PHE A 322 -3.55 14.21 12.27
CA PHE A 322 -2.48 14.04 13.27
C PHE A 322 -1.34 13.18 12.71
N SER A 323 -1.70 12.01 12.23
CA SER A 323 -0.74 11.02 11.78
C SER A 323 0.03 11.44 10.56
N LYS A 324 -0.48 12.41 9.81
CA LYS A 324 0.19 12.86 8.61
C LYS A 324 0.75 14.27 8.67
N GLN A 325 0.14 15.18 9.43
CA GLN A 325 0.64 16.57 9.53
C GLN A 325 1.46 16.80 10.79
N LEU A 326 0.92 16.34 11.90
CA LEU A 326 1.51 16.59 13.18
C LEU A 326 2.50 15.52 13.54
N LEU A 327 2.64 14.47 12.74
CA LEU A 327 3.57 13.39 13.07
C LEU A 327 5.00 13.90 13.17
N TRP A 328 5.36 14.78 12.25
CA TRP A 328 6.71 15.35 12.26
C TRP A 328 6.95 16.19 13.51
N VAL A 329 5.93 16.96 13.88
CA VAL A 329 5.96 17.74 15.11
C VAL A 329 6.17 16.84 16.31
N LEU A 330 5.38 15.77 16.37
CA LEU A 330 5.39 14.83 17.49
C LEU A 330 6.78 14.28 17.70
N MET A 331 7.42 13.88 16.60
CA MET A 331 8.75 13.32 16.68
C MET A 331 9.75 14.28 17.29
N VAL A 332 9.65 15.57 16.97
CA VAL A 332 10.52 16.59 17.59
C VAL A 332 10.38 16.53 19.10
N GLY A 333 9.14 16.36 19.56
CA GLY A 333 8.85 16.24 20.99
C GLY A 333 9.28 14.92 21.59
N VAL A 334 9.11 13.85 20.83
CA VAL A 334 9.52 12.54 21.27
C VAL A 334 11.03 12.43 21.39
N GLY A 335 11.75 13.00 20.43
CA GLY A 335 13.20 13.03 20.49
C GLY A 335 13.78 13.85 21.62
N VAL A 336 12.99 14.81 22.11
CA VAL A 336 13.43 15.67 23.19
C VAL A 336 13.20 14.97 24.50
N CYS A 337 11.96 14.59 24.77
CA CYS A 337 11.56 14.28 26.12
C CYS A 337 11.85 12.83 26.43
N TYR A 338 11.54 11.92 25.51
CA TYR A 338 11.54 10.49 25.85
C TYR A 338 12.73 9.73 25.29
N THR A 339 13.89 10.38 25.34
CA THR A 339 15.15 9.85 24.83
C THR A 339 16.35 10.60 25.43
N ASP A 340 16.69 10.27 26.67
CA ASP A 340 17.87 10.87 27.28
C ASP A 340 19.13 10.14 26.79
N LEU A 341 19.83 10.78 25.83
CA LEU A 341 21.03 10.16 25.24
C LEU A 341 22.18 9.99 26.22
N GLN A 342 22.20 10.76 27.32
CA GLN A 342 23.27 10.62 28.30
C GLN A 342 23.16 9.33 29.10
N GLU A 343 21.93 8.93 29.47
CA GLU A 343 21.72 7.69 30.24
C GLU A 343 22.01 6.45 29.42
N ILE A 344 21.73 6.54 28.12
CA ILE A 344 22.07 5.47 27.19
C ILE A 344 23.60 5.27 27.23
N ILE A 345 24.36 6.35 26.99
CA ILE A 345 25.83 6.36 26.98
C ILE A 345 26.37 5.71 28.24
N ASN A 346 25.75 6.01 29.37
CA ASN A 346 26.15 5.44 30.66
C ASN A 346 25.96 3.92 30.73
N ALA A 347 25.30 3.32 29.75
CA ALA A 347 25.13 1.88 29.67
C ALA A 347 25.39 1.28 28.28
N ILE A 348 26.16 1.99 27.46
CA ILE A 348 26.53 1.47 26.14
C ILE A 348 27.85 0.70 26.29
N THR A 349 27.88 -0.28 27.19
CA THR A 349 28.93 -1.29 27.10
C THR A 349 28.52 -2.17 25.94
N PHE A 350 29.47 -2.50 25.08
CA PHE A 350 29.24 -3.48 24.01
C PHE A 350 28.29 -4.59 24.45
N ALA A 351 28.46 -5.08 25.68
CA ALA A 351 27.64 -6.16 26.21
C ALA A 351 26.15 -5.86 26.16
N ASN A 352 25.72 -4.78 26.79
CA ASN A 352 24.29 -4.44 26.86
C ASN A 352 23.69 -4.20 25.49
N VAL A 353 24.46 -3.50 24.66
CA VAL A 353 24.06 -3.18 23.29
C VAL A 353 23.67 -4.45 22.54
N VAL A 354 24.51 -5.48 22.66
CA VAL A 354 24.31 -6.76 21.98
C VAL A 354 23.18 -7.54 22.63
N ILE A 355 23.28 -7.75 23.95
CA ILE A 355 22.27 -8.51 24.73
C ILE A 355 20.88 -7.94 24.46
N ALA A 356 20.73 -6.61 24.60
CA ALA A 356 19.45 -5.92 24.37
C ALA A 356 18.92 -6.20 22.97
N ALA A 357 19.74 -5.92 21.96
CA ALA A 357 19.37 -6.11 20.55
C ALA A 357 18.83 -7.52 20.32
N ILE A 358 19.55 -8.53 20.80
CA ILE A 358 19.16 -9.92 20.61
C ILE A 358 17.83 -10.26 21.29
N ILE A 359 17.59 -9.74 22.48
CA ILE A 359 16.29 -9.91 23.16
C ILE A 359 15.14 -9.39 22.29
N VAL A 360 15.36 -8.26 21.63
CA VAL A 360 14.40 -7.67 20.68
C VAL A 360 14.14 -8.64 19.54
N ILE A 361 15.23 -9.18 18.98
CA ILE A 361 15.17 -10.18 17.90
C ILE A 361 14.40 -11.43 18.36
N GLY A 362 14.62 -11.83 19.61
CA GLY A 362 13.83 -12.90 20.24
C GLY A 362 12.35 -12.62 20.28
N ALA A 363 12.00 -11.36 20.55
CA ALA A 363 10.60 -10.91 20.53
C ALA A 363 10.04 -10.91 19.11
N VAL A 364 10.85 -10.50 18.15
CA VAL A 364 10.48 -10.47 16.73
C VAL A 364 10.09 -11.86 16.27
N LEU A 365 11.01 -12.79 16.44
CA LEU A 365 10.81 -14.16 15.98
C LEU A 365 9.71 -14.84 16.78
N GLY A 366 9.64 -14.50 18.07
CA GLY A 366 8.61 -15.05 18.95
C GLY A 366 7.20 -14.65 18.54
N ALA A 367 7.02 -13.36 18.24
CA ALA A 367 5.72 -12.84 17.80
C ALA A 367 5.43 -13.21 16.36
N ALA A 368 6.48 -13.35 15.55
CA ALA A 368 6.35 -13.76 14.14
C ALA A 368 5.78 -15.18 14.05
N ILE A 369 6.41 -16.09 14.78
CA ILE A 369 6.00 -17.49 14.79
C ILE A 369 4.59 -17.58 15.36
N GLY A 370 4.38 -16.97 16.52
CA GLY A 370 3.11 -17.02 17.20
C GLY A 370 1.96 -16.55 16.33
N GLY A 371 2.13 -15.36 15.76
CA GLY A 371 1.10 -14.78 14.90
C GLY A 371 0.80 -15.63 13.68
N TRP A 372 1.86 -16.12 13.05
CA TRP A 372 1.73 -17.05 11.91
C TRP A 372 0.83 -18.23 12.26
N LEU A 373 1.02 -18.76 13.48
CA LEU A 373 0.22 -19.88 14.00
C LEU A 373 -1.20 -19.44 14.33
N MET A 374 -1.37 -18.18 14.73
CA MET A 374 -2.69 -17.64 15.04
C MET A 374 -3.48 -17.11 13.83
N GLY A 375 -2.82 -16.94 12.68
CA GLY A 375 -3.47 -16.54 11.42
C GLY A 375 -3.19 -15.12 10.96
N PHE A 376 -2.32 -14.43 11.68
CA PHE A 376 -1.94 -13.06 11.32
C PHE A 376 -0.71 -13.12 10.42
N PHE A 377 -0.43 -11.99 9.78
CA PHE A 377 0.76 -11.86 8.95
C PHE A 377 2.00 -11.76 9.85
N PRO A 378 3.04 -12.55 9.56
CA PRO A 378 4.20 -12.58 10.45
C PRO A 378 4.87 -11.23 10.65
N ILE A 379 5.03 -10.45 9.59
CA ILE A 379 5.71 -9.16 9.68
C ILE A 379 4.94 -8.26 10.64
N GLU A 380 3.64 -8.12 10.41
CA GLU A 380 2.79 -7.28 11.27
C GLU A 380 2.73 -7.76 12.71
N SER A 381 2.68 -9.08 12.87
CA SER A 381 2.68 -9.69 14.20
C SER A 381 3.96 -9.36 14.97
N ALA A 382 5.11 -9.48 14.31
CA ALA A 382 6.41 -9.13 14.92
C ALA A 382 6.54 -7.64 15.30
N ILE A 383 5.82 -6.79 14.60
CA ILE A 383 5.78 -5.36 14.91
C ILE A 383 4.87 -5.05 16.08
N THR A 384 3.63 -5.52 16.00
CA THR A 384 2.61 -5.17 16.99
C THR A 384 2.80 -5.93 18.30
N ALA A 385 2.89 -7.25 18.21
CA ALA A 385 3.07 -8.10 19.39
C ALA A 385 4.54 -8.32 19.79
N GLY A 386 5.49 -7.89 18.95
CA GLY A 386 6.92 -8.07 19.23
C GLY A 386 7.62 -6.77 19.56
N LEU A 387 7.88 -5.94 18.55
CA LEU A 387 8.63 -4.70 18.75
C LEU A 387 7.89 -3.68 19.62
N CYS A 388 6.57 -3.65 19.49
CA CYS A 388 5.75 -2.75 20.32
C CYS A 388 5.67 -3.12 21.81
N MET A 389 6.08 -4.34 22.14
CA MET A 389 6.29 -4.75 23.54
C MET A 389 7.62 -4.23 24.06
N ALA A 390 8.67 -4.44 23.25
CA ALA A 390 10.07 -4.17 23.62
C ALA A 390 10.46 -2.67 23.52
N ASN A 391 9.63 -1.90 22.84
CA ASN A 391 9.78 -0.46 22.77
C ASN A 391 9.44 0.23 24.08
N ARG A 392 9.67 1.54 24.11
CA ARG A 392 9.35 2.37 25.29
C ARG A 392 7.87 2.79 25.32
N GLY A 393 7.01 1.78 25.34
CA GLY A 393 5.57 1.97 25.53
C GLY A 393 4.93 2.88 24.51
N GLY A 394 4.18 3.89 24.97
CA GLY A 394 3.39 4.75 24.09
C GLY A 394 4.20 5.67 23.21
N SER A 395 5.14 6.39 23.81
CA SER A 395 6.09 7.19 23.04
C SER A 395 6.80 6.30 22.04
N GLY A 396 7.21 5.11 22.48
CA GLY A 396 7.85 4.12 21.61
C GLY A 396 7.01 3.65 20.43
N ASP A 397 5.75 3.32 20.69
CA ASP A 397 4.84 2.83 19.65
C ASP A 397 4.81 3.80 18.46
N LEU A 398 4.64 5.08 18.77
CA LEU A 398 4.68 6.13 17.76
C LEU A 398 6.02 6.16 17.02
N GLU A 399 7.11 5.99 17.75
CA GLU A 399 8.46 5.92 17.15
C GLU A 399 8.61 4.70 16.24
N VAL A 400 8.09 3.54 16.65
CA VAL A 400 8.19 2.29 15.90
C VAL A 400 7.27 2.30 14.69
N LEU A 401 5.99 2.52 14.94
CA LEU A 401 5.00 2.49 13.86
C LEU A 401 5.24 3.54 12.76
N SER A 402 5.91 4.63 13.10
CA SER A 402 6.28 5.60 12.09
C SER A 402 7.50 5.16 11.26
N ALA A 403 8.32 4.28 11.82
CA ALA A 403 9.48 3.71 11.12
C ALA A 403 9.10 2.65 10.07
N CYS A 404 8.01 1.94 10.32
CA CYS A 404 7.48 0.96 9.35
C CYS A 404 6.20 1.40 8.61
N ASN A 405 5.80 2.64 8.80
CA ASN A 405 4.66 3.22 8.10
C ASN A 405 3.34 2.50 8.31
N ARG A 406 3.23 1.81 9.44
CA ARG A 406 2.03 1.04 9.80
C ARG A 406 1.29 1.73 10.99
N MET A 407 1.28 3.06 10.96
CA MET A 407 0.70 3.91 12.02
C MET A 407 -0.75 3.56 12.34
N ASN A 408 -1.47 3.05 11.35
CA ASN A 408 -2.81 2.50 11.55
C ASN A 408 -2.96 1.32 12.54
N LEU A 409 -1.84 0.76 13.02
CA LEU A 409 -1.87 -0.33 13.98
C LEU A 409 -1.66 0.16 15.42
N ILE A 410 -1.70 1.49 15.60
CA ILE A 410 -1.56 2.12 16.91
C ILE A 410 -2.40 1.44 17.99
N SER A 411 -3.63 1.10 17.64
CA SER A 411 -4.55 0.49 18.58
C SER A 411 -4.00 -0.85 19.09
N TYR A 412 -3.46 -1.66 18.17
CA TYR A 412 -2.83 -2.94 18.54
C TYR A 412 -1.58 -2.71 19.37
N ALA A 413 -0.71 -1.83 18.89
CA ALA A 413 0.53 -1.48 19.59
C ALA A 413 0.27 -1.09 21.04
N GLN A 414 -0.79 -0.33 21.26
CA GLN A 414 -1.19 0.08 22.61
C GLN A 414 -1.66 -1.11 23.44
N ILE A 415 -2.37 -2.06 22.83
CA ILE A 415 -2.77 -3.28 23.56
C ILE A 415 -1.54 -3.99 24.17
N SER A 416 -0.48 -4.12 23.38
CA SER A 416 0.78 -4.71 23.85
C SER A 416 1.45 -3.86 24.93
N SER A 417 1.61 -2.58 24.65
CA SER A 417 2.25 -1.67 25.60
C SER A 417 1.47 -1.50 26.91
N ARG A 418 0.13 -1.56 26.85
CA ARG A 418 -0.72 -1.36 28.03
C ARG A 418 -1.18 -2.65 28.69
N LEU A 419 -1.98 -3.44 27.99
CA LEU A 419 -2.45 -4.71 28.52
C LEU A 419 -1.30 -5.69 28.61
N GLY A 420 -0.53 -5.80 27.53
CA GLY A 420 0.65 -6.66 27.53
C GLY A 420 1.68 -6.23 28.54
N GLY A 421 1.79 -4.92 28.80
CA GLY A 421 2.66 -4.41 29.86
C GLY A 421 2.20 -4.83 31.25
N GLY A 422 0.88 -4.77 31.46
CA GLY A 422 0.26 -5.26 32.69
C GLY A 422 0.47 -6.75 32.91
N ILE A 423 0.59 -7.50 31.82
CA ILE A 423 0.88 -8.93 31.89
C ILE A 423 2.31 -9.14 32.36
N VAL A 424 3.23 -8.33 31.81
CA VAL A 424 4.64 -8.37 32.19
C VAL A 424 4.78 -8.22 33.70
N LEU A 425 3.96 -7.37 34.30
CA LEU A 425 3.99 -7.16 35.75
C LEU A 425 3.63 -8.41 36.54
N VAL A 426 2.58 -9.10 36.12
CA VAL A 426 2.17 -10.33 36.80
C VAL A 426 3.30 -11.36 36.71
N ILE A 427 3.81 -11.52 35.49
CA ILE A 427 4.93 -12.44 35.22
C ILE A 427 6.13 -12.05 36.07
N ALA A 428 6.40 -10.76 36.11
CA ALA A 428 7.52 -10.22 36.83
C ALA A 428 7.45 -10.56 38.32
N SER A 429 6.28 -10.38 38.88
CA SER A 429 6.06 -10.65 40.29
C SER A 429 6.44 -12.12 40.60
N ILE A 430 5.99 -13.03 39.74
CA ILE A 430 6.28 -14.45 39.89
C ILE A 430 7.79 -14.72 39.74
N VAL A 431 8.40 -14.09 38.75
CA VAL A 431 9.82 -14.26 38.48
C VAL A 431 10.60 -13.78 39.68
N PHE A 432 10.24 -12.60 40.17
CA PHE A 432 10.91 -12.01 41.33
C PHE A 432 10.80 -12.94 42.54
N GLY A 433 9.60 -13.45 42.78
CA GLY A 433 9.35 -14.35 43.91
C GLY A 433 10.22 -15.58 43.81
N MET A 434 10.31 -16.15 42.60
CA MET A 434 11.12 -17.35 42.37
C MET A 434 12.62 -17.06 42.60
N MET A 435 13.07 -15.88 42.16
CA MET A 435 14.49 -15.49 42.19
C MET A 435 15.37 -16.52 41.47
N LYS B 12 -0.57 -43.77 -35.82
CA LYS B 12 0.03 -42.59 -35.09
C LYS B 12 -0.59 -42.38 -33.70
N ILE B 13 0.24 -42.00 -32.71
CA ILE B 13 -0.24 -41.61 -31.37
C ILE B 13 -0.05 -40.10 -31.16
N PHE B 14 -1.16 -39.37 -30.98
CA PHE B 14 -1.15 -37.91 -30.83
C PHE B 14 -0.51 -37.26 -32.06
N GLY B 15 -0.91 -37.72 -33.26
CA GLY B 15 -0.31 -37.25 -34.53
C GLY B 15 1.17 -37.54 -34.69
N MET B 16 1.67 -38.53 -33.97
CA MET B 16 3.08 -38.91 -34.01
C MET B 16 3.17 -40.38 -34.41
N PRO B 17 3.96 -40.71 -35.43
CA PRO B 17 3.98 -42.11 -35.88
C PRO B 17 4.62 -42.96 -34.81
N LEU B 18 4.11 -44.19 -34.68
CA LEU B 18 4.53 -45.10 -33.62
C LEU B 18 6.05 -45.12 -33.38
N PRO B 19 6.86 -45.12 -34.46
CA PRO B 19 8.32 -45.01 -34.29
C PRO B 19 8.73 -43.76 -33.51
N LEU B 20 8.21 -42.61 -33.92
CA LEU B 20 8.54 -41.34 -33.28
C LEU B 20 8.05 -41.33 -31.82
N TYR B 21 6.80 -41.76 -31.60
CA TYR B 21 6.19 -41.81 -30.24
C TYR B 21 7.05 -42.69 -29.35
N ALA B 22 7.58 -43.79 -29.89
CA ALA B 22 8.50 -44.65 -29.16
C ALA B 22 9.75 -43.91 -28.67
N PHE B 23 10.35 -43.12 -29.55
CA PHE B 23 11.49 -42.27 -29.17
C PHE B 23 11.16 -41.47 -27.90
N ALA B 24 9.99 -40.84 -27.88
CA ALA B 24 9.55 -40.04 -26.76
C ALA B 24 9.25 -40.91 -25.55
N LEU B 25 8.50 -41.99 -25.77
CA LEU B 25 8.18 -42.92 -24.68
C LEU B 25 9.46 -43.52 -24.06
N ILE B 26 10.47 -43.80 -24.89
CA ILE B 26 11.81 -44.19 -24.40
C ILE B 26 12.38 -43.13 -23.47
N THR B 27 12.39 -41.89 -23.95
CA THR B 27 12.90 -40.77 -23.17
C THR B 27 12.19 -40.66 -21.83
N LEU B 28 10.85 -40.74 -21.84
CA LEU B 28 10.05 -40.66 -20.60
C LEU B 28 10.58 -41.66 -19.59
N LEU B 29 10.82 -42.87 -20.06
CA LEU B 29 11.24 -43.95 -19.20
C LEU B 29 12.67 -43.76 -18.73
N LEU B 30 13.53 -43.23 -19.59
CA LEU B 30 14.88 -42.87 -19.17
C LEU B 30 14.86 -41.87 -18.02
N SER B 31 14.10 -40.78 -18.18
CA SER B 31 13.87 -39.80 -17.10
C SER B 31 13.28 -40.41 -15.84
N HIS B 32 12.39 -41.36 -16.05
CA HIS B 32 11.70 -42.04 -14.98
C HIS B 32 12.65 -42.92 -14.19
N PHE B 33 13.27 -43.88 -14.85
CA PHE B 33 14.15 -44.83 -14.16
C PHE B 33 15.46 -44.23 -13.67
N TYR B 34 16.10 -43.36 -14.45
CA TYR B 34 17.30 -42.62 -13.95
C TYR B 34 16.98 -41.53 -12.91
N ASN B 35 15.70 -41.21 -12.73
CA ASN B 35 15.26 -40.18 -11.80
C ASN B 35 15.97 -38.84 -12.09
N ALA B 36 15.92 -38.45 -13.36
CA ALA B 36 16.49 -37.18 -13.84
C ALA B 36 15.42 -36.44 -14.61
N LEU B 37 14.98 -35.32 -14.06
CA LEU B 37 13.89 -34.57 -14.63
C LEU B 37 13.87 -33.17 -14.04
N PRO B 38 13.85 -32.13 -14.89
CA PRO B 38 13.70 -30.78 -14.35
C PRO B 38 12.29 -30.53 -13.85
N THR B 39 12.14 -30.07 -12.62
CA THR B 39 10.82 -29.87 -12.03
C THR B 39 10.23 -28.53 -12.48
N ASP B 40 10.14 -28.32 -13.80
CA ASP B 40 9.74 -27.04 -14.39
C ASP B 40 8.76 -27.26 -15.56
N ILE B 41 8.42 -26.20 -16.30
CA ILE B 41 7.57 -26.31 -17.50
C ILE B 41 8.07 -27.34 -18.50
N VAL B 42 9.35 -27.28 -18.84
CA VAL B 42 9.90 -28.12 -19.90
C VAL B 42 9.76 -29.58 -19.48
N GLY B 43 10.33 -29.92 -18.33
CA GLY B 43 10.18 -31.26 -17.77
C GLY B 43 8.74 -31.71 -17.65
N GLY B 44 7.87 -30.81 -17.16
CA GLY B 44 6.45 -31.09 -16.97
C GLY B 44 5.77 -31.45 -18.26
N PHE B 45 5.64 -30.47 -19.16
CA PHE B 45 5.03 -30.69 -20.48
C PHE B 45 5.58 -31.94 -21.17
N ALA B 46 6.88 -32.18 -21.07
CA ALA B 46 7.48 -33.38 -21.67
C ALA B 46 6.76 -34.65 -21.22
N ILE B 47 6.61 -34.79 -19.91
CA ILE B 47 5.97 -35.96 -19.33
C ILE B 47 4.48 -35.95 -19.64
N MET B 48 3.85 -34.83 -19.35
CA MET B 48 2.42 -34.68 -19.52
C MET B 48 2.00 -34.95 -20.96
N PHE B 49 2.74 -34.42 -21.93
CA PHE B 49 2.44 -34.68 -23.35
C PHE B 49 2.45 -36.17 -23.67
N ILE B 50 3.52 -36.85 -23.25
CA ILE B 50 3.73 -38.27 -23.56
C ILE B 50 2.70 -39.14 -22.84
N ILE B 51 2.59 -38.97 -21.52
CA ILE B 51 1.63 -39.75 -20.75
C ILE B 51 0.21 -39.54 -21.25
N GLY B 52 -0.16 -38.28 -21.41
CA GLY B 52 -1.48 -37.92 -21.93
C GLY B 52 -1.73 -38.55 -23.29
N ALA B 53 -0.71 -38.51 -24.14
CA ALA B 53 -0.82 -39.06 -25.49
C ALA B 53 -1.19 -40.55 -25.52
N ILE B 54 -0.44 -41.38 -24.81
CA ILE B 54 -0.71 -42.82 -24.79
C ILE B 54 -2.10 -43.14 -24.20
N PHE B 55 -2.37 -42.65 -22.99
CA PHE B 55 -3.63 -42.98 -22.32
C PHE B 55 -4.79 -42.29 -22.96
N GLY B 56 -4.53 -41.16 -23.61
CA GLY B 56 -5.53 -40.48 -24.41
C GLY B 56 -6.01 -41.39 -25.52
N GLU B 57 -5.07 -41.95 -26.29
CA GLU B 57 -5.40 -42.88 -27.38
C GLU B 57 -6.10 -44.11 -26.82
N ILE B 58 -5.52 -44.69 -25.77
CA ILE B 58 -6.11 -45.86 -25.12
C ILE B 58 -7.58 -45.61 -24.75
N GLY B 59 -7.85 -44.57 -23.98
CA GLY B 59 -9.22 -44.17 -23.63
C GLY B 59 -10.10 -43.82 -24.82
N LYS B 60 -9.49 -43.27 -25.86
CA LYS B 60 -10.18 -43.02 -27.12
C LYS B 60 -10.62 -44.33 -27.84
N ARG B 61 -9.94 -45.45 -27.61
CA ARG B 61 -10.24 -46.74 -28.27
C ARG B 61 -10.67 -47.92 -27.36
N LEU B 62 -10.70 -47.73 -26.03
CA LEU B 62 -11.29 -48.75 -25.14
C LEU B 62 -12.75 -48.95 -25.50
N PRO B 63 -13.18 -50.21 -25.61
CA PRO B 63 -14.50 -50.42 -26.19
C PRO B 63 -15.61 -49.80 -25.33
N ILE B 64 -15.78 -50.35 -24.13
CA ILE B 64 -16.84 -49.95 -23.21
C ILE B 64 -16.48 -48.57 -22.68
N PHE B 65 -15.19 -48.42 -22.38
CA PHE B 65 -14.65 -47.23 -21.74
C PHE B 65 -14.73 -45.98 -22.62
N ASN B 66 -14.46 -46.16 -23.92
CA ASN B 66 -14.62 -45.12 -24.94
C ASN B 66 -16.04 -45.18 -25.51
N LYS B 67 -16.82 -44.20 -25.08
CA LYS B 67 -18.20 -43.97 -25.44
C LYS B 67 -18.25 -42.46 -25.74
N TYR B 68 -18.87 -42.14 -26.87
CA TYR B 68 -18.94 -40.77 -27.38
C TYR B 68 -17.54 -40.16 -27.61
N ILE B 69 -17.35 -38.91 -27.20
CA ILE B 69 -16.04 -38.24 -27.26
C ILE B 69 -15.46 -37.99 -25.85
N GLY B 70 -16.27 -38.32 -24.85
CA GLY B 70 -15.94 -38.12 -23.47
C GLY B 70 -14.91 -39.01 -22.84
N GLY B 71 -14.67 -40.22 -23.39
CA GLY B 71 -13.74 -41.19 -22.83
C GLY B 71 -12.26 -40.84 -22.75
N ALA B 72 -11.71 -40.28 -23.84
CA ALA B 72 -10.27 -39.98 -23.94
C ALA B 72 -9.77 -39.07 -22.79
N PRO B 73 -10.48 -37.93 -22.51
CA PRO B 73 -9.97 -37.10 -21.41
C PRO B 73 -10.04 -37.81 -20.08
N VAL B 74 -11.14 -38.51 -19.88
CA VAL B 74 -11.42 -39.19 -18.63
C VAL B 74 -10.35 -40.22 -18.34
N MET B 75 -9.87 -40.89 -19.38
CA MET B 75 -8.83 -41.89 -19.20
C MET B 75 -7.62 -41.26 -18.58
N ILE B 76 -7.11 -40.21 -19.22
CA ILE B 76 -5.90 -39.56 -18.76
C ILE B 76 -6.06 -39.11 -17.31
N PHE B 77 -7.15 -38.40 -17.08
CA PHE B 77 -7.51 -37.92 -15.76
C PHE B 77 -7.52 -39.01 -14.65
N LEU B 78 -8.30 -40.06 -14.87
CA LEU B 78 -8.39 -41.16 -13.90
C LEU B 78 -7.06 -41.89 -13.77
N VAL B 79 -6.49 -42.24 -14.92
CA VAL B 79 -5.21 -42.96 -14.98
C VAL B 79 -4.17 -42.19 -14.19
N ALA B 80 -4.05 -40.90 -14.51
CA ALA B 80 -3.08 -40.05 -13.83
C ALA B 80 -3.25 -40.07 -12.31
N ALA B 81 -4.49 -40.01 -11.82
CA ALA B 81 -4.77 -40.07 -10.38
C ALA B 81 -4.34 -41.39 -9.78
N TYR B 82 -4.59 -42.47 -10.51
CA TYR B 82 -4.17 -43.80 -10.10
C TYR B 82 -2.64 -43.91 -10.03
N PHE B 83 -1.94 -43.19 -10.91
CA PHE B 83 -0.47 -43.13 -10.87
C PHE B 83 0.04 -42.47 -9.61
N VAL B 84 -0.66 -41.43 -9.14
CA VAL B 84 -0.24 -40.75 -7.91
C VAL B 84 -0.57 -41.64 -6.72
N TYR B 85 -1.81 -42.12 -6.67
CA TYR B 85 -2.28 -43.00 -5.61
C TYR B 85 -1.44 -44.27 -5.50
N ALA B 86 -1.25 -44.96 -6.61
CA ALA B 86 -0.39 -46.15 -6.64
C ALA B 86 1.10 -45.84 -6.59
N GLY B 87 1.47 -44.56 -6.48
CA GLY B 87 2.86 -44.15 -6.35
C GLY B 87 3.69 -44.43 -7.58
N ILE B 88 3.02 -44.51 -8.74
CA ILE B 88 3.70 -44.83 -10.00
C ILE B 88 4.59 -43.67 -10.41
N PHE B 89 4.09 -42.45 -10.26
CA PHE B 89 4.89 -41.24 -10.46
C PHE B 89 5.93 -41.10 -9.37
N THR B 90 7.09 -40.56 -9.73
CA THR B 90 8.11 -40.23 -8.73
C THR B 90 7.81 -38.87 -8.13
N GLN B 91 8.32 -38.63 -6.94
CA GLN B 91 8.08 -37.36 -6.28
C GLN B 91 8.46 -36.18 -7.16
N LYS B 92 9.65 -36.23 -7.77
CA LYS B 92 10.06 -35.21 -8.76
C LYS B 92 9.07 -35.05 -9.94
N GLU B 93 8.52 -36.16 -10.45
CA GLU B 93 7.51 -36.10 -11.53
C GLU B 93 6.24 -35.40 -11.07
N ILE B 94 5.78 -35.73 -9.85
CA ILE B 94 4.60 -35.08 -9.27
C ILE B 94 4.89 -33.60 -9.07
N ASP B 95 6.10 -33.29 -8.62
CA ASP B 95 6.56 -31.91 -8.42
C ASP B 95 6.56 -31.13 -9.74
N ALA B 96 7.13 -31.72 -10.79
CA ALA B 96 7.17 -31.12 -12.11
C ALA B 96 5.77 -30.77 -12.61
N ILE B 97 4.88 -31.76 -12.59
CA ILE B 97 3.47 -31.58 -13.00
C ILE B 97 2.78 -30.55 -12.12
N SER B 98 2.96 -30.67 -10.81
CA SER B 98 2.38 -29.73 -9.85
C SER B 98 2.91 -28.30 -10.05
N ASN B 99 4.22 -28.18 -10.31
CA ASN B 99 4.84 -26.91 -10.68
C ASN B 99 4.21 -26.20 -11.88
N VAL B 100 3.79 -26.97 -12.87
CA VAL B 100 3.13 -26.43 -14.05
C VAL B 100 1.71 -26.02 -13.71
N MET B 101 0.99 -26.86 -13.00
CA MET B 101 -0.42 -26.60 -12.70
C MET B 101 -0.66 -25.50 -11.68
N ASP B 102 0.15 -25.48 -10.61
CA ASP B 102 0.01 -24.50 -9.53
C ASP B 102 1.05 -23.39 -9.53
N LYS B 103 2.30 -23.69 -9.18
CA LYS B 103 3.33 -22.65 -9.04
C LYS B 103 3.45 -21.79 -10.29
N SER B 104 3.54 -22.42 -11.45
CA SER B 104 3.48 -21.71 -12.73
C SER B 104 2.03 -21.29 -13.08
N ASN B 105 1.04 -22.06 -12.61
CA ASN B 105 -0.39 -21.77 -12.79
C ASN B 105 -0.83 -21.84 -14.25
N PHE B 106 -0.62 -22.99 -14.83
CA PHE B 106 -1.10 -23.25 -16.19
C PHE B 106 -2.61 -23.32 -16.18
N LEU B 107 -3.19 -23.82 -15.08
CA LEU B 107 -4.60 -24.07 -15.02
C LEU B 107 -5.39 -22.82 -15.31
N ASN B 108 -5.04 -21.74 -14.62
CA ASN B 108 -5.76 -20.49 -14.82
C ASN B 108 -5.58 -19.98 -16.24
N LEU B 109 -4.34 -19.94 -16.72
CA LEU B 109 -4.04 -19.51 -18.07
C LEU B 109 -4.97 -20.25 -19.02
N PHE B 110 -5.00 -21.57 -18.89
CA PHE B 110 -5.85 -22.41 -19.73
C PHE B 110 -7.29 -21.90 -19.74
N ILE B 111 -7.86 -21.77 -18.55
CA ILE B 111 -9.24 -21.32 -18.44
C ILE B 111 -9.38 -19.90 -19.01
N ALA B 112 -8.43 -19.05 -18.66
CA ALA B 112 -8.44 -17.67 -19.14
C ALA B 112 -8.48 -17.56 -20.66
N VAL B 113 -7.66 -18.39 -21.32
CA VAL B 113 -7.61 -18.44 -22.77
C VAL B 113 -8.94 -18.89 -23.34
N LEU B 114 -9.49 -19.94 -22.75
CA LEU B 114 -10.77 -20.50 -23.18
C LEU B 114 -11.88 -19.47 -23.10
N ILE B 115 -12.07 -18.90 -21.92
CA ILE B 115 -13.09 -17.88 -21.68
C ILE B 115 -12.99 -16.79 -22.74
N THR B 116 -11.79 -16.22 -22.87
CA THR B 116 -11.56 -15.13 -23.81
C THR B 116 -11.95 -15.52 -25.23
N GLY B 117 -11.40 -16.64 -25.70
CA GLY B 117 -11.70 -17.13 -27.04
C GLY B 117 -13.16 -17.44 -27.28
N ALA B 118 -13.82 -17.99 -26.27
CA ALA B 118 -15.22 -18.36 -26.37
C ALA B 118 -16.14 -17.14 -26.45
N ILE B 119 -15.84 -16.13 -25.64
CA ILE B 119 -16.67 -14.92 -25.56
C ILE B 119 -16.40 -14.00 -26.74
N LEU B 120 -15.14 -13.82 -27.10
CA LEU B 120 -14.81 -12.95 -28.23
C LEU B 120 -15.23 -13.51 -29.60
N SER B 121 -15.65 -14.77 -29.66
CA SER B 121 -16.22 -15.34 -30.92
C SER B 121 -17.67 -14.95 -31.19
N VAL B 122 -18.46 -14.76 -30.15
CA VAL B 122 -19.91 -14.50 -30.30
C VAL B 122 -20.28 -13.05 -30.58
N ASN B 123 -21.49 -12.87 -31.10
CA ASN B 123 -22.03 -11.55 -31.41
C ASN B 123 -22.34 -10.80 -30.15
N ARG B 124 -22.26 -9.47 -30.22
CA ARG B 124 -22.68 -8.62 -29.11
C ARG B 124 -24.18 -8.69 -28.82
N ARG B 125 -25.01 -8.74 -29.86
CA ARG B 125 -26.46 -8.83 -29.67
C ARG B 125 -26.90 -10.02 -28.81
N LEU B 126 -26.31 -11.18 -29.05
CA LEU B 126 -26.61 -12.43 -28.33
C LEU B 126 -26.30 -12.43 -26.82
N LEU B 127 -25.36 -11.58 -26.40
CA LEU B 127 -24.74 -11.66 -25.07
C LEU B 127 -25.73 -11.59 -23.91
N LEU B 128 -26.27 -10.40 -23.68
CA LEU B 128 -27.17 -10.20 -22.55
C LEU B 128 -28.40 -11.10 -22.55
N LYS B 129 -28.77 -11.67 -23.71
CA LYS B 129 -30.01 -12.45 -23.83
C LYS B 129 -30.02 -13.70 -22.97
N SER B 130 -28.89 -14.40 -22.94
CA SER B 130 -28.71 -15.61 -22.12
C SER B 130 -28.67 -15.33 -20.61
N LEU B 131 -27.72 -14.49 -20.17
CA LEU B 131 -27.43 -14.22 -18.74
C LEU B 131 -28.64 -14.05 -17.85
N LEU B 132 -29.70 -13.43 -18.39
CA LEU B 132 -30.94 -13.19 -17.66
C LEU B 132 -31.70 -14.50 -17.36
N GLY B 133 -31.72 -15.42 -18.32
CA GLY B 133 -32.38 -16.71 -18.12
C GLY B 133 -31.48 -17.75 -17.45
N TYR B 134 -30.16 -17.53 -17.43
CA TYR B 134 -29.22 -18.53 -16.91
C TYR B 134 -29.28 -18.61 -15.38
N ILE B 135 -29.11 -17.48 -14.70
CA ILE B 135 -29.02 -17.49 -13.23
C ILE B 135 -30.20 -18.19 -12.55
N PRO B 136 -31.44 -17.91 -13.00
CA PRO B 136 -32.58 -18.65 -12.47
C PRO B 136 -32.46 -20.15 -12.65
N THR B 137 -32.01 -20.60 -13.83
CA THR B 137 -31.74 -22.02 -14.10
C THR B 137 -30.81 -22.62 -13.03
N ILE B 138 -29.77 -21.89 -12.68
CA ILE B 138 -28.84 -22.31 -11.63
C ILE B 138 -29.58 -22.56 -10.31
N LEU B 139 -30.43 -21.61 -9.94
CA LEU B 139 -31.21 -21.68 -8.71
C LEU B 139 -32.15 -22.88 -8.76
N MET B 140 -32.75 -23.11 -9.93
CA MET B 140 -33.56 -24.31 -10.18
C MET B 140 -32.78 -25.58 -9.93
N GLY B 141 -31.54 -25.62 -10.40
CA GLY B 141 -30.64 -26.75 -10.19
C GLY B 141 -30.36 -26.99 -8.72
N ILE B 142 -30.11 -25.91 -7.98
CA ILE B 142 -29.89 -25.97 -6.54
C ILE B 142 -31.11 -26.57 -5.84
N VAL B 143 -32.30 -26.05 -6.18
CA VAL B 143 -33.57 -26.52 -5.59
C VAL B 143 -33.64 -28.03 -5.75
N GLY B 144 -33.46 -28.48 -6.99
CA GLY B 144 -33.46 -29.89 -7.31
C GLY B 144 -32.38 -30.68 -6.58
N ALA B 145 -31.20 -30.08 -6.46
CA ALA B 145 -30.10 -30.70 -5.73
C ALA B 145 -30.43 -30.86 -4.24
N SER B 146 -31.13 -29.87 -3.69
CA SER B 146 -31.57 -29.90 -2.31
C SER B 146 -32.72 -30.88 -2.13
N ILE B 147 -33.76 -30.74 -2.96
CA ILE B 147 -34.97 -31.58 -2.92
C ILE B 147 -34.57 -33.06 -2.94
N PHE B 148 -33.73 -33.45 -3.89
CA PHE B 148 -33.26 -34.84 -4.01
C PHE B 148 -32.37 -35.26 -2.85
N GLY B 149 -31.45 -34.39 -2.45
CA GLY B 149 -30.56 -34.64 -1.31
C GLY B 149 -31.34 -34.95 -0.04
N ILE B 150 -32.29 -34.07 0.29
CA ILE B 150 -33.15 -34.20 1.49
C ILE B 150 -33.89 -35.52 1.40
N ALA B 151 -34.49 -35.77 0.24
CA ALA B 151 -35.25 -36.99 -0.04
C ALA B 151 -34.44 -38.24 0.26
N ILE B 152 -33.25 -38.34 -0.33
CA ILE B 152 -32.40 -39.51 -0.13
C ILE B 152 -31.79 -39.56 1.27
N GLY B 153 -31.54 -38.38 1.85
CA GLY B 153 -31.03 -38.28 3.22
C GLY B 153 -31.92 -39.06 4.18
N LEU B 154 -33.21 -38.78 4.12
CA LEU B 154 -34.19 -39.35 5.04
C LEU B 154 -34.34 -40.86 4.78
N VAL B 155 -34.08 -41.31 3.54
CA VAL B 155 -34.03 -42.74 3.19
C VAL B 155 -32.91 -43.46 3.95
N PHE B 156 -31.82 -42.74 4.20
CA PHE B 156 -30.67 -43.26 4.94
C PHE B 156 -30.72 -42.87 6.43
N GLY B 157 -31.82 -42.26 6.86
CA GLY B 157 -32.00 -41.82 8.25
C GLY B 157 -31.04 -40.74 8.67
N ILE B 158 -30.71 -39.84 7.76
CA ILE B 158 -29.74 -38.75 7.99
C ILE B 158 -30.48 -37.42 8.20
N PRO B 159 -30.11 -36.66 9.24
CA PRO B 159 -30.84 -35.44 9.49
C PRO B 159 -30.68 -34.46 8.34
N VAL B 160 -31.71 -33.65 8.10
CA VAL B 160 -31.73 -32.74 6.97
C VAL B 160 -30.62 -31.68 7.07
N ASP B 161 -30.37 -31.14 8.26
CA ASP B 161 -29.27 -30.17 8.43
C ASP B 161 -27.94 -30.67 7.85
N ARG B 162 -27.58 -31.93 8.15
CA ARG B 162 -26.36 -32.54 7.60
C ARG B 162 -26.39 -32.59 6.08
N ILE B 163 -27.55 -32.97 5.55
CA ILE B 163 -27.76 -33.06 4.11
C ILE B 163 -27.43 -31.73 3.45
N MET B 164 -27.89 -30.64 4.05
CA MET B 164 -27.62 -29.33 3.49
C MET B 164 -26.20 -28.86 3.77
N MET B 165 -25.71 -29.06 5.00
CA MET B 165 -24.41 -28.51 5.39
C MET B 165 -23.22 -29.37 4.97
N LEU B 166 -23.29 -30.69 5.16
CA LEU B 166 -22.19 -31.61 4.80
C LEU B 166 -22.29 -32.32 3.44
N TYR B 167 -23.44 -32.22 2.76
CA TYR B 167 -23.65 -32.91 1.48
C TYR B 167 -23.99 -31.95 0.34
N VAL B 168 -25.18 -31.35 0.38
CA VAL B 168 -25.69 -30.51 -0.73
C VAL B 168 -24.80 -29.28 -0.96
N LEU B 169 -24.79 -28.35 0.01
CA LEU B 169 -24.04 -27.09 -0.12
C LEU B 169 -22.60 -27.27 -0.58
N PRO B 170 -21.82 -28.20 0.04
CA PRO B 170 -20.44 -28.39 -0.42
C PRO B 170 -20.31 -28.87 -1.87
N ILE B 171 -21.18 -29.77 -2.31
CA ILE B 171 -21.15 -30.29 -3.67
C ILE B 171 -21.40 -29.17 -4.68
N MET B 172 -22.50 -28.44 -4.45
CA MET B 172 -22.90 -27.33 -5.33
C MET B 172 -21.92 -26.16 -5.26
N GLY B 173 -21.26 -26.03 -4.11
CA GLY B 173 -20.24 -24.99 -3.93
C GLY B 173 -19.18 -24.99 -4.99
N GLY B 174 -18.61 -23.83 -5.26
CA GLY B 174 -17.72 -23.66 -6.40
C GLY B 174 -16.32 -24.25 -6.25
N GLY B 175 -16.22 -25.46 -5.68
CA GLY B 175 -14.98 -26.21 -5.66
C GLY B 175 -14.24 -26.20 -4.35
N ASN B 176 -12.94 -26.46 -4.44
CA ASN B 176 -12.06 -26.55 -3.29
C ASN B 176 -11.86 -25.17 -2.73
N GLY B 177 -11.26 -24.29 -3.53
CA GLY B 177 -10.94 -22.92 -3.09
C GLY B 177 -12.18 -22.10 -2.85
N ALA B 178 -13.14 -22.18 -3.75
CA ALA B 178 -14.38 -21.42 -3.66
C ALA B 178 -15.37 -21.90 -2.59
N GLY B 179 -15.52 -23.21 -2.38
CA GLY B 179 -16.53 -23.74 -1.44
C GLY B 179 -15.99 -24.37 -0.16
N ALA B 180 -15.15 -25.39 -0.31
CA ALA B 180 -14.61 -26.12 0.85
C ALA B 180 -13.83 -25.19 1.77
N VAL B 181 -13.05 -24.32 1.14
CA VAL B 181 -12.22 -23.35 1.84
C VAL B 181 -13.08 -22.28 2.54
N PRO B 182 -14.11 -21.74 1.85
CA PRO B 182 -14.90 -20.70 2.50
C PRO B 182 -16.12 -21.20 3.24
N LEU B 183 -16.69 -22.32 2.80
CA LEU B 183 -17.78 -22.91 3.55
C LEU B 183 -17.34 -23.38 4.93
N SER B 184 -16.10 -23.87 5.05
CA SER B 184 -15.57 -24.20 6.38
C SER B 184 -15.36 -22.94 7.24
N GLU B 185 -15.04 -21.82 6.59
CA GLU B 185 -14.93 -20.50 7.25
C GLU B 185 -16.27 -20.05 7.81
N ILE B 186 -17.34 -20.19 7.01
CA ILE B 186 -18.69 -19.80 7.42
C ILE B 186 -19.17 -20.77 8.48
N TYR B 187 -18.84 -22.05 8.33
CA TYR B 187 -19.18 -23.08 9.33
C TYR B 187 -18.59 -22.75 10.71
N HIS B 188 -17.31 -22.39 10.73
CA HIS B 188 -16.62 -22.01 11.97
C HIS B 188 -17.14 -20.68 12.57
N SER B 189 -17.48 -19.72 11.70
CA SER B 189 -18.05 -18.42 12.11
C SER B 189 -19.45 -18.49 12.72
N VAL B 190 -20.23 -19.50 12.31
CA VAL B 190 -21.64 -19.65 12.75
C VAL B 190 -21.78 -20.75 13.82
N THR B 191 -21.06 -21.88 13.68
CA THR B 191 -21.11 -22.95 14.69
C THR B 191 -20.05 -22.71 15.75
N GLY B 192 -18.81 -22.56 15.32
CA GLY B 192 -17.65 -22.50 16.21
C GLY B 192 -16.81 -23.76 16.18
N ARG B 193 -17.34 -24.83 15.58
CA ARG B 193 -16.60 -26.09 15.44
C ARG B 193 -15.48 -25.98 14.42
N SER B 194 -14.48 -26.84 14.56
CA SER B 194 -13.25 -26.76 13.76
C SER B 194 -13.54 -26.79 12.27
N ARG B 195 -12.68 -26.11 11.51
CA ARG B 195 -12.81 -26.07 10.06
C ARG B 195 -12.50 -27.45 9.49
N GLU B 196 -11.47 -28.10 10.05
CA GLU B 196 -11.00 -29.39 9.53
C GLU B 196 -12.10 -30.42 9.57
N GLU B 197 -12.82 -30.47 10.69
CA GLU B 197 -13.99 -31.34 10.82
C GLU B 197 -14.92 -31.23 9.62
N TYR B 198 -15.21 -30.01 9.19
CA TYR B 198 -16.08 -29.76 8.05
C TYR B 198 -15.36 -30.05 6.74
N TYR B 199 -14.27 -29.32 6.53
CA TYR B 199 -13.48 -29.37 5.30
C TYR B 199 -13.22 -30.82 4.87
N SER B 200 -12.64 -31.60 5.78
CA SER B 200 -12.25 -32.98 5.49
C SER B 200 -13.40 -33.80 4.92
N THR B 201 -14.59 -33.65 5.51
CA THR B 201 -15.81 -34.32 5.02
C THR B 201 -16.30 -33.72 3.72
N ALA B 202 -16.34 -32.38 3.66
CA ALA B 202 -16.78 -31.64 2.47
C ALA B 202 -15.91 -31.92 1.24
N ILE B 203 -14.60 -31.69 1.37
CA ILE B 203 -13.63 -31.96 0.28
C ILE B 203 -13.72 -33.39 -0.25
N ALA B 204 -13.92 -34.34 0.65
CA ALA B 204 -14.01 -35.76 0.29
C ALA B 204 -15.27 -36.04 -0.53
N ILE B 205 -16.43 -35.64 0.01
CA ILE B 205 -17.71 -35.85 -0.65
C ILE B 205 -17.88 -35.12 -1.98
N LEU B 206 -17.46 -33.85 -2.02
CA LEU B 206 -17.54 -33.05 -3.24
C LEU B 206 -16.74 -33.69 -4.36
N THR B 207 -15.58 -34.28 -4.04
CA THR B 207 -14.76 -34.98 -5.04
C THR B 207 -15.46 -36.24 -5.56
N ILE B 208 -16.17 -36.96 -4.68
CA ILE B 208 -16.96 -38.13 -5.10
C ILE B 208 -17.99 -37.69 -6.14
N ALA B 209 -18.77 -36.68 -5.80
CA ALA B 209 -19.76 -36.09 -6.70
C ALA B 209 -19.15 -35.60 -8.02
N ASN B 210 -18.01 -34.92 -7.94
CA ASN B 210 -17.23 -34.51 -9.10
C ASN B 210 -16.97 -35.67 -10.07
N ILE B 211 -16.69 -36.86 -9.54
CA ILE B 211 -16.49 -38.03 -10.41
C ILE B 211 -17.79 -38.46 -11.04
N PHE B 212 -18.87 -38.44 -10.28
CA PHE B 212 -20.21 -38.73 -10.84
C PHE B 212 -20.62 -37.72 -11.89
N ALA B 213 -20.30 -36.45 -11.64
CA ALA B 213 -20.60 -35.37 -12.59
C ALA B 213 -19.99 -35.64 -13.96
N ILE B 214 -18.72 -36.06 -13.96
CA ILE B 214 -17.98 -36.36 -15.17
C ILE B 214 -18.56 -37.60 -15.86
N VAL B 215 -19.03 -38.56 -15.08
CA VAL B 215 -19.67 -39.76 -15.63
C VAL B 215 -21.00 -39.42 -16.29
N PHE B 216 -21.86 -38.68 -15.58
CA PHE B 216 -23.19 -38.32 -16.11
C PHE B 216 -23.09 -37.35 -17.29
N ALA B 217 -22.03 -36.55 -17.32
CA ALA B 217 -21.76 -35.68 -18.47
C ALA B 217 -21.66 -36.47 -19.77
N ALA B 218 -20.96 -37.60 -19.73
CA ALA B 218 -20.88 -38.50 -20.88
C ALA B 218 -22.21 -39.25 -21.13
N VAL B 219 -22.97 -39.52 -20.05
CA VAL B 219 -24.27 -40.16 -20.14
C VAL B 219 -25.30 -39.24 -20.80
N LEU B 220 -25.34 -37.97 -20.40
CA LEU B 220 -26.20 -36.97 -21.06
C LEU B 220 -25.82 -36.69 -22.52
N ASP B 221 -24.54 -36.91 -22.83
CA ASP B 221 -24.05 -36.80 -24.20
C ASP B 221 -24.67 -37.89 -25.08
N ILE B 222 -24.61 -39.12 -24.59
CA ILE B 222 -25.22 -40.27 -25.26
C ILE B 222 -26.75 -40.10 -25.38
N ILE B 223 -27.39 -39.68 -24.28
CA ILE B 223 -28.84 -39.42 -24.28
C ILE B 223 -29.20 -38.28 -25.24
N GLY B 224 -28.32 -37.28 -25.32
CA GLY B 224 -28.51 -36.15 -26.25
C GLY B 224 -28.46 -36.53 -27.72
N LYS B 225 -27.50 -37.37 -28.06
CA LYS B 225 -27.36 -37.90 -29.43
C LYS B 225 -28.33 -39.03 -29.73
N LYS B 226 -28.90 -39.66 -28.69
CA LYS B 226 -29.98 -40.65 -28.88
C LYS B 226 -31.36 -40.01 -29.01
N HIS B 227 -31.60 -38.93 -28.26
CA HIS B 227 -32.88 -38.24 -28.26
C HIS B 227 -32.65 -36.79 -28.64
N THR B 228 -32.44 -36.59 -29.93
CA THR B 228 -32.07 -35.29 -30.49
C THR B 228 -32.89 -34.08 -30.02
N TRP B 229 -34.15 -34.32 -29.67
CA TRP B 229 -35.03 -33.27 -29.19
C TRP B 229 -34.56 -32.57 -27.92
N LEU B 230 -33.80 -33.29 -27.09
CA LEU B 230 -33.27 -32.76 -25.82
C LEU B 230 -31.98 -31.97 -25.99
N SER B 231 -31.14 -32.44 -26.90
CA SER B 231 -29.82 -31.86 -27.07
C SER B 231 -29.83 -30.70 -28.07
N GLY B 232 -28.88 -29.79 -27.84
CA GLY B 232 -28.58 -28.68 -28.74
C GLY B 232 -27.29 -28.91 -29.48
N GLU B 233 -26.65 -30.05 -29.22
CA GLU B 233 -25.44 -30.48 -29.93
C GLU B 233 -24.33 -29.43 -29.74
N GLY B 234 -24.15 -29.06 -28.46
CA GLY B 234 -23.18 -28.06 -28.06
C GLY B 234 -23.65 -26.62 -28.07
N GLU B 235 -24.96 -26.39 -27.94
CA GLU B 235 -25.48 -25.04 -27.93
C GLU B 235 -26.54 -24.93 -26.88
N LEU B 236 -26.46 -23.89 -26.06
CA LEU B 236 -27.37 -23.74 -24.95
C LEU B 236 -28.66 -23.08 -25.39
N VAL B 237 -28.55 -21.97 -26.14
CA VAL B 237 -29.68 -21.13 -26.52
C VAL B 237 -30.26 -21.59 -27.85
N ARG B 238 -31.60 -21.69 -27.91
CA ARG B 238 -32.25 -22.16 -29.13
C ARG B 238 -32.17 -21.11 -30.24
N LYS B 239 -32.36 -19.83 -29.87
CA LYS B 239 -32.16 -18.69 -30.76
C LYS B 239 -33.12 -18.73 -31.94
N ILE B 253 -6.04 -14.39 -40.35
CA ILE B 253 -5.46 -14.82 -39.07
C ILE B 253 -3.91 -14.76 -39.10
N THR B 254 -3.33 -14.11 -38.11
CA THR B 254 -1.87 -14.03 -37.94
C THR B 254 -1.52 -14.59 -36.60
N HIS B 255 -0.33 -15.19 -36.50
CA HIS B 255 0.19 -15.53 -35.20
C HIS B 255 0.07 -14.31 -34.30
N ARG B 256 0.50 -13.17 -34.81
CA ARG B 256 0.37 -11.92 -34.12
C ARG B 256 -1.07 -11.78 -33.64
N GLU B 257 -2.03 -12.05 -34.51
CA GLU B 257 -3.43 -11.99 -34.12
C GLU B 257 -3.70 -13.03 -33.04
N THR B 258 -3.16 -14.23 -33.22
CA THR B 258 -3.32 -15.28 -32.22
C THR B 258 -2.54 -14.90 -30.95
N ALA B 259 -1.37 -14.27 -31.14
CA ALA B 259 -0.57 -13.79 -30.02
C ALA B 259 -1.31 -12.72 -29.26
N VAL B 260 -2.00 -11.83 -29.98
CA VAL B 260 -2.81 -10.80 -29.33
C VAL B 260 -3.92 -11.43 -28.51
N GLY B 261 -4.48 -12.54 -28.99
CA GLY B 261 -5.39 -13.35 -28.20
C GLY B 261 -4.84 -13.71 -26.83
N LEU B 262 -3.58 -14.12 -26.82
CA LEU B 262 -2.90 -14.47 -25.59
C LEU B 262 -2.73 -13.26 -24.68
N VAL B 263 -2.38 -12.12 -25.25
CA VAL B 263 -2.25 -10.88 -24.49
C VAL B 263 -3.57 -10.58 -23.82
N LEU B 264 -4.63 -10.59 -24.61
CA LEU B 264 -5.97 -10.27 -24.10
C LEU B 264 -6.45 -11.28 -23.07
N SER B 265 -6.14 -12.55 -23.29
CA SER B 265 -6.48 -13.60 -22.34
C SER B 265 -5.90 -13.29 -20.95
N THR B 266 -4.61 -12.96 -20.92
CA THR B 266 -3.94 -12.67 -19.67
C THR B 266 -4.35 -11.31 -19.10
N THR B 267 -4.24 -10.27 -19.91
CA THR B 267 -4.52 -8.91 -19.43
C THR B 267 -5.96 -8.78 -18.92
N CYS B 268 -6.91 -9.50 -19.52
CA CYS B 268 -8.30 -9.53 -19.01
C CYS B 268 -8.39 -10.21 -17.66
N PHE B 269 -7.64 -11.28 -17.46
CA PHE B 269 -7.57 -11.94 -16.17
C PHE B 269 -6.95 -11.02 -15.13
N LEU B 270 -5.94 -10.24 -15.53
CA LEU B 270 -5.28 -9.34 -14.60
C LEU B 270 -6.23 -8.29 -14.11
N LEU B 271 -6.97 -7.69 -15.04
CA LEU B 271 -7.93 -6.66 -14.69
C LEU B 271 -8.93 -7.21 -13.70
N ALA B 272 -9.55 -8.33 -14.07
CA ALA B 272 -10.50 -9.02 -13.19
C ALA B 272 -9.89 -9.27 -11.80
N TYR B 273 -8.64 -9.72 -11.78
CA TYR B 273 -7.93 -9.97 -10.52
C TYR B 273 -7.82 -8.69 -9.69
N VAL B 274 -7.34 -7.62 -10.31
CA VAL B 274 -7.20 -6.31 -9.63
C VAL B 274 -8.55 -5.80 -9.12
N VAL B 275 -9.62 -6.12 -9.84
CA VAL B 275 -10.95 -5.72 -9.43
C VAL B 275 -11.42 -6.51 -8.20
N ALA B 276 -11.32 -7.83 -8.26
CA ALA B 276 -11.79 -8.70 -7.17
C ALA B 276 -10.96 -8.59 -5.89
N LYS B 277 -9.73 -8.10 -6.00
CA LYS B 277 -8.85 -7.94 -4.82
C LYS B 277 -8.97 -6.56 -4.18
N LYS B 278 -8.89 -5.50 -4.98
CA LYS B 278 -8.72 -4.15 -4.43
C LYS B 278 -9.78 -3.14 -4.81
N ILE B 279 -10.43 -3.30 -5.96
CA ILE B 279 -11.43 -2.33 -6.40
C ILE B 279 -12.88 -2.67 -6.03
N LEU B 280 -13.33 -3.86 -6.37
CA LEU B 280 -14.72 -4.23 -6.14
C LEU B 280 -14.78 -5.68 -5.71
N PRO B 281 -14.19 -5.99 -4.54
CA PRO B 281 -14.09 -7.38 -4.10
C PRO B 281 -15.44 -8.08 -3.94
N SER B 282 -16.44 -7.33 -3.50
CA SER B 282 -17.82 -7.80 -3.39
C SER B 282 -18.80 -6.70 -3.82
N ILE B 283 -19.73 -7.02 -4.73
CA ILE B 283 -20.84 -6.10 -5.09
C ILE B 283 -21.81 -5.89 -3.93
N GLY B 284 -22.13 -6.97 -3.21
CA GLY B 284 -23.16 -6.95 -2.19
C GLY B 284 -22.90 -8.03 -1.17
N GLY B 285 -23.95 -8.77 -0.84
CA GLY B 285 -23.82 -9.99 -0.04
C GLY B 285 -22.97 -11.05 -0.73
N VAL B 286 -22.79 -10.95 -2.05
CA VAL B 286 -21.92 -11.85 -2.82
C VAL B 286 -20.50 -11.28 -2.98
N ALA B 287 -19.50 -12.12 -2.72
CA ALA B 287 -18.10 -11.81 -3.06
C ALA B 287 -17.84 -12.36 -4.44
N ILE B 288 -17.45 -11.48 -5.37
CA ILE B 288 -17.28 -11.87 -6.75
C ILE B 288 -15.86 -12.41 -7.00
N HIS B 289 -15.75 -13.71 -7.29
CA HIS B 289 -14.49 -14.38 -7.62
C HIS B 289 -13.94 -13.82 -8.92
N TYR B 290 -12.63 -13.66 -9.00
CA TYR B 290 -12.01 -12.94 -10.12
C TYR B 290 -12.42 -13.47 -11.50
N PHE B 291 -12.58 -14.78 -11.63
CA PHE B 291 -13.01 -15.39 -12.90
C PHE B 291 -14.37 -14.88 -13.32
N ALA B 292 -15.26 -14.70 -12.34
CA ALA B 292 -16.59 -14.17 -12.64
C ALA B 292 -16.45 -12.78 -13.26
N TRP B 293 -15.63 -11.92 -12.65
CA TRP B 293 -15.39 -10.59 -13.19
C TRP B 293 -14.88 -10.66 -14.60
N MET B 294 -13.93 -11.56 -14.82
CA MET B 294 -13.35 -11.74 -16.15
C MET B 294 -14.44 -11.91 -17.23
N VAL B 295 -15.42 -12.75 -16.95
CA VAL B 295 -16.49 -13.02 -17.89
C VAL B 295 -17.18 -11.70 -18.25
N LEU B 296 -17.47 -10.90 -17.22
CA LEU B 296 -18.09 -9.59 -17.42
C LEU B 296 -17.18 -8.62 -18.16
N ILE B 297 -15.88 -8.69 -17.86
CA ILE B 297 -14.88 -7.83 -18.52
C ILE B 297 -14.73 -8.19 -19.98
N VAL B 298 -14.59 -9.48 -20.27
CA VAL B 298 -14.41 -9.94 -21.65
C VAL B 298 -15.66 -9.64 -22.44
N ALA B 299 -16.82 -9.98 -21.89
CA ALA B 299 -18.11 -9.69 -22.51
C ALA B 299 -18.25 -8.20 -22.84
N ALA B 300 -17.87 -7.37 -21.87
CA ALA B 300 -17.82 -5.93 -22.06
C ALA B 300 -16.87 -5.55 -23.19
N LEU B 301 -15.66 -6.12 -23.16
CA LEU B 301 -14.67 -5.90 -24.22
C LEU B 301 -15.20 -6.25 -25.63
N ASN B 302 -16.02 -7.31 -25.71
CA ASN B 302 -16.70 -7.71 -26.95
C ASN B 302 -17.65 -6.63 -27.43
N ALA B 303 -18.58 -6.25 -26.54
CA ALA B 303 -19.58 -5.23 -26.86
C ALA B 303 -18.94 -3.87 -27.18
N SER B 304 -17.86 -3.53 -26.48
CA SER B 304 -17.09 -2.32 -26.76
C SER B 304 -16.45 -2.38 -28.15
N GLY B 305 -16.25 -3.58 -28.68
CA GLY B 305 -15.72 -3.78 -30.01
C GLY B 305 -14.32 -3.22 -30.17
N LEU B 306 -13.60 -3.08 -29.06
CA LEU B 306 -12.21 -2.62 -29.09
C LEU B 306 -11.32 -3.58 -29.88
N CYS B 307 -11.77 -4.85 -29.97
CA CYS B 307 -11.12 -5.88 -30.75
C CYS B 307 -11.77 -6.03 -32.13
N SER B 308 -10.95 -5.84 -33.17
CA SER B 308 -11.36 -6.12 -34.55
C SER B 308 -11.65 -7.61 -34.74
N PRO B 309 -12.51 -7.98 -35.71
CA PRO B 309 -12.78 -9.39 -36.06
C PRO B 309 -11.53 -10.25 -36.21
N GLU B 310 -10.48 -9.70 -36.81
CA GLU B 310 -9.19 -10.41 -36.96
C GLU B 310 -8.64 -10.89 -35.60
N ILE B 311 -8.63 -9.96 -34.65
CA ILE B 311 -8.16 -10.23 -33.30
C ILE B 311 -9.12 -11.16 -32.58
N LYS B 312 -10.41 -10.91 -32.74
CA LYS B 312 -11.46 -11.74 -32.12
C LYS B 312 -11.32 -13.20 -32.55
N ALA B 313 -10.88 -13.43 -33.78
CA ALA B 313 -10.61 -14.76 -34.28
C ALA B 313 -9.34 -15.32 -33.66
N GLY B 314 -8.30 -14.48 -33.59
CA GLY B 314 -7.04 -14.86 -32.96
C GLY B 314 -7.25 -15.50 -31.61
N ALA B 315 -8.15 -14.90 -30.82
CA ALA B 315 -8.51 -15.42 -29.51
C ALA B 315 -9.19 -16.78 -29.60
N LYS B 316 -10.02 -16.94 -30.64
CA LYS B 316 -10.68 -18.21 -30.91
C LYS B 316 -9.65 -19.25 -31.27
N ARG B 317 -8.79 -18.90 -32.23
CA ARG B 317 -7.74 -19.79 -32.70
C ARG B 317 -6.83 -20.24 -31.58
N LEU B 318 -6.47 -19.31 -30.71
CA LEU B 318 -5.73 -19.65 -29.52
C LEU B 318 -6.49 -20.67 -28.65
N SER B 319 -7.75 -20.38 -28.39
CA SER B 319 -8.63 -21.26 -27.62
C SER B 319 -8.67 -22.67 -28.19
N ASP B 320 -8.70 -22.76 -29.52
CA ASP B 320 -8.65 -24.05 -30.17
C ASP B 320 -7.37 -24.83 -29.84
N PHE B 321 -6.23 -24.17 -30.01
CA PHE B 321 -4.91 -24.77 -29.75
C PHE B 321 -4.85 -25.39 -28.35
N PHE B 322 -5.39 -24.69 -27.37
CA PHE B 322 -5.42 -25.20 -25.99
C PHE B 322 -6.39 -26.36 -25.86
N SER B 323 -7.62 -26.11 -26.27
CA SER B 323 -8.71 -27.06 -26.08
C SER B 323 -8.54 -28.33 -26.87
N LYS B 324 -7.70 -28.29 -27.90
CA LYS B 324 -7.54 -29.45 -28.74
C LYS B 324 -6.16 -30.09 -28.66
N GLN B 325 -5.11 -29.31 -28.41
CA GLN B 325 -3.75 -29.89 -28.31
C GLN B 325 -3.30 -30.10 -26.87
N LEU B 326 -3.54 -29.08 -26.06
CA LEU B 326 -3.08 -29.08 -24.69
C LEU B 326 -4.12 -29.67 -23.75
N LEU B 327 -5.30 -30.02 -24.25
CA LEU B 327 -6.34 -30.63 -23.38
C LEU B 327 -5.87 -31.93 -22.76
N TRP B 328 -5.19 -32.76 -23.54
CA TRP B 328 -4.67 -34.01 -23.02
C TRP B 328 -3.62 -33.79 -21.94
N VAL B 329 -2.74 -32.81 -22.18
CA VAL B 329 -1.75 -32.39 -21.19
C VAL B 329 -2.41 -31.94 -19.90
N LEU B 330 -3.41 -31.08 -20.04
CA LEU B 330 -4.13 -30.52 -18.91
C LEU B 330 -4.69 -31.62 -18.01
N MET B 331 -5.30 -32.62 -18.64
CA MET B 331 -5.89 -33.72 -17.89
C MET B 331 -4.86 -34.47 -17.05
N VAL B 332 -3.64 -34.67 -17.58
CA VAL B 332 -2.56 -35.31 -16.81
C VAL B 332 -2.32 -34.53 -15.54
N GLY B 333 -2.34 -33.21 -15.65
CA GLY B 333 -2.19 -32.33 -14.50
C GLY B 333 -3.40 -32.32 -13.58
N VAL B 334 -4.58 -32.38 -14.17
CA VAL B 334 -5.81 -32.38 -13.40
C VAL B 334 -5.95 -33.66 -12.60
N GLY B 335 -5.60 -34.78 -13.22
CA GLY B 335 -5.61 -36.06 -12.53
C GLY B 335 -4.60 -36.18 -11.40
N VAL B 336 -3.53 -35.39 -11.47
CA VAL B 336 -2.50 -35.41 -10.45
C VAL B 336 -2.91 -34.56 -9.29
N CYS B 337 -3.20 -33.28 -9.54
CA CYS B 337 -3.26 -32.33 -8.46
C CYS B 337 -4.64 -32.27 -7.84
N TYR B 338 -5.69 -32.30 -8.67
CA TYR B 338 -7.03 -31.99 -8.15
C TYR B 338 -7.93 -33.20 -8.01
N THR B 339 -7.33 -34.30 -7.54
CA THR B 339 -7.98 -35.59 -7.36
C THR B 339 -7.19 -36.49 -6.41
N ASP B 340 -7.30 -36.23 -5.12
CA ASP B 340 -6.63 -37.09 -4.15
C ASP B 340 -7.47 -38.34 -3.92
N LEU B 341 -7.07 -39.45 -4.55
CA LEU B 341 -7.82 -40.71 -4.45
C LEU B 341 -7.85 -41.29 -3.04
N GLN B 342 -6.90 -40.93 -2.19
CA GLN B 342 -6.86 -41.47 -0.83
C GLN B 342 -7.98 -40.87 0.05
N GLU B 343 -8.24 -39.57 -0.10
CA GLU B 343 -9.31 -38.91 0.67
C GLU B 343 -10.70 -39.38 0.25
N ILE B 344 -10.85 -39.70 -1.04
CA ILE B 344 -12.10 -40.29 -1.55
C ILE B 344 -12.35 -41.60 -0.82
N ILE B 345 -11.36 -42.51 -0.87
CA ILE B 345 -11.40 -43.84 -0.22
C ILE B 345 -11.84 -43.70 1.23
N ASN B 346 -11.29 -42.70 1.92
CA ASN B 346 -11.63 -42.43 3.32
C ASN B 346 -13.09 -42.06 3.54
N ALA B 347 -13.85 -41.81 2.46
CA ALA B 347 -15.26 -41.54 2.55
C ALA B 347 -16.13 -42.30 1.53
N ILE B 348 -15.61 -43.42 1.02
CA ILE B 348 -16.38 -44.26 0.11
C ILE B 348 -17.15 -45.28 0.95
N THR B 349 -17.96 -44.82 1.90
CA THR B 349 -19.00 -45.68 2.45
C THR B 349 -20.08 -45.70 1.38
N PHE B 350 -20.61 -46.89 1.09
CA PHE B 350 -21.76 -47.03 0.19
C PHE B 350 -22.72 -45.86 0.32
N ALA B 351 -22.97 -45.43 1.57
CA ALA B 351 -23.89 -44.34 1.84
C ALA B 351 -23.57 -43.06 1.09
N ASN B 352 -22.37 -42.53 1.28
CA ASN B 352 -21.96 -41.25 0.66
C ASN B 352 -21.96 -41.33 -0.86
N VAL B 353 -21.46 -42.45 -1.37
CA VAL B 353 -21.38 -42.72 -2.80
C VAL B 353 -22.76 -42.52 -3.44
N VAL B 354 -23.77 -43.11 -2.79
CA VAL B 354 -25.15 -43.08 -3.29
C VAL B 354 -25.77 -41.70 -3.09
N ILE B 355 -25.73 -41.19 -1.85
CA ILE B 355 -26.29 -39.87 -1.49
C ILE B 355 -25.73 -38.81 -2.43
N ALA B 356 -24.40 -38.78 -2.57
CA ALA B 356 -23.72 -37.82 -3.45
C ALA B 356 -24.22 -37.90 -4.89
N ALA B 357 -24.17 -39.11 -5.46
CA ALA B 357 -24.61 -39.35 -6.85
C ALA B 357 -26.01 -38.81 -7.09
N ILE B 358 -26.93 -39.14 -6.18
CA ILE B 358 -28.34 -38.70 -6.30
C ILE B 358 -28.49 -37.17 -6.24
N ILE B 359 -27.74 -36.51 -5.36
CA ILE B 359 -27.75 -35.04 -5.30
C ILE B 359 -27.36 -34.44 -6.67
N VAL B 360 -26.38 -35.05 -7.34
CA VAL B 360 -25.94 -34.66 -8.70
C VAL B 360 -27.11 -34.80 -9.67
N ILE B 361 -27.77 -35.95 -9.59
CA ILE B 361 -28.94 -36.25 -10.42
C ILE B 361 -30.05 -35.21 -10.16
N GLY B 362 -30.22 -34.83 -8.89
CA GLY B 362 -31.12 -33.75 -8.52
C GLY B 362 -30.78 -32.44 -9.19
N ALA B 363 -29.48 -32.15 -9.30
CA ALA B 363 -29.00 -30.95 -10.00
C ALA B 363 -29.24 -31.05 -11.50
N VAL B 364 -29.04 -32.24 -12.06
CA VAL B 364 -29.26 -32.51 -13.49
C VAL B 364 -30.70 -32.20 -13.85
N LEU B 365 -31.63 -32.85 -13.14
CA LEU B 365 -33.05 -32.72 -13.43
C LEU B 365 -33.53 -31.31 -13.09
N GLY B 366 -32.97 -30.72 -12.03
CA GLY B 366 -33.28 -29.35 -11.63
C GLY B 366 -32.93 -28.31 -12.67
N ALA B 367 -31.71 -28.42 -13.22
CA ALA B 367 -31.24 -27.51 -14.26
C ALA B 367 -31.85 -27.84 -15.63
N ALA B 368 -32.18 -29.12 -15.85
CA ALA B 368 -32.85 -29.54 -17.10
C ALA B 368 -34.25 -28.92 -17.20
N ILE B 369 -35.02 -29.08 -16.14
CA ILE B 369 -36.38 -28.53 -16.10
C ILE B 369 -36.33 -27.01 -16.17
N GLY B 370 -35.50 -26.39 -15.33
CA GLY B 370 -35.38 -24.95 -15.30
C GLY B 370 -35.03 -24.35 -16.64
N GLY B 371 -33.98 -24.88 -17.27
CA GLY B 371 -33.53 -24.40 -18.58
C GLY B 371 -34.57 -24.58 -19.66
N TRP B 372 -35.21 -25.75 -19.69
CA TRP B 372 -36.33 -26.01 -20.59
C TRP B 372 -37.41 -24.91 -20.49
N LEU B 373 -37.70 -24.50 -19.25
CA LEU B 373 -38.67 -23.42 -18.97
C LEU B 373 -38.13 -22.05 -19.39
N MET B 374 -36.82 -21.87 -19.30
CA MET B 374 -36.17 -20.62 -19.70
C MET B 374 -35.86 -20.49 -21.19
N GLY B 375 -35.93 -21.60 -21.93
CA GLY B 375 -35.76 -21.60 -23.39
C GLY B 375 -34.47 -22.23 -23.90
N PHE B 376 -33.67 -22.77 -22.99
CA PHE B 376 -32.42 -23.42 -23.34
C PHE B 376 -32.70 -24.90 -23.60
N PHE B 377 -31.72 -25.56 -24.21
CA PHE B 377 -31.78 -26.99 -24.43
C PHE B 377 -31.55 -27.73 -23.11
N PRO B 378 -32.43 -28.68 -22.78
CA PRO B 378 -32.33 -29.34 -21.48
C PRO B 378 -30.98 -30.02 -21.20
N ILE B 379 -30.42 -30.70 -22.20
CA ILE B 379 -29.15 -31.41 -22.02
C ILE B 379 -28.05 -30.43 -21.64
N GLU B 380 -27.92 -29.37 -22.43
CA GLU B 380 -26.91 -28.33 -22.19
C GLU B 380 -27.12 -27.60 -20.87
N SER B 381 -28.38 -27.34 -20.54
CA SER B 381 -28.73 -26.71 -19.27
C SER B 381 -28.31 -27.55 -18.07
N ALA B 382 -28.59 -28.85 -18.13
CA ALA B 382 -28.18 -29.78 -17.08
C ALA B 382 -26.65 -29.90 -16.90
N ILE B 383 -25.91 -29.67 -17.98
CA ILE B 383 -24.45 -29.68 -17.95
C ILE B 383 -23.89 -28.39 -17.35
N THR B 384 -24.32 -27.26 -17.89
CA THR B 384 -23.75 -25.95 -17.53
C THR B 384 -24.25 -25.48 -16.17
N ALA B 385 -25.58 -25.44 -16.02
CA ALA B 385 -26.20 -25.01 -14.76
C ALA B 385 -26.39 -26.12 -13.72
N GLY B 386 -26.15 -27.39 -14.11
CA GLY B 386 -26.33 -28.53 -13.21
C GLY B 386 -25.01 -29.16 -12.80
N LEU B 387 -24.40 -29.92 -13.72
CA LEU B 387 -23.16 -30.66 -13.40
C LEU B 387 -21.97 -29.75 -13.11
N CYS B 388 -21.91 -28.62 -13.81
CA CYS B 388 -20.86 -27.64 -13.58
C CYS B 388 -20.94 -26.88 -12.24
N MET B 389 -22.09 -26.96 -11.58
CA MET B 389 -22.23 -26.51 -10.20
C MET B 389 -21.66 -27.53 -9.23
N ALA B 390 -22.06 -28.79 -9.43
CA ALA B 390 -21.78 -29.92 -8.52
C ALA B 390 -20.35 -30.48 -8.66
N ASN B 391 -19.70 -30.11 -9.75
CA ASN B 391 -18.30 -30.45 -9.98
C ASN B 391 -17.35 -29.67 -9.07
N ARG B 392 -16.07 -30.02 -9.14
CA ARG B 392 -15.02 -29.32 -8.37
C ARG B 392 -14.54 -28.02 -9.06
N GLY B 393 -15.50 -27.13 -9.27
CA GLY B 393 -15.24 -25.77 -9.77
C GLY B 393 -14.53 -25.74 -11.10
N GLY B 394 -13.42 -24.99 -11.18
CA GLY B 394 -12.71 -24.76 -12.43
C GLY B 394 -12.01 -25.98 -12.99
N SER B 395 -11.22 -26.63 -12.15
CA SER B 395 -10.62 -27.91 -12.53
C SER B 395 -11.70 -28.87 -12.97
N GLY B 396 -12.80 -28.91 -12.23
CA GLY B 396 -13.95 -29.74 -12.56
C GLY B 396 -14.61 -29.45 -13.90
N ASP B 397 -14.85 -28.17 -14.17
CA ASP B 397 -15.49 -27.75 -15.42
C ASP B 397 -14.75 -28.36 -16.61
N LEU B 398 -13.44 -28.22 -16.60
CA LEU B 398 -12.59 -28.80 -17.64
C LEU B 398 -12.75 -30.32 -17.72
N GLU B 399 -12.82 -30.97 -16.56
CA GLU B 399 -13.04 -32.41 -16.49
C GLU B 399 -14.42 -32.81 -17.05
N VAL B 400 -15.46 -32.02 -16.73
CA VAL B 400 -16.85 -32.30 -17.17
C VAL B 400 -17.03 -31.99 -18.65
N LEU B 401 -16.72 -30.76 -19.04
CA LEU B 401 -16.91 -30.33 -20.41
C LEU B 401 -16.11 -31.14 -21.42
N SER B 402 -15.00 -31.73 -21.00
CA SER B 402 -14.23 -32.62 -21.87
C SER B 402 -14.86 -34.02 -22.00
N ALA B 403 -15.66 -34.41 -21.00
CA ALA B 403 -16.38 -35.71 -21.05
C ALA B 403 -17.60 -35.67 -21.99
N CYS B 404 -18.23 -34.50 -22.12
CA CYS B 404 -19.35 -34.32 -23.07
C CYS B 404 -19.00 -33.55 -24.35
N ASN B 405 -17.73 -33.24 -24.55
CA ASN B 405 -17.24 -32.58 -25.75
C ASN B 405 -17.86 -31.22 -26.05
N ARG B 406 -18.32 -30.55 -24.99
CA ARG B 406 -18.98 -29.24 -25.10
C ARG B 406 -18.06 -28.15 -24.49
N MET B 407 -16.75 -28.31 -24.73
CA MET B 407 -15.71 -27.43 -24.17
C MET B 407 -15.94 -25.96 -24.48
N ASN B 408 -16.61 -25.67 -25.59
CA ASN B 408 -17.06 -24.32 -25.91
C ASN B 408 -18.03 -23.64 -24.93
N LEU B 409 -18.53 -24.37 -23.92
CA LEU B 409 -19.40 -23.80 -22.90
C LEU B 409 -18.66 -23.45 -21.61
N ILE B 410 -17.33 -23.49 -21.68
CA ILE B 410 -16.48 -23.11 -20.56
C ILE B 410 -16.91 -21.83 -19.89
N SER B 411 -17.28 -20.83 -20.68
CA SER B 411 -17.65 -19.54 -20.17
C SER B 411 -18.87 -19.65 -19.27
N TYR B 412 -19.86 -20.43 -19.72
CA TYR B 412 -21.07 -20.67 -18.92
C TYR B 412 -20.72 -21.46 -17.66
N ALA B 413 -19.97 -22.55 -17.85
CA ALA B 413 -19.56 -23.41 -16.72
C ALA B 413 -18.91 -22.59 -15.62
N GLN B 414 -18.08 -21.63 -16.01
CA GLN B 414 -17.42 -20.75 -15.05
C GLN B 414 -18.41 -19.85 -14.35
N ILE B 415 -19.43 -19.37 -15.06
CA ILE B 415 -20.47 -18.54 -14.41
C ILE B 415 -21.10 -19.30 -13.22
N SER B 416 -21.40 -20.58 -13.43
CA SER B 416 -21.92 -21.43 -12.36
C SER B 416 -20.92 -21.66 -11.23
N SER B 417 -19.71 -22.07 -11.60
CA SER B 417 -18.67 -22.34 -10.62
C SER B 417 -18.23 -21.10 -9.83
N ARG B 418 -18.27 -19.93 -10.46
CA ARG B 418 -17.81 -18.70 -9.82
C ARG B 418 -18.94 -17.88 -9.26
N LEU B 419 -19.82 -17.36 -10.12
CA LEU B 419 -20.93 -16.55 -9.67
C LEU B 419 -21.92 -17.43 -8.91
N GLY B 420 -22.26 -18.58 -9.51
CA GLY B 420 -23.15 -19.53 -8.87
C GLY B 420 -22.58 -20.09 -7.58
N GLY B 421 -21.24 -20.22 -7.50
CA GLY B 421 -20.56 -20.58 -6.26
C GLY B 421 -20.67 -19.52 -5.18
N GLY B 422 -20.53 -18.26 -5.57
CA GLY B 422 -20.78 -17.11 -4.69
C GLY B 422 -22.21 -17.01 -4.17
N ILE B 423 -23.16 -17.50 -4.97
CA ILE B 423 -24.56 -17.58 -4.55
C ILE B 423 -24.73 -18.64 -3.48
N VAL B 424 -24.08 -19.80 -3.68
CA VAL B 424 -24.09 -20.90 -2.72
C VAL B 424 -23.66 -20.40 -1.35
N LEU B 425 -22.68 -19.51 -1.32
CA LEU B 425 -22.20 -18.94 -0.06
C LEU B 425 -23.26 -18.13 0.67
N VAL B 426 -23.99 -17.29 -0.05
CA VAL B 426 -25.04 -16.47 0.56
C VAL B 426 -26.13 -17.40 1.12
N ILE B 427 -26.55 -18.36 0.32
CA ILE B 427 -27.54 -19.36 0.72
C ILE B 427 -27.02 -20.13 1.93
N ALA B 428 -25.74 -20.50 1.88
CA ALA B 428 -25.10 -21.25 2.94
C ALA B 428 -25.11 -20.50 4.27
N SER B 429 -24.79 -19.22 4.23
CA SER B 429 -24.77 -18.40 5.43
C SER B 429 -26.14 -18.47 6.09
N ILE B 430 -27.19 -18.32 5.28
CA ILE B 430 -28.57 -18.35 5.79
C ILE B 430 -28.93 -19.73 6.37
N VAL B 431 -28.59 -20.79 5.65
CA VAL B 431 -28.85 -22.17 6.08
C VAL B 431 -28.14 -22.39 7.40
N PHE B 432 -26.86 -22.01 7.45
CA PHE B 432 -26.00 -22.24 8.61
C PHE B 432 -26.55 -21.48 9.83
N GLY B 433 -26.92 -20.23 9.63
CA GLY B 433 -27.51 -19.42 10.69
C GLY B 433 -28.75 -20.07 11.26
N PHE C 11 -1.55 4.66 -35.02
CA PHE C 11 -1.08 3.29 -35.33
C PHE C 11 -1.49 2.27 -34.24
N LYS C 12 -1.01 1.06 -34.44
CA LYS C 12 -1.30 -0.08 -33.59
C LYS C 12 -0.02 -0.50 -32.86
N ILE C 13 -0.16 -0.77 -31.58
CA ILE C 13 1.00 -1.15 -30.80
C ILE C 13 0.92 -2.66 -30.63
N PHE C 14 1.91 -3.38 -31.18
CA PHE C 14 1.98 -4.85 -31.10
C PHE C 14 0.74 -5.46 -31.75
N GLY C 15 0.37 -4.95 -32.93
CA GLY C 15 -0.87 -5.37 -33.62
C GLY C 15 -2.16 -5.11 -32.88
N MET C 16 -2.13 -4.14 -31.96
CA MET C 16 -3.29 -3.76 -31.17
C MET C 16 -3.53 -2.27 -31.43
N PRO C 17 -4.74 -1.93 -31.90
CA PRO C 17 -5.03 -0.52 -32.04
C PRO C 17 -4.89 0.28 -30.73
N LEU C 18 -4.40 1.52 -30.85
CA LEU C 18 -4.14 2.39 -29.69
C LEU C 18 -5.23 2.39 -28.62
N PRO C 19 -6.53 2.46 -29.02
CA PRO C 19 -7.63 2.29 -28.05
C PRO C 19 -7.55 1.00 -27.23
N LEU C 20 -7.40 -0.13 -27.92
CA LEU C 20 -7.29 -1.42 -27.25
C LEU C 20 -6.05 -1.48 -26.35
N TYR C 21 -4.90 -1.07 -26.90
CA TYR C 21 -3.65 -1.09 -26.14
C TYR C 21 -3.83 -0.27 -24.86
N ALA C 22 -4.52 0.85 -24.95
CA ALA C 22 -4.78 1.68 -23.79
C ALA C 22 -5.52 0.92 -22.70
N PHE C 23 -6.54 0.16 -23.09
CA PHE C 23 -7.26 -0.72 -22.16
C PHE C 23 -6.29 -1.57 -21.37
N ALA C 24 -5.34 -2.18 -22.06
CA ALA C 24 -4.33 -3.04 -21.44
C ALA C 24 -3.36 -2.22 -20.58
N LEU C 25 -2.86 -1.13 -21.15
CA LEU C 25 -1.96 -0.24 -20.42
C LEU C 25 -2.60 0.33 -19.15
N ILE C 26 -3.90 0.64 -19.22
CA ILE C 26 -4.69 0.98 -18.04
C ILE C 26 -4.63 -0.14 -17.00
N THR C 27 -4.93 -1.36 -17.44
CA THR C 27 -4.94 -2.51 -16.57
C THR C 27 -3.58 -2.69 -15.91
N LEU C 28 -2.51 -2.60 -16.69
CA LEU C 28 -1.16 -2.72 -16.15
C LEU C 28 -0.95 -1.78 -14.98
N LEU C 29 -1.40 -0.55 -15.16
CA LEU C 29 -1.23 0.48 -14.16
C LEU C 29 -2.14 0.25 -12.95
N LEU C 30 -3.35 -0.25 -13.16
CA LEU C 30 -4.20 -0.64 -12.05
C LEU C 30 -3.51 -1.69 -11.19
N SER C 31 -3.01 -2.76 -11.81
CA SER C 31 -2.21 -3.82 -11.11
C SER C 31 -0.99 -3.27 -10.42
N HIS C 32 -0.37 -2.30 -11.06
CA HIS C 32 0.80 -1.65 -10.55
C HIS C 32 0.50 -0.83 -9.32
N PHE C 33 -0.38 0.16 -9.45
CA PHE C 33 -0.68 1.07 -8.33
C PHE C 33 -1.48 0.43 -7.19
N TYR C 34 -2.47 -0.41 -7.49
CA TYR C 34 -3.15 -1.20 -6.43
C TYR C 34 -2.30 -2.34 -5.83
N ASN C 35 -1.16 -2.65 -6.46
CA ASN C 35 -0.27 -3.72 -6.00
C ASN C 35 -1.03 -5.06 -5.90
N ALA C 36 -1.74 -5.39 -6.97
CA ALA C 36 -2.50 -6.62 -7.07
C ALA C 36 -2.10 -7.31 -8.36
N LEU C 37 -1.43 -8.45 -8.21
CA LEU C 37 -0.89 -9.16 -9.34
C LEU C 37 -0.57 -10.59 -8.94
N PRO C 38 -1.06 -11.57 -9.68
CA PRO C 38 -0.64 -12.94 -9.39
C PRO C 38 0.81 -13.17 -9.82
N THR C 39 1.63 -13.70 -8.92
CA THR C 39 3.04 -13.93 -9.23
C THR C 39 3.24 -15.25 -10.00
N ASP C 40 2.55 -15.39 -11.14
CA ASP C 40 2.53 -16.64 -11.92
C ASP C 40 2.64 -16.35 -13.42
N ILE C 41 2.47 -17.37 -14.27
CA ILE C 41 2.46 -17.20 -15.73
C ILE C 41 1.49 -16.14 -16.22
N VAL C 42 0.25 -16.20 -15.75
CA VAL C 42 -0.78 -15.31 -16.24
C VAL C 42 -0.40 -13.87 -15.92
N GLY C 43 -0.18 -13.59 -14.64
CA GLY C 43 0.25 -12.27 -14.22
C GLY C 43 1.50 -11.81 -14.95
N GLY C 44 2.47 -12.72 -15.10
CA GLY C 44 3.75 -12.42 -15.74
C GLY C 44 3.56 -11.99 -17.18
N PHE C 45 3.13 -12.93 -18.03
CA PHE C 45 2.87 -12.63 -19.43
C PHE C 45 2.04 -11.35 -19.61
N ALA C 46 1.05 -11.13 -18.75
CA ALA C 46 0.22 -9.94 -18.86
C ALA C 46 1.07 -8.68 -18.86
N ILE C 47 1.96 -8.60 -17.86
CA ILE C 47 2.84 -7.45 -17.72
C ILE C 47 3.84 -7.42 -18.84
N MET C 48 4.52 -8.55 -19.02
CA MET C 48 5.59 -8.65 -19.98
C MET C 48 5.09 -8.27 -21.37
N PHE C 49 3.92 -8.78 -21.75
CA PHE C 49 3.36 -8.46 -23.07
C PHE C 49 3.20 -6.97 -23.25
N ILE C 50 2.58 -6.33 -22.26
CA ILE C 50 2.25 -4.91 -22.33
C ILE C 50 3.52 -4.06 -22.31
N ILE C 51 4.37 -4.29 -21.33
CA ILE C 51 5.60 -3.52 -21.21
C ILE C 51 6.45 -3.68 -22.46
N GLY C 52 6.64 -4.93 -22.86
CA GLY C 52 7.40 -5.24 -24.06
C GLY C 52 6.83 -4.54 -25.27
N ALA C 53 5.51 -4.54 -25.37
CA ALA C 53 4.82 -3.94 -26.51
C ALA C 53 5.15 -2.45 -26.68
N ILE C 54 4.99 -1.66 -25.62
CA ILE C 54 5.23 -0.22 -25.70
C ILE C 54 6.69 0.08 -26.01
N PHE C 55 7.61 -0.47 -25.22
CA PHE C 55 9.01 -0.15 -25.38
C PHE C 55 9.59 -0.80 -26.60
N GLY C 56 8.98 -1.89 -27.03
CA GLY C 56 9.29 -2.51 -28.30
C GLY C 56 9.07 -1.53 -29.44
N GLU C 57 7.86 -0.96 -29.49
CA GLU C 57 7.53 0.02 -30.53
C GLU C 57 8.45 1.22 -30.42
N ILE C 58 8.59 1.76 -29.20
CA ILE C 58 9.44 2.91 -28.97
C ILE C 58 10.83 2.66 -29.54
N GLY C 59 11.47 1.57 -29.12
CA GLY C 59 12.81 1.20 -29.64
C GLY C 59 12.84 0.94 -31.13
N LYS C 60 11.73 0.44 -31.65
CA LYS C 60 11.56 0.25 -33.08
C LYS C 60 11.56 1.59 -33.86
N ARG C 61 11.17 2.69 -33.22
CA ARG C 61 11.02 4.00 -33.88
C ARG C 61 11.90 5.15 -33.32
N LEU C 62 12.70 4.90 -32.27
CA LEU C 62 13.69 5.90 -31.84
C LEU C 62 14.68 6.15 -32.95
N PRO C 63 14.99 7.41 -33.22
CA PRO C 63 15.72 7.68 -34.45
C PRO C 63 17.11 7.06 -34.42
N ILE C 64 17.94 7.54 -33.51
CA ILE C 64 19.34 7.12 -33.39
C ILE C 64 19.33 5.71 -32.85
N PHE C 65 18.46 5.52 -31.86
CA PHE C 65 18.38 4.30 -31.09
C PHE C 65 17.92 3.09 -31.91
N ASN C 66 16.94 3.32 -32.80
CA ASN C 66 16.48 2.34 -33.77
C ASN C 66 17.29 2.46 -35.07
N LYS C 67 18.16 1.47 -35.22
CA LYS C 67 19.06 1.28 -36.34
C LYS C 67 18.88 -0.22 -36.66
N TYR C 68 18.75 -0.51 -37.94
CA TYR C 68 18.58 -1.88 -38.39
C TYR C 68 17.41 -2.51 -37.60
N ILE C 69 17.59 -3.72 -37.09
CA ILE C 69 16.59 -4.38 -36.24
C ILE C 69 16.88 -4.35 -34.74
N GLY C 70 17.86 -3.55 -34.30
CA GLY C 70 18.30 -3.56 -32.89
C GLY C 70 17.39 -2.95 -31.87
N GLY C 71 16.65 -1.91 -32.28
CA GLY C 71 15.81 -1.12 -31.40
C GLY C 71 14.66 -1.84 -30.70
N ALA C 72 13.95 -2.71 -31.40
CA ALA C 72 12.89 -3.37 -30.73
C ALA C 72 13.34 -4.37 -29.66
N PRO C 73 14.35 -5.22 -29.97
CA PRO C 73 14.76 -6.13 -28.87
C PRO C 73 15.57 -5.49 -27.74
N VAL C 74 16.54 -4.64 -28.09
CA VAL C 74 17.43 -3.97 -27.13
C VAL C 74 16.74 -2.99 -26.17
N MET C 75 15.79 -2.22 -26.69
CA MET C 75 15.04 -1.25 -25.90
C MET C 75 14.40 -1.92 -24.72
N ILE C 76 13.59 -2.92 -24.99
CA ILE C 76 12.87 -3.63 -23.95
C ILE C 76 13.86 -4.14 -22.92
N PHE C 77 14.88 -4.83 -23.39
CA PHE C 77 15.92 -5.38 -22.56
C PHE C 77 16.58 -4.37 -21.62
N LEU C 78 17.11 -3.30 -22.18
CA LEU C 78 17.75 -2.26 -21.39
C LEU C 78 16.75 -1.55 -20.49
N VAL C 79 15.63 -1.16 -21.06
CA VAL C 79 14.56 -0.46 -20.32
C VAL C 79 14.15 -1.28 -19.13
N ALA C 80 13.86 -2.57 -19.37
CA ALA C 80 13.44 -3.47 -18.30
C ALA C 80 14.46 -3.53 -17.17
N ALA C 81 15.74 -3.59 -17.51
CA ALA C 81 16.81 -3.58 -16.50
C ALA C 81 16.82 -2.28 -15.68
N TYR C 82 16.62 -1.15 -16.37
CA TYR C 82 16.53 0.15 -15.72
C TYR C 82 15.33 0.24 -14.79
N PHE C 83 14.25 -0.44 -15.12
CA PHE C 83 13.08 -0.55 -14.24
C PHE C 83 13.38 -1.29 -12.94
N VAL C 84 14.20 -2.34 -13.02
CA VAL C 84 14.58 -3.08 -11.81
C VAL C 84 15.54 -2.24 -11.00
N TYR C 85 16.58 -1.74 -11.65
CA TYR C 85 17.59 -0.89 -11.02
C TYR C 85 16.99 0.34 -10.37
N ALA C 86 16.21 1.08 -11.14
CA ALA C 86 15.51 2.26 -10.61
C ALA C 86 14.32 1.91 -9.71
N GLY C 87 14.06 0.62 -9.49
CA GLY C 87 13.01 0.19 -8.58
C GLY C 87 11.63 0.52 -9.09
N ILE C 88 11.51 0.68 -10.39
CA ILE C 88 10.24 1.04 -11.00
C ILE C 88 9.26 -0.12 -10.85
N PHE C 89 9.74 -1.34 -11.08
CA PHE C 89 8.95 -2.56 -10.86
C PHE C 89 8.73 -2.79 -9.39
N THR C 90 7.57 -3.33 -9.04
CA THR C 90 7.33 -3.71 -7.66
C THR C 90 7.89 -5.10 -7.42
N GLN C 91 8.16 -5.38 -6.16
CA GLN C 91 8.75 -6.67 -5.83
C GLN C 91 7.91 -7.82 -6.36
N LYS C 92 6.59 -7.76 -6.18
CA LYS C 92 5.66 -8.74 -6.78
C LYS C 92 5.79 -8.82 -8.33
N GLU C 93 5.98 -7.69 -9.01
CA GLU C 93 6.14 -7.69 -10.48
C GLU C 93 7.42 -8.38 -10.87
N ILE C 94 8.49 -8.10 -10.14
CA ILE C 94 9.78 -8.75 -10.38
C ILE C 94 9.64 -10.24 -10.14
N ASP C 95 8.91 -10.58 -9.08
CA ASP C 95 8.64 -11.99 -8.72
C ASP C 95 7.88 -12.69 -9.83
N ALA C 96 6.82 -12.07 -10.32
CA ALA C 96 6.00 -12.62 -11.40
C ALA C 96 6.83 -12.92 -12.63
N ILE C 97 7.58 -11.93 -13.08
CA ILE C 97 8.48 -12.07 -14.23
C ILE C 97 9.54 -13.14 -13.96
N SER C 98 10.15 -13.07 -12.79
CA SER C 98 11.16 -14.04 -12.40
C SER C 98 10.59 -15.47 -12.33
N ASN C 99 9.38 -15.60 -11.79
CA ASN C 99 8.65 -16.87 -11.78
C ASN C 99 8.44 -17.50 -13.14
N VAL C 100 8.22 -16.68 -14.16
CA VAL C 100 8.08 -17.16 -15.52
C VAL C 100 9.43 -17.56 -16.10
N MET C 101 10.44 -16.74 -15.89
CA MET C 101 11.76 -16.98 -16.49
C MET C 101 12.54 -18.11 -15.84
N ASP C 102 12.50 -18.20 -14.50
CA ASP C 102 13.24 -19.23 -13.75
C ASP C 102 12.36 -20.37 -13.20
N LYS C 103 11.56 -20.11 -12.18
CA LYS C 103 10.77 -21.16 -11.52
C LYS C 103 9.94 -21.98 -12.50
N SER C 104 9.20 -21.30 -13.36
CA SER C 104 8.50 -21.93 -14.47
C SER C 104 9.47 -22.31 -15.62
N ASN C 105 10.56 -21.56 -15.77
CA ASN C 105 11.62 -21.81 -16.77
C ASN C 105 11.12 -21.68 -18.20
N PHE C 106 10.60 -20.51 -18.49
CA PHE C 106 10.23 -20.17 -19.85
C PHE C 106 11.47 -20.07 -20.72
N LEU C 107 12.58 -19.62 -20.14
CA LEU C 107 13.77 -19.35 -20.92
C LEU C 107 14.22 -20.57 -21.67
N ASN C 108 14.34 -21.68 -20.96
CA ASN C 108 14.80 -22.90 -21.59
C ASN C 108 13.83 -23.38 -22.67
N LEU C 109 12.55 -23.41 -22.33
CA LEU C 109 11.52 -23.78 -23.29
C LEU C 109 11.74 -22.99 -24.56
N PHE C 110 11.82 -21.67 -24.41
CA PHE C 110 12.03 -20.78 -25.55
C PHE C 110 13.19 -21.25 -26.40
N ILE C 111 14.36 -21.45 -25.78
CA ILE C 111 15.55 -21.87 -26.53
C ILE C 111 15.35 -23.26 -27.12
N ALA C 112 14.76 -24.15 -26.33
CA ALA C 112 14.45 -25.50 -26.78
C ALA C 112 13.60 -25.52 -28.04
N VAL C 113 12.56 -24.68 -28.07
CA VAL C 113 11.65 -24.56 -29.23
C VAL C 113 12.40 -24.05 -30.45
N LEU C 114 13.21 -23.01 -30.24
CA LEU C 114 14.03 -22.43 -31.30
C LEU C 114 14.96 -23.45 -31.91
N ILE C 115 15.79 -24.07 -31.08
CA ILE C 115 16.76 -25.08 -31.53
C ILE C 115 16.06 -26.14 -32.38
N THR C 116 15.00 -26.72 -31.82
CA THR C 116 14.25 -27.77 -32.50
C THR C 116 13.74 -27.32 -33.86
N GLY C 117 13.04 -26.18 -33.88
CA GLY C 117 12.50 -25.61 -35.12
C GLY C 117 13.55 -25.25 -36.16
N ALA C 118 14.68 -24.75 -35.71
CA ALA C 118 15.79 -24.36 -36.58
C ALA C 118 16.51 -25.56 -37.22
N ILE C 119 16.73 -26.61 -36.42
CA ILE C 119 17.40 -27.82 -36.90
C ILE C 119 16.48 -28.70 -37.75
N LEU C 120 15.23 -28.89 -37.32
CA LEU C 120 14.28 -29.71 -38.09
C LEU C 120 13.85 -29.07 -39.42
N SER C 121 14.15 -27.80 -39.64
CA SER C 121 13.87 -27.14 -40.91
C SER C 121 14.87 -27.53 -42.00
N VAL C 122 16.13 -27.78 -41.62
CA VAL C 122 17.22 -28.02 -42.63
C VAL C 122 17.33 -29.46 -43.14
N ASN C 123 18.01 -29.62 -44.28
CA ASN C 123 18.28 -30.94 -44.88
C ASN C 123 19.20 -31.74 -43.99
N ARG C 124 19.04 -33.07 -44.02
CA ARG C 124 19.82 -33.96 -43.16
C ARG C 124 21.31 -34.02 -43.49
N ARG C 125 21.67 -34.04 -44.77
CA ARG C 125 23.10 -34.10 -45.22
C ARG C 125 23.99 -32.87 -44.98
N LEU C 126 23.45 -31.69 -45.31
CA LEU C 126 24.16 -30.43 -45.12
C LEU C 126 24.60 -30.19 -43.69
N LEU C 127 23.95 -30.87 -42.73
CA LEU C 127 24.26 -30.76 -41.32
C LEU C 127 25.73 -30.95 -40.98
N LEU C 128 26.25 -32.15 -41.21
CA LEU C 128 27.64 -32.44 -40.80
C LEU C 128 28.71 -31.55 -41.46
N LYS C 129 28.36 -30.93 -42.60
CA LYS C 129 29.32 -30.11 -43.35
C LYS C 129 29.84 -28.91 -42.59
N SER C 130 28.94 -28.23 -41.89
CA SER C 130 29.29 -27.08 -41.08
C SER C 130 30.13 -27.44 -39.84
N LEU C 131 29.59 -28.31 -38.98
CA LEU C 131 30.16 -28.64 -37.64
C LEU C 131 31.67 -28.83 -37.60
N LEU C 132 32.20 -29.40 -38.67
CA LEU C 132 33.63 -29.67 -38.80
C LEU C 132 34.43 -28.37 -38.94
N GLY C 133 33.90 -27.40 -39.71
CA GLY C 133 34.57 -26.10 -39.87
C GLY C 133 34.23 -25.10 -38.76
N TYR C 134 33.15 -25.35 -37.99
CA TYR C 134 32.70 -24.40 -36.98
C TYR C 134 33.64 -24.37 -35.76
N ILE C 135 33.88 -25.53 -35.17
CA ILE C 135 34.66 -25.59 -33.92
C ILE C 135 36.03 -24.89 -34.01
N PRO C 136 36.77 -25.13 -35.10
CA PRO C 136 38.03 -24.40 -35.29
C PRO C 136 37.84 -22.89 -35.31
N THR C 137 36.81 -22.40 -35.99
CA THR C 137 36.45 -20.98 -35.99
C THR C 137 36.31 -20.44 -34.55
N ILE C 138 35.65 -21.21 -33.69
CA ILE C 138 35.50 -20.84 -32.26
C ILE C 138 36.86 -20.64 -31.62
N LEU C 139 37.76 -21.60 -31.85
CA LEU C 139 39.12 -21.56 -31.31
C LEU C 139 39.87 -20.35 -31.84
N MET C 140 39.67 -20.06 -33.12
CA MET C 140 40.19 -18.82 -33.74
C MET C 140 39.73 -17.57 -33.04
N GLY C 141 38.44 -17.54 -32.70
CA GLY C 141 37.84 -16.43 -31.95
C GLY C 141 38.46 -16.27 -30.56
N ILE C 142 38.69 -17.39 -29.87
CA ILE C 142 39.35 -17.40 -28.56
C ILE C 142 40.76 -16.82 -28.66
N VAL C 143 41.53 -17.29 -29.65
CA VAL C 143 42.91 -16.82 -29.89
C VAL C 143 42.90 -15.31 -30.01
N GLY C 144 42.04 -14.80 -30.89
CA GLY C 144 41.85 -13.37 -31.08
C GLY C 144 41.40 -12.63 -29.83
N ALA C 145 40.50 -13.27 -29.08
CA ALA C 145 40.04 -12.71 -27.80
C ALA C 145 41.16 -12.61 -26.77
N SER C 146 42.05 -13.61 -26.78
CA SER C 146 43.21 -13.64 -25.89
C SER C 146 44.28 -12.66 -26.36
N ILE C 147 44.63 -12.74 -27.65
CA ILE C 147 45.64 -11.87 -28.27
C ILE C 147 45.33 -10.39 -28.00
N PHE C 148 44.10 -9.98 -28.29
CA PHE C 148 43.67 -8.58 -28.04
C PHE C 148 43.61 -8.22 -26.57
N GLY C 149 43.08 -9.14 -25.75
CA GLY C 149 43.02 -8.95 -24.30
C GLY C 149 44.37 -8.70 -23.67
N ILE C 150 45.33 -9.57 -24.00
CA ILE C 150 46.72 -9.48 -23.52
C ILE C 150 47.29 -8.13 -23.95
N ALA C 151 47.11 -7.83 -25.24
CA ALA C 151 47.59 -6.58 -25.83
C ALA C 151 47.11 -5.35 -25.06
N ILE C 152 45.80 -5.24 -24.86
CA ILE C 152 45.22 -4.10 -24.12
C ILE C 152 45.53 -4.13 -22.61
N GLY C 153 45.67 -5.33 -22.05
CA GLY C 153 46.05 -5.50 -20.64
C GLY C 153 47.36 -4.83 -20.28
N LEU C 154 48.33 -4.97 -21.18
CA LEU C 154 49.65 -4.30 -21.04
C LEU C 154 49.57 -2.79 -21.16
N VAL C 155 48.65 -2.33 -22.01
CA VAL C 155 48.43 -0.88 -22.24
C VAL C 155 47.93 -0.17 -20.97
N PHE C 156 47.15 -0.87 -20.16
CA PHE C 156 46.68 -0.34 -18.89
C PHE C 156 47.58 -0.82 -17.73
N GLY C 157 48.70 -1.50 -18.04
CA GLY C 157 49.63 -2.06 -17.08
C GLY C 157 49.12 -3.32 -16.40
N ILE C 158 48.13 -3.97 -17.00
CA ILE C 158 47.44 -5.05 -16.33
C ILE C 158 48.26 -6.35 -16.52
N PRO C 159 48.49 -7.16 -15.43
CA PRO C 159 49.30 -8.38 -15.67
C PRO C 159 48.54 -9.37 -16.55
N VAL C 160 49.28 -10.14 -17.35
CA VAL C 160 48.64 -11.07 -18.30
C VAL C 160 47.78 -12.13 -17.60
N ASP C 161 48.27 -12.67 -16.49
CA ASP C 161 47.48 -13.67 -15.72
C ASP C 161 46.06 -13.20 -15.46
N ARG C 162 45.92 -11.96 -14.99
CA ARG C 162 44.61 -11.36 -14.69
C ARG C 162 43.77 -11.30 -15.95
N ILE C 163 44.44 -10.93 -17.03
CA ILE C 163 43.81 -10.80 -18.33
C ILE C 163 43.16 -12.11 -18.74
N MET C 164 43.86 -13.22 -18.57
CA MET C 164 43.31 -14.52 -18.93
C MET C 164 42.31 -15.04 -17.89
N MET C 165 42.62 -14.90 -16.61
CA MET C 165 41.79 -15.47 -15.54
C MET C 165 40.57 -14.62 -15.16
N LEU C 166 40.75 -13.30 -14.98
CA LEU C 166 39.65 -12.39 -14.61
C LEU C 166 38.97 -11.61 -15.74
N TYR C 167 39.50 -11.67 -16.96
CA TYR C 167 38.95 -10.92 -18.10
C TYR C 167 38.54 -11.82 -19.28
N VAL C 168 39.54 -12.41 -19.97
CA VAL C 168 39.31 -13.20 -21.20
C VAL C 168 38.44 -14.43 -20.93
N LEU C 169 38.99 -15.40 -20.18
CA LEU C 169 38.29 -16.66 -19.90
C LEU C 169 36.83 -16.47 -19.45
N PRO C 170 36.56 -15.58 -18.47
CA PRO C 170 35.18 -15.42 -18.02
C PRO C 170 34.24 -14.89 -19.09
N ILE C 171 34.72 -13.94 -19.91
CA ILE C 171 33.91 -13.36 -20.99
C ILE C 171 33.53 -14.44 -22.01
N MET C 172 34.54 -15.16 -22.50
CA MET C 172 34.36 -16.22 -23.48
C MET C 172 33.58 -17.41 -22.92
N GLY C 173 33.72 -17.62 -21.61
CA GLY C 173 32.96 -18.66 -20.92
C GLY C 173 31.47 -18.63 -21.18
N GLY C 174 30.83 -19.79 -21.11
CA GLY C 174 29.44 -19.93 -21.54
C GLY C 174 28.42 -19.39 -20.56
N GLY C 175 28.68 -18.22 -20.00
CA GLY C 175 27.69 -17.47 -19.23
C GLY C 175 27.83 -17.55 -17.73
N ASN C 176 26.72 -17.30 -17.05
CA ASN C 176 26.66 -17.29 -15.60
C ASN C 176 26.80 -18.70 -15.09
N GLY C 177 25.83 -19.56 -15.41
CA GLY C 177 25.83 -20.93 -14.94
C GLY C 177 27.01 -21.71 -15.50
N ALA C 178 27.26 -21.56 -16.80
CA ALA C 178 28.31 -22.32 -17.50
C ALA C 178 29.73 -21.87 -17.18
N GLY C 179 29.99 -20.57 -17.02
CA GLY C 179 31.37 -20.07 -16.80
C GLY C 179 31.70 -19.50 -15.44
N ALA C 180 30.92 -18.50 -15.01
CA ALA C 180 31.13 -17.84 -13.70
C ALA C 180 31.00 -18.83 -12.55
N VAL C 181 29.99 -19.70 -12.66
CA VAL C 181 29.70 -20.73 -11.66
C VAL C 181 30.77 -21.83 -11.62
N PRO C 182 31.18 -22.36 -12.79
CA PRO C 182 32.23 -23.37 -12.79
C PRO C 182 33.67 -22.86 -12.86
N LEU C 183 33.90 -21.71 -13.49
CA LEU C 183 35.23 -21.12 -13.50
C LEU C 183 35.67 -20.71 -12.09
N SER C 184 34.74 -20.26 -11.25
CA SER C 184 35.07 -20.01 -9.83
C SER C 184 35.35 -21.32 -9.07
N GLU C 185 34.71 -22.41 -9.47
CA GLU C 185 34.99 -23.77 -8.95
C GLU C 185 36.41 -24.24 -9.30
N ILE C 186 36.81 -24.05 -10.55
CA ILE C 186 38.17 -24.40 -11.02
C ILE C 186 39.20 -23.46 -10.39
N TYR C 187 38.86 -22.18 -10.26
CA TYR C 187 39.71 -21.18 -9.57
C TYR C 187 40.02 -21.59 -8.12
N HIS C 188 38.98 -21.98 -7.39
CA HIS C 188 39.13 -22.44 -5.99
C HIS C 188 39.87 -23.80 -5.87
N SER C 189 39.64 -24.71 -6.82
CA SER C 189 40.34 -26.00 -6.88
C SER C 189 41.85 -25.91 -7.19
N VAL C 190 42.25 -24.88 -7.92
CA VAL C 190 43.65 -24.72 -8.38
C VAL C 190 44.39 -23.67 -7.54
N THR C 191 43.74 -22.56 -7.17
CA THR C 191 44.38 -21.53 -6.32
C THR C 191 44.12 -21.85 -4.86
N GLY C 192 42.85 -22.00 -4.50
CA GLY C 192 42.42 -22.13 -3.11
C GLY C 192 41.73 -20.89 -2.58
N ARG C 193 41.82 -19.78 -3.33
CA ARG C 193 41.16 -18.53 -2.96
C ARG C 193 39.65 -18.62 -3.14
N SER C 194 38.92 -17.77 -2.41
CA SER C 194 37.46 -17.83 -2.36
C SER C 194 36.84 -17.73 -3.75
N ARG C 195 35.69 -18.39 -3.90
CA ARG C 195 34.95 -18.36 -5.17
C ARG C 195 34.38 -16.97 -5.39
N GLU C 196 33.87 -16.37 -4.32
CA GLU C 196 33.22 -15.05 -4.39
C GLU C 196 34.15 -14.01 -4.94
N GLU C 197 35.39 -13.99 -4.44
CA GLU C 197 36.43 -13.11 -4.96
C GLU C 197 36.50 -13.14 -6.49
N TYR C 198 36.48 -14.34 -7.06
CA TYR C 198 36.52 -14.52 -8.53
C TYR C 198 35.18 -14.19 -9.16
N TYR C 199 34.15 -14.93 -8.74
CA TYR C 199 32.78 -14.84 -9.28
C TYR C 199 32.33 -13.39 -9.40
N SER C 200 32.40 -12.66 -8.30
CA SER C 200 31.95 -11.27 -8.24
C SER C 200 32.58 -10.39 -9.33
N THR C 201 33.89 -10.54 -9.54
CA THR C 201 34.60 -9.82 -10.60
C THR C 201 34.25 -10.36 -11.98
N ALA C 202 34.23 -11.70 -12.12
CA ALA C 202 33.90 -12.36 -13.39
C ALA C 202 32.48 -12.04 -13.87
N ILE C 203 31.49 -12.31 -13.03
CA ILE C 203 30.07 -12.02 -13.33
C ILE C 203 29.86 -10.56 -13.76
N ALA C 204 30.56 -9.65 -13.09
CA ALA C 204 30.44 -8.21 -13.37
C ALA C 204 31.00 -7.88 -14.75
N ILE C 205 32.24 -8.27 -14.98
CA ILE C 205 32.91 -8.00 -16.26
C ILE C 205 32.27 -8.68 -17.47
N LEU C 206 31.89 -9.95 -17.32
CA LEU C 206 31.24 -10.69 -18.40
C LEU C 206 29.95 -10.01 -18.83
N THR C 207 29.20 -9.46 -17.88
CA THR C 207 27.97 -8.73 -18.20
C THR C 207 28.26 -7.44 -18.95
N ILE C 208 29.34 -6.75 -18.61
CA ILE C 208 29.76 -5.54 -19.36
C ILE C 208 29.98 -5.92 -20.82
N ALA C 209 30.81 -6.94 -21.04
CA ALA C 209 31.10 -7.46 -22.39
C ALA C 209 29.84 -7.91 -23.14
N ASN C 210 28.95 -8.61 -22.42
CA ASN C 210 27.63 -8.98 -22.94
C ASN C 210 26.87 -7.78 -23.53
N ILE C 211 26.96 -6.61 -22.88
CA ILE C 211 26.31 -5.41 -23.41
C ILE C 211 27.02 -4.91 -24.66
N PHE C 212 28.35 -4.94 -24.67
CA PHE C 212 29.10 -4.63 -25.87
C PHE C 212 28.82 -5.60 -27.01
N ALA C 213 28.69 -6.88 -26.69
CA ALA C 213 28.37 -7.90 -27.69
C ALA C 213 27.08 -7.59 -28.43
N ILE C 214 26.06 -7.19 -27.67
CA ILE C 214 24.75 -6.85 -28.23
C ILE C 214 24.84 -5.56 -29.07
N VAL C 215 25.69 -4.62 -28.65
CA VAL C 215 25.91 -3.39 -29.42
C VAL C 215 26.62 -3.67 -30.74
N PHE C 216 27.72 -4.42 -30.70
CA PHE C 216 28.48 -4.75 -31.92
C PHE C 216 27.72 -5.68 -32.86
N ALA C 217 26.82 -6.49 -32.31
CA ALA C 217 25.91 -7.30 -33.13
C ALA C 217 25.11 -6.45 -34.10
N ALA C 218 24.56 -5.34 -33.61
CA ALA C 218 23.84 -4.38 -34.46
C ALA C 218 24.78 -3.59 -35.39
N VAL C 219 26.02 -3.37 -34.93
CA VAL C 219 27.06 -2.70 -35.74
C VAL C 219 27.49 -3.58 -36.92
N LEU C 220 27.74 -4.87 -36.67
CA LEU C 220 28.06 -5.83 -37.75
C LEU C 220 26.90 -6.05 -38.73
N ASP C 221 25.67 -5.83 -38.24
CA ASP C 221 24.47 -5.88 -39.08
C ASP C 221 24.48 -4.75 -40.10
N ILE C 222 24.75 -3.55 -39.61
CA ILE C 222 24.86 -2.35 -40.45
C ILE C 222 26.03 -2.50 -41.42
N ILE C 223 27.18 -2.95 -40.94
CA ILE C 223 28.36 -3.19 -41.79
C ILE C 223 28.09 -4.29 -42.82
N GLY C 224 27.31 -5.30 -42.43
CA GLY C 224 26.92 -6.37 -43.34
C GLY C 224 26.03 -5.93 -44.49
N LYS C 225 25.05 -5.10 -44.18
CA LYS C 225 24.16 -4.51 -45.18
C LYS C 225 24.80 -3.35 -45.94
N LYS C 226 25.87 -2.77 -45.40
CA LYS C 226 26.65 -1.73 -46.14
C LYS C 226 27.69 -2.35 -47.06
N HIS C 227 28.30 -3.45 -46.64
CA HIS C 227 29.33 -4.14 -47.42
C HIS C 227 28.91 -5.56 -47.65
N THR C 228 27.98 -5.72 -48.60
CA THR C 228 27.34 -7.01 -48.89
C THR C 228 28.27 -8.21 -49.03
N TRP C 229 29.50 -7.96 -49.46
CA TRP C 229 30.49 -9.02 -49.64
C TRP C 229 30.82 -9.79 -48.37
N LEU C 230 30.69 -9.13 -47.22
CA LEU C 230 31.00 -9.73 -45.92
C LEU C 230 29.85 -10.52 -45.36
N SER C 231 28.63 -10.03 -45.59
CA SER C 231 27.45 -10.62 -44.96
C SER C 231 26.87 -11.73 -45.83
N GLY C 232 26.21 -12.66 -45.14
CA GLY C 232 25.45 -13.74 -45.75
C GLY C 232 23.96 -13.49 -45.61
N GLU C 233 23.60 -12.36 -44.98
CA GLU C 233 22.21 -11.94 -44.84
C GLU C 233 21.40 -13.03 -44.08
N GLY C 234 21.99 -13.45 -42.96
CA GLY C 234 21.42 -14.48 -42.10
C GLY C 234 21.78 -15.91 -42.45
N GLU C 235 22.92 -16.13 -43.10
CA GLU C 235 23.34 -17.47 -43.45
C GLU C 235 24.82 -17.62 -43.20
N ILE C 253 0.14 -27.85 -42.80
CA ILE C 253 0.41 -27.49 -41.40
C ILE C 253 -0.88 -27.58 -40.54
N THR C 254 -0.77 -28.29 -39.41
CA THR C 254 -1.88 -28.40 -38.42
C THR C 254 -1.37 -27.91 -37.10
N HIS C 255 -2.27 -27.33 -36.30
CA HIS C 255 -1.93 -27.04 -34.93
C HIS C 255 -1.34 -28.28 -34.30
N ARG C 256 -2.01 -29.41 -34.53
CA ARG C 256 -1.50 -30.68 -34.10
C ARG C 256 -0.05 -30.82 -34.55
N GLU C 257 0.23 -30.50 -35.81
CA GLU C 257 1.61 -30.56 -36.31
C GLU C 257 2.46 -29.57 -35.54
N THR C 258 1.93 -28.36 -35.33
CA THR C 258 2.65 -27.37 -34.56
C THR C 258 2.75 -27.82 -33.09
N ALA C 259 1.69 -28.45 -32.60
CA ALA C 259 1.66 -28.99 -31.24
C ALA C 259 2.69 -30.08 -31.10
N VAL C 260 2.82 -30.93 -32.11
CA VAL C 260 3.84 -31.97 -32.11
C VAL C 260 5.24 -31.36 -32.05
N GLY C 261 5.43 -30.22 -32.72
CA GLY C 261 6.66 -29.45 -32.58
C GLY C 261 7.00 -29.14 -31.13
N LEU C 262 5.99 -28.75 -30.37
CA LEU C 262 6.15 -28.48 -28.95
C LEU C 262 6.53 -29.72 -28.16
N VAL C 263 5.89 -30.84 -28.48
CA VAL C 263 6.21 -32.12 -27.83
C VAL C 263 7.67 -32.44 -28.06
N LEU C 264 8.08 -32.37 -29.32
CA LEU C 264 9.45 -32.71 -29.71
C LEU C 264 10.45 -31.74 -29.10
N SER C 265 10.09 -30.46 -29.03
CA SER C 265 10.93 -29.44 -28.41
C SER C 265 11.26 -29.81 -26.96
N THR C 266 10.23 -30.17 -26.19
CA THR C 266 10.40 -30.52 -24.79
C THR C 266 11.06 -31.90 -24.64
N THR C 267 10.49 -32.90 -25.30
CA THR C 267 10.97 -34.28 -25.14
C THR C 267 12.44 -34.42 -25.57
N CYS C 268 12.87 -33.66 -26.58
CA CYS C 268 14.30 -33.62 -26.96
C CYS C 268 15.18 -33.00 -25.88
N PHE C 269 14.68 -31.94 -25.24
CA PHE C 269 15.39 -31.34 -24.11
C PHE C 269 15.48 -32.31 -22.94
N LEU C 270 14.42 -33.07 -22.71
CA LEU C 270 14.40 -34.03 -21.60
C LEU C 270 15.45 -35.09 -21.81
N LEU C 271 15.50 -35.64 -23.02
CA LEU C 271 16.49 -36.68 -23.34
C LEU C 271 17.88 -36.14 -23.09
N ALA C 272 18.19 -35.00 -23.71
CA ALA C 272 19.48 -34.33 -23.53
C ALA C 272 19.81 -34.14 -22.04
N TYR C 273 18.80 -33.72 -21.27
CA TYR C 273 18.96 -33.55 -19.82
C TYR C 273 19.33 -34.86 -19.12
N VAL C 274 18.56 -35.92 -19.39
CA VAL C 274 18.81 -37.25 -18.82
C VAL C 274 20.20 -37.77 -19.21
N VAL C 275 20.67 -37.40 -20.40
CA VAL C 275 22.00 -37.79 -20.88
C VAL C 275 23.10 -37.05 -20.13
N ALA C 276 22.99 -35.72 -20.06
CA ALA C 276 24.02 -34.89 -19.41
C ALA C 276 24.08 -35.05 -17.88
N LYS C 277 23.02 -35.56 -17.26
CA LYS C 277 22.98 -35.79 -15.80
C LYS C 277 23.44 -37.20 -15.40
N LYS C 278 22.88 -38.22 -16.05
CA LYS C 278 23.05 -39.61 -15.57
C LYS C 278 23.70 -40.58 -16.54
N ILE C 279 23.57 -40.36 -17.84
CA ILE C 279 24.10 -41.31 -18.84
C ILE C 279 25.50 -40.96 -19.34
N LEU C 280 25.67 -39.76 -19.85
CA LEU C 280 26.94 -39.38 -20.45
C LEU C 280 27.26 -37.94 -20.06
N PRO C 281 27.47 -37.71 -18.75
CA PRO C 281 27.65 -36.32 -18.28
C PRO C 281 28.85 -35.61 -18.92
N SER C 282 29.92 -36.37 -19.16
CA SER C 282 31.12 -35.88 -19.86
C SER C 282 31.67 -36.94 -20.82
N ILE C 283 31.89 -36.57 -22.09
CA ILE C 283 32.56 -37.46 -23.07
C ILE C 283 34.02 -37.71 -22.68
N GLY C 284 34.70 -36.66 -22.23
CA GLY C 284 36.14 -36.71 -22.01
C GLY C 284 36.53 -35.66 -20.98
N GLY C 285 37.59 -34.92 -21.28
CA GLY C 285 37.97 -33.74 -20.50
C GLY C 285 36.90 -32.66 -20.52
N VAL C 286 35.99 -32.72 -21.50
CA VAL C 286 34.83 -31.79 -21.58
C VAL C 286 33.59 -32.39 -20.90
N ALA C 287 32.92 -31.58 -20.08
CA ALA C 287 31.58 -31.89 -19.56
C ALA C 287 30.57 -31.28 -20.52
N ILE C 288 29.70 -32.12 -21.08
CA ILE C 288 28.77 -31.67 -22.10
C ILE C 288 27.48 -31.15 -21.44
N HIS C 289 27.25 -29.83 -21.55
CA HIS C 289 26.04 -29.17 -21.07
C HIS C 289 24.82 -29.71 -21.83
N TYR C 290 23.72 -29.91 -21.13
CA TYR C 290 22.53 -30.56 -21.72
C TYR C 290 22.06 -29.96 -23.06
N PHE C 291 22.14 -28.64 -23.19
CA PHE C 291 21.77 -27.96 -24.45
C PHE C 291 22.64 -28.41 -25.63
N ALA C 292 23.93 -28.61 -25.38
CA ALA C 292 24.84 -29.13 -26.40
C ALA C 292 24.35 -30.49 -26.89
N TRP C 293 24.03 -31.40 -25.96
CA TRP C 293 23.47 -32.72 -26.30
C TRP C 293 22.23 -32.59 -27.15
N MET C 294 21.34 -31.69 -26.74
CA MET C 294 20.10 -31.47 -27.47
C MET C 294 20.36 -31.22 -28.95
N VAL C 295 21.34 -30.38 -29.26
CA VAL C 295 21.67 -30.06 -30.65
C VAL C 295 22.00 -31.35 -31.39
N LEU C 296 22.81 -32.20 -30.77
CA LEU C 296 23.19 -33.49 -31.35
C LEU C 296 22.01 -34.44 -31.46
N ILE C 297 21.14 -34.42 -30.46
CA ILE C 297 19.94 -35.24 -30.45
C ILE C 297 18.97 -34.83 -31.55
N VAL C 298 18.71 -33.52 -31.64
CA VAL C 298 17.75 -33.00 -32.64
C VAL C 298 18.30 -33.25 -34.02
N ALA C 299 19.58 -32.92 -34.22
CA ALA C 299 20.25 -33.16 -35.49
C ALA C 299 20.15 -34.63 -35.90
N ALA C 300 20.39 -35.51 -34.93
CA ALA C 300 20.23 -36.95 -35.12
C ALA C 300 18.80 -37.28 -35.51
N LEU C 301 17.85 -36.73 -34.77
CA LEU C 301 16.43 -36.92 -35.06
C LEU C 301 16.04 -36.49 -36.48
N ASN C 302 16.67 -35.43 -36.98
CA ASN C 302 16.50 -34.96 -38.37
C ASN C 302 17.01 -36.01 -39.36
N ALA C 303 18.27 -36.41 -39.21
CA ALA C 303 18.89 -37.41 -40.08
C ALA C 303 18.19 -38.77 -40.02
N SER C 304 17.69 -39.15 -38.83
CA SER C 304 16.87 -40.35 -38.68
C SER C 304 15.55 -40.26 -39.44
N GLY C 305 15.09 -39.03 -39.70
CA GLY C 305 13.88 -38.79 -40.47
C GLY C 305 12.65 -39.37 -39.81
N LEU C 306 12.70 -39.56 -38.49
CA LEU C 306 11.53 -40.02 -37.73
C LEU C 306 10.37 -39.03 -37.82
N CYS C 307 10.70 -37.77 -38.09
CA CYS C 307 9.72 -36.71 -38.30
C CYS C 307 9.45 -36.49 -39.80
N SER C 308 8.19 -36.65 -40.18
CA SER C 308 7.73 -36.30 -41.51
C SER C 308 7.87 -34.79 -41.78
N PRO C 309 8.01 -34.38 -43.06
CA PRO C 309 8.04 -32.95 -43.44
C PRO C 309 6.95 -32.08 -42.80
N GLU C 310 5.73 -32.61 -42.70
CA GLU C 310 4.61 -31.92 -42.04
C GLU C 310 4.96 -31.52 -40.59
N ILE C 311 5.49 -32.49 -39.85
CA ILE C 311 5.90 -32.30 -38.45
C ILE C 311 7.13 -31.39 -38.37
N LYS C 312 8.09 -31.61 -39.27
CA LYS C 312 9.30 -30.80 -39.36
C LYS C 312 8.95 -29.31 -39.56
N ALA C 313 7.88 -29.04 -40.31
CA ALA C 313 7.37 -27.68 -40.50
C ALA C 313 6.70 -27.17 -39.23
N GLY C 314 5.87 -28.02 -38.61
CA GLY C 314 5.24 -27.70 -37.32
C GLY C 314 6.20 -27.12 -36.31
N ALA C 315 7.38 -27.74 -36.21
CA ALA C 315 8.46 -27.26 -35.34
C ALA C 315 8.97 -25.90 -35.75
N LYS C 316 9.05 -25.69 -37.06
CA LYS C 316 9.44 -24.39 -37.63
C LYS C 316 8.41 -23.33 -37.28
N ARG C 317 7.15 -23.65 -37.58
CA ARG C 317 6.01 -22.77 -37.32
C ARG C 317 5.95 -22.38 -35.84
N LEU C 318 6.15 -23.36 -34.97
CA LEU C 318 6.26 -23.10 -33.55
C LEU C 318 7.38 -22.12 -33.21
N SER C 319 8.57 -22.41 -33.73
CA SER C 319 9.73 -21.53 -33.59
C SER C 319 9.42 -20.09 -34.03
N ASP C 320 8.68 -19.94 -35.11
CA ASP C 320 8.28 -18.61 -35.58
C ASP C 320 7.44 -17.87 -34.54
N PHE C 321 6.41 -18.54 -34.04
CA PHE C 321 5.49 -17.97 -33.03
C PHE C 321 6.26 -17.43 -31.82
N PHE C 322 7.26 -18.17 -31.36
CA PHE C 322 8.10 -17.71 -30.25
C PHE C 322 9.01 -16.55 -30.64
N SER C 323 9.77 -16.76 -31.70
CA SER C 323 10.77 -15.81 -32.16
C SER C 323 10.19 -14.51 -32.68
N LYS C 324 8.91 -14.51 -33.04
CA LYS C 324 8.29 -13.30 -33.55
C LYS C 324 7.21 -12.68 -32.65
N GLN C 325 6.48 -13.48 -31.86
CA GLN C 325 5.44 -12.94 -30.95
C GLN C 325 5.92 -12.81 -29.51
N LEU C 326 6.56 -13.86 -29.02
CA LEU C 326 7.00 -13.93 -27.65
C LEU C 326 8.40 -13.38 -27.47
N LEU C 327 9.09 -13.00 -28.55
CA LEU C 327 10.43 -12.40 -28.41
C LEU C 327 10.43 -11.13 -27.56
N TRP C 328 9.43 -10.27 -27.77
CA TRP C 328 9.33 -9.04 -26.99
C TRP C 328 9.10 -9.34 -25.51
N VAL C 329 8.24 -10.32 -25.24
CA VAL C 329 7.99 -10.80 -23.88
C VAL C 329 9.27 -11.29 -23.24
N LEU C 330 9.99 -12.13 -23.97
CA LEU C 330 11.23 -12.73 -23.50
C LEU C 330 12.21 -11.66 -23.05
N MET C 331 12.36 -10.63 -23.86
CA MET C 331 13.28 -9.55 -23.53
C MET C 331 12.95 -8.85 -22.22
N VAL C 332 11.65 -8.63 -21.94
CA VAL C 332 11.23 -8.05 -20.65
C VAL C 332 11.76 -8.90 -19.53
N GLY C 333 11.70 -10.22 -19.70
CA GLY C 333 12.23 -11.16 -18.72
C GLY C 333 13.74 -11.20 -18.67
N VAL C 334 14.37 -11.09 -19.83
CA VAL C 334 15.82 -11.09 -19.92
C VAL C 334 16.42 -9.84 -19.30
N GLY C 335 15.79 -8.69 -19.55
CA GLY C 335 16.20 -7.44 -18.93
C GLY C 335 16.02 -7.38 -17.42
N VAL C 336 15.11 -8.19 -16.88
CA VAL C 336 14.87 -8.25 -15.45
C VAL C 336 15.88 -9.16 -14.77
N CYS C 337 15.94 -10.41 -15.20
CA CYS C 337 16.60 -11.43 -14.41
C CYS C 337 18.08 -11.49 -14.73
N TYR C 338 18.46 -11.41 -16.00
CA TYR C 338 19.83 -11.70 -16.38
C TYR C 338 20.66 -10.49 -16.73
N THR C 339 20.46 -9.43 -15.95
CA THR C 339 21.12 -8.13 -16.11
C THR C 339 21.03 -7.30 -14.83
N ASP C 340 21.85 -7.62 -13.85
CA ASP C 340 21.88 -6.81 -12.63
C ASP C 340 22.72 -5.55 -12.89
N LEU C 341 22.04 -4.41 -13.11
CA LEU C 341 22.75 -3.15 -13.40
C LEU C 341 23.58 -2.64 -12.24
N GLN C 342 23.30 -3.05 -11.00
CA GLN C 342 24.05 -2.58 -9.84
C GLN C 342 25.47 -3.21 -9.81
N GLU C 343 25.58 -4.48 -10.17
CA GLU C 343 26.88 -5.17 -10.20
C GLU C 343 27.77 -4.67 -11.32
N ILE C 344 27.16 -4.28 -12.44
CA ILE C 344 27.88 -3.65 -13.54
C ILE C 344 28.53 -2.35 -13.03
N ILE C 345 27.71 -1.46 -12.45
CA ILE C 345 28.14 -0.17 -11.88
C ILE C 345 29.33 -0.35 -10.94
N ASN C 346 29.26 -1.40 -10.11
CA ASN C 346 30.35 -1.73 -9.18
C ASN C 346 31.67 -2.10 -9.88
N ALA C 347 31.65 -2.28 -11.20
CA ALA C 347 32.87 -2.53 -11.97
C ALA C 347 32.97 -1.71 -13.27
N ILE C 348 32.28 -0.57 -13.33
CA ILE C 348 32.37 0.33 -14.47
C ILE C 348 33.50 1.33 -14.19
N THR C 349 34.71 0.85 -13.89
CA THR C 349 35.88 1.70 -14.02
C THR C 349 36.13 1.79 -15.51
N PHE C 350 36.41 2.99 -16.01
CA PHE C 350 36.85 3.19 -17.39
C PHE C 350 37.69 2.03 -17.90
N ALA C 351 38.60 1.55 -17.06
CA ALA C 351 39.49 0.45 -17.40
C ALA C 351 38.78 -0.79 -17.91
N ASN C 352 37.91 -1.36 -17.08
CA ASN C 352 37.19 -2.60 -17.41
C ASN C 352 36.33 -2.45 -18.63
N VAL C 353 35.64 -1.30 -18.71
CA VAL C 353 34.75 -0.97 -19.82
C VAL C 353 35.49 -1.08 -21.14
N VAL C 354 36.69 -0.51 -21.20
CA VAL C 354 37.53 -0.50 -22.39
C VAL C 354 38.14 -1.90 -22.64
N ILE C 355 38.81 -2.46 -21.63
CA ILE C 355 39.46 -3.78 -21.72
C ILE C 355 38.45 -4.83 -22.21
N ALA C 356 37.29 -4.89 -21.57
CA ALA C 356 36.22 -5.82 -21.93
C ALA C 356 35.79 -5.66 -23.39
N ALA C 357 35.42 -4.43 -23.76
CA ALA C 357 35.00 -4.11 -25.14
C ALA C 357 36.00 -4.61 -26.18
N ILE C 358 37.28 -4.30 -25.96
CA ILE C 358 38.33 -4.72 -26.89
C ILE C 358 38.48 -6.24 -27.00
N ILE C 359 38.37 -6.96 -25.88
CA ILE C 359 38.39 -8.44 -25.90
C ILE C 359 37.28 -8.99 -26.82
N VAL C 360 36.10 -8.35 -26.75
CA VAL C 360 34.96 -8.69 -27.63
C VAL C 360 35.36 -8.48 -29.09
N ILE C 361 35.96 -7.33 -29.37
CA ILE C 361 36.44 -6.97 -30.70
C ILE C 361 37.49 -7.99 -31.18
N GLY C 362 38.36 -8.43 -30.26
CA GLY C 362 39.28 -9.52 -30.54
C GLY C 362 38.60 -10.82 -30.94
N ALA C 363 37.49 -11.13 -30.28
CA ALA C 363 36.67 -12.28 -30.63
C ALA C 363 36.01 -12.12 -32.01
N VAL C 364 35.54 -10.90 -32.29
CA VAL C 364 34.89 -10.56 -33.57
C VAL C 364 35.84 -10.83 -34.71
N LEU C 365 37.01 -10.19 -34.64
CA LEU C 365 38.00 -10.29 -35.70
C LEU C 365 38.56 -11.71 -35.77
N GLY C 366 38.70 -12.36 -34.60
CA GLY C 366 39.19 -13.73 -34.52
C GLY C 366 38.29 -14.74 -35.20
N ALA C 367 36.99 -14.64 -34.94
CA ALA C 367 35.98 -15.50 -35.56
C ALA C 367 35.70 -15.09 -37.02
N ALA C 368 35.85 -13.80 -37.33
CA ALA C 368 35.69 -13.31 -38.71
C ALA C 368 36.75 -13.89 -39.63
N ILE C 369 38.01 -13.77 -39.21
CA ILE C 369 39.13 -14.30 -39.99
C ILE C 369 39.03 -15.82 -40.09
N GLY C 370 38.83 -16.48 -38.95
CA GLY C 370 38.73 -17.94 -38.92
C GLY C 370 37.65 -18.49 -39.83
N GLY C 371 36.44 -17.95 -39.71
CA GLY C 371 35.31 -18.38 -40.55
C GLY C 371 35.53 -18.13 -42.02
N TRP C 372 36.05 -16.95 -42.37
CA TRP C 372 36.46 -16.63 -43.74
C TRP C 372 37.38 -17.70 -44.33
N LEU C 373 38.35 -18.17 -43.52
CA LEU C 373 39.28 -19.24 -43.90
C LEU C 373 38.58 -20.60 -43.99
N MET C 374 37.55 -20.80 -43.16
CA MET C 374 36.77 -22.05 -43.16
C MET C 374 35.65 -22.12 -44.18
N GLY C 375 35.29 -20.99 -44.79
CA GLY C 375 34.31 -20.93 -45.88
C GLY C 375 32.97 -20.30 -45.52
N PHE C 376 32.86 -19.80 -44.29
CA PHE C 376 31.64 -19.16 -43.82
C PHE C 376 31.73 -17.66 -44.09
N PHE C 377 30.58 -17.00 -44.00
CA PHE C 377 30.53 -15.55 -44.17
C PHE C 377 31.11 -14.88 -42.93
N PRO C 378 32.05 -13.93 -43.13
CA PRO C 378 32.73 -13.32 -41.98
C PRO C 378 31.79 -12.69 -40.95
N ILE C 379 30.77 -11.97 -41.41
CA ILE C 379 29.84 -11.30 -40.49
C ILE C 379 29.14 -12.32 -39.59
N GLU C 380 28.55 -13.34 -40.20
CA GLU C 380 27.86 -14.41 -39.47
C GLU C 380 28.79 -15.17 -38.56
N SER C 381 30.01 -15.43 -39.03
CA SER C 381 31.02 -16.11 -38.23
C SER C 381 31.37 -15.34 -36.97
N ALA C 382 31.59 -14.03 -37.12
CA ALA C 382 31.87 -13.15 -35.98
C ALA C 382 30.73 -13.08 -34.95
N ILE C 383 29.51 -13.29 -35.41
CA ILE C 383 28.33 -13.29 -34.53
C ILE C 383 28.20 -14.60 -33.79
N THR C 384 28.21 -15.71 -34.53
CA THR C 384 27.96 -17.03 -33.97
C THR C 384 29.15 -17.56 -33.18
N ALA C 385 30.31 -17.58 -33.82
CA ALA C 385 31.55 -18.05 -33.19
C ALA C 385 32.32 -16.98 -32.40
N GLY C 386 31.92 -15.70 -32.52
CA GLY C 386 32.60 -14.60 -31.84
C GLY C 386 31.77 -14.01 -30.72
N LEU C 387 30.74 -13.24 -31.07
CA LEU C 387 29.93 -12.54 -30.05
C LEU C 387 29.11 -13.47 -29.18
N CYS C 388 28.63 -14.57 -29.77
CA CYS C 388 27.91 -15.58 -29.01
C CYS C 388 28.73 -16.40 -28.02
N MET C 389 30.06 -16.34 -28.14
CA MET C 389 30.97 -16.84 -27.09
C MET C 389 31.09 -15.86 -25.93
N ALA C 390 31.31 -14.58 -26.27
CA ALA C 390 31.62 -13.49 -25.31
C ALA C 390 30.38 -12.95 -24.58
N ASN C 391 29.21 -13.27 -25.11
CA ASN C 391 27.95 -12.95 -24.47
C ASN C 391 27.71 -13.79 -23.20
N ARG C 392 26.62 -13.47 -22.50
CA ARG C 392 26.20 -14.21 -21.31
C ARG C 392 25.39 -15.49 -21.66
N GLY C 393 26.05 -16.37 -22.42
CA GLY C 393 25.52 -17.71 -22.74
C GLY C 393 24.16 -17.68 -23.41
N GLY C 394 23.21 -18.44 -22.86
CA GLY C 394 21.91 -18.63 -23.49
C GLY C 394 21.03 -17.41 -23.48
N SER C 395 20.90 -16.79 -22.31
CA SER C 395 20.19 -15.51 -22.19
C SER C 395 20.83 -14.51 -23.14
N GLY C 396 22.15 -14.49 -23.18
CA GLY C 396 22.91 -13.62 -24.07
C GLY C 396 22.66 -13.86 -25.56
N ASP C 397 22.67 -15.12 -25.97
CA ASP C 397 22.47 -15.48 -27.39
C ASP C 397 21.18 -14.84 -27.91
N LEU C 398 20.11 -15.01 -27.15
CA LEU C 398 18.83 -14.39 -27.48
C LEU C 398 18.96 -12.86 -27.57
N GLU C 399 19.69 -12.25 -26.64
CA GLU C 399 19.93 -10.79 -26.64
C GLU C 399 20.73 -10.35 -27.86
N VAL C 400 21.74 -11.13 -28.23
CA VAL C 400 22.61 -10.82 -29.38
C VAL C 400 21.91 -11.06 -30.71
N LEU C 401 21.41 -12.27 -30.91
CA LEU C 401 20.77 -12.64 -32.17
C LEU C 401 19.54 -11.80 -32.49
N SER C 402 18.88 -11.26 -31.47
CA SER C 402 17.78 -10.34 -31.70
C SER C 402 18.23 -8.94 -32.13
N ALA C 403 19.46 -8.58 -31.77
CA ALA C 403 20.04 -7.27 -32.14
C ALA C 403 20.49 -7.24 -33.59
N CYS C 404 20.89 -8.39 -34.13
CA CYS C 404 21.26 -8.51 -35.55
C CYS C 404 20.23 -9.21 -36.44
N ASN C 405 19.07 -9.52 -35.87
CA ASN C 405 17.98 -10.13 -36.59
C ASN C 405 18.30 -11.48 -37.26
N ARG C 406 19.27 -12.19 -36.70
CA ARG C 406 19.74 -13.48 -37.21
C ARG C 406 19.33 -14.61 -36.22
N MET C 407 18.11 -14.47 -35.66
CA MET C 407 17.56 -15.39 -34.64
C MET C 407 17.55 -16.85 -35.09
N ASN C 408 17.44 -17.07 -36.39
CA ASN C 408 17.62 -18.40 -37.00
C ASN C 408 18.97 -19.12 -36.78
N LEU C 409 19.97 -18.42 -36.22
CA LEU C 409 21.27 -19.01 -35.93
C LEU C 409 21.40 -19.44 -34.47
N ILE C 410 20.28 -19.42 -33.74
CA ILE C 410 20.22 -19.87 -32.36
C ILE C 410 20.94 -21.18 -32.10
N SER C 411 20.76 -22.13 -33.01
CA SER C 411 21.37 -23.44 -32.88
C SER C 411 22.90 -23.34 -32.88
N TYR C 412 23.46 -22.54 -33.77
CA TYR C 412 24.91 -22.28 -33.80
C TYR C 412 25.38 -21.55 -32.55
N ALA C 413 24.69 -20.46 -32.21
CA ALA C 413 24.98 -19.67 -31.01
C ALA C 413 25.07 -20.54 -29.76
N GLN C 414 24.16 -21.49 -29.63
CA GLN C 414 24.17 -22.43 -28.53
C GLN C 414 25.37 -23.38 -28.57
N ILE C 415 25.79 -23.81 -29.75
CA ILE C 415 27.01 -24.64 -29.86
C ILE C 415 28.21 -23.92 -29.24
N SER C 416 28.37 -22.63 -29.53
CA SER C 416 29.42 -21.81 -28.92
C SER C 416 29.25 -21.63 -27.41
N SER C 417 28.05 -21.23 -26.99
CA SER C 417 27.77 -21.01 -25.57
C SER C 417 27.84 -22.30 -24.74
N ARG C 418 27.50 -23.44 -25.33
CA ARG C 418 27.49 -24.73 -24.61
C ARG C 418 28.73 -25.55 -24.83
N LEU C 419 28.94 -26.02 -26.06
CA LEU C 419 30.11 -26.83 -26.38
C LEU C 419 31.36 -25.96 -26.29
N GLY C 420 31.31 -24.78 -26.93
CA GLY C 420 32.42 -23.85 -26.87
C GLY C 420 32.70 -23.36 -25.47
N GLY C 421 31.67 -23.26 -24.64
CA GLY C 421 31.84 -22.96 -23.21
C GLY C 421 32.55 -24.07 -22.44
N GLY C 422 32.18 -25.32 -22.74
CA GLY C 422 32.87 -26.50 -22.22
C GLY C 422 34.33 -26.60 -22.63
N ILE C 423 34.66 -26.06 -23.80
CA ILE C 423 36.04 -25.95 -24.27
C ILE C 423 36.81 -24.94 -23.43
N VAL C 424 36.18 -23.79 -23.17
CA VAL C 424 36.76 -22.73 -22.33
C VAL C 424 37.20 -23.29 -20.99
N LEU C 425 36.40 -24.22 -20.44
CA LEU C 425 36.72 -24.85 -19.16
C LEU C 425 38.01 -25.68 -19.22
N VAL C 426 38.17 -26.47 -20.28
CA VAL C 426 39.38 -27.28 -20.44
C VAL C 426 40.61 -26.36 -20.56
N ILE C 427 40.49 -25.35 -21.41
CA ILE C 427 41.54 -24.33 -21.59
C ILE C 427 41.83 -23.62 -20.27
N ALA C 428 40.76 -23.27 -19.55
CA ALA C 428 40.86 -22.58 -18.24
C ALA C 428 41.65 -23.40 -17.25
N SER C 429 41.34 -24.70 -17.14
CA SER C 429 42.01 -25.60 -16.20
C SER C 429 43.52 -25.58 -16.43
N ILE C 430 43.91 -25.59 -17.71
CA ILE C 430 45.31 -25.55 -18.11
C ILE C 430 45.94 -24.19 -17.80
N VAL C 431 45.24 -23.10 -18.14
CA VAL C 431 45.70 -21.74 -17.86
C VAL C 431 45.86 -21.54 -16.35
N PHE C 432 44.83 -21.90 -15.59
CA PHE C 432 44.81 -21.79 -14.13
C PHE C 432 45.97 -22.61 -13.51
N GLY C 433 46.15 -23.85 -13.96
CA GLY C 433 47.24 -24.70 -13.48
C GLY C 433 48.60 -24.05 -13.76
N MET C 434 48.78 -23.50 -14.96
CA MET C 434 50.05 -22.85 -15.34
C MET C 434 50.33 -21.61 -14.47
N MET C 435 49.28 -20.83 -14.22
CA MET C 435 49.38 -19.56 -13.51
C MET C 435 50.34 -18.60 -14.20
N LYS D 12 -29.77 16.50 17.60
CA LYS D 12 -28.28 16.41 17.88
C LYS D 12 -27.76 17.62 18.67
N ILE D 13 -26.83 17.38 19.60
CA ILE D 13 -26.13 18.47 20.33
C ILE D 13 -24.66 18.54 19.90
N PHE D 14 -24.27 19.68 19.34
CA PHE D 14 -22.94 19.86 18.80
C PHE D 14 -22.62 18.81 17.74
N GLY D 15 -23.57 18.58 16.82
CA GLY D 15 -23.44 17.53 15.80
C GLY D 15 -23.30 16.10 16.34
N MET D 16 -23.79 15.89 17.56
CA MET D 16 -23.76 14.58 18.19
C MET D 16 -25.19 14.20 18.54
N PRO D 17 -25.64 13.02 18.09
CA PRO D 17 -27.00 12.64 18.43
C PRO D 17 -27.18 12.49 19.95
N LEU D 18 -28.37 12.86 20.43
CA LEU D 18 -28.67 12.85 21.86
C LEU D 18 -28.17 11.60 22.61
N PRO D 19 -28.35 10.39 22.05
CA PRO D 19 -27.77 9.18 22.65
C PRO D 19 -26.27 9.26 22.87
N LEU D 20 -25.54 9.64 21.82
CA LEU D 20 -24.09 9.80 21.89
C LEU D 20 -23.69 10.89 22.90
N TYR D 21 -24.33 12.05 22.80
CA TYR D 21 -24.03 13.16 23.72
C TYR D 21 -24.21 12.72 25.15
N ALA D 22 -25.25 11.93 25.40
CA ALA D 22 -25.49 11.38 26.72
C ALA D 22 -24.31 10.58 27.23
N PHE D 23 -23.76 9.71 26.37
CA PHE D 23 -22.55 8.95 26.70
C PHE D 23 -21.46 9.87 27.24
N ALA D 24 -21.25 10.98 26.54
CA ALA D 24 -20.25 11.97 26.94
C ALA D 24 -20.66 12.70 28.22
N LEU D 25 -21.90 13.18 28.27
CA LEU D 25 -22.42 13.84 29.45
C LEU D 25 -22.36 12.94 30.69
N ILE D 26 -22.62 11.64 30.51
CA ILE D 26 -22.40 10.63 31.57
C ILE D 26 -20.95 10.64 32.04
N THR D 27 -20.03 10.55 31.08
CA THR D 27 -18.60 10.54 31.38
C THR D 27 -18.20 11.80 32.16
N LEU D 28 -18.67 12.97 31.70
CA LEU D 28 -18.37 14.23 32.38
C LEU D 28 -18.71 14.12 33.85
N LEU D 29 -19.89 13.58 34.11
CA LEU D 29 -20.40 13.47 35.46
C LEU D 29 -19.64 12.43 36.27
N LEU D 30 -19.23 11.33 35.63
CA LEU D 30 -18.36 10.36 36.31
C LEU D 30 -17.06 11.00 36.77
N SER D 31 -16.39 11.71 35.85
CA SER D 31 -15.18 12.50 36.19
C SER D 31 -15.42 13.53 37.28
N HIS D 32 -16.60 14.12 37.23
CA HIS D 32 -17.01 15.14 38.17
C HIS D 32 -17.18 14.56 39.58
N PHE D 33 -18.08 13.59 39.70
CA PHE D 33 -18.43 12.96 40.98
C PHE D 33 -17.26 12.24 41.60
N TYR D 34 -16.62 11.39 40.81
CA TYR D 34 -15.45 10.63 41.30
C TYR D 34 -14.22 11.50 41.51
N ASN D 35 -14.25 12.74 41.03
CA ASN D 35 -13.10 13.67 41.11
C ASN D 35 -11.84 13.04 40.53
N ALA D 36 -11.98 12.53 39.32
CA ALA D 36 -10.88 11.92 38.58
C ALA D 36 -10.84 12.59 37.22
N LEU D 37 -9.78 13.36 37.00
CA LEU D 37 -9.64 14.14 35.80
C LEU D 37 -8.20 14.57 35.62
N PRO D 38 -7.62 14.31 34.44
CA PRO D 38 -6.26 14.79 34.23
C PRO D 38 -6.28 16.30 34.03
N THR D 39 -5.45 17.02 34.76
CA THR D 39 -5.43 18.48 34.66
C THR D 39 -4.57 18.93 33.46
N ASP D 40 -4.90 18.44 32.27
CA ASP D 40 -4.11 18.66 31.05
C ASP D 40 -5.03 18.98 29.85
N ILE D 41 -4.47 19.05 28.64
CA ILE D 41 -5.26 19.28 27.41
C ILE D 41 -6.41 18.30 27.25
N VAL D 42 -6.10 17.01 27.41
CA VAL D 42 -7.08 15.97 27.14
C VAL D 42 -8.24 16.15 28.10
N GLY D 43 -7.94 16.13 29.40
CA GLY D 43 -8.97 16.34 30.41
C GLY D 43 -9.74 17.64 30.19
N GLY D 44 -9.01 18.71 29.86
CA GLY D 44 -9.60 20.03 29.65
C GLY D 44 -10.58 20.02 28.52
N PHE D 45 -10.10 19.82 27.30
CA PHE D 45 -10.96 19.75 26.11
C PHE D 45 -12.17 18.83 26.30
N ALA D 46 -11.97 17.70 26.97
CA ALA D 46 -13.07 16.77 27.26
C ALA D 46 -14.23 17.47 27.94
N ILE D 47 -13.91 18.18 29.01
CA ILE D 47 -14.92 18.90 29.80
C ILE D 47 -15.46 20.07 29.00
N MET D 48 -14.54 20.89 28.49
CA MET D 48 -14.87 22.10 27.78
C MET D 48 -15.77 21.80 26.59
N PHE D 49 -15.44 20.76 25.83
CA PHE D 49 -16.29 20.36 24.69
C PHE D 49 -17.72 20.08 25.13
N ILE D 50 -17.86 19.24 26.16
CA ILE D 50 -19.16 18.78 26.62
C ILE D 50 -19.95 19.91 27.23
N ILE D 51 -19.36 20.62 28.18
CA ILE D 51 -20.04 21.74 28.82
C ILE D 51 -20.46 22.80 27.81
N GLY D 52 -19.50 23.18 26.97
CA GLY D 52 -19.76 24.14 25.91
C GLY D 52 -20.88 23.70 25.01
N ALA D 53 -20.87 22.41 24.66
CA ALA D 53 -21.89 21.86 23.78
C ALA D 53 -23.33 22.05 24.29
N ILE D 54 -23.58 21.63 25.53
CA ILE D 54 -24.94 21.73 26.09
C ILE D 54 -25.39 23.17 26.21
N PHE D 55 -24.59 23.99 26.87
CA PHE D 55 -24.98 25.38 27.12
C PHE D 55 -24.93 26.20 25.87
N GLY D 56 -24.09 25.79 24.92
CA GLY D 56 -24.09 26.37 23.60
C GLY D 56 -25.43 26.21 22.93
N GLU D 57 -25.93 24.97 22.88
CA GLU D 57 -27.25 24.69 22.30
C GLU D 57 -28.33 25.47 23.06
N ILE D 58 -28.31 25.36 24.39
CA ILE D 58 -29.27 26.07 25.23
C ILE D 58 -29.33 27.54 24.88
N GLY D 59 -28.18 28.21 24.94
CA GLY D 59 -28.08 29.64 24.54
C GLY D 59 -28.42 29.96 23.10
N LYS D 60 -28.19 28.98 22.22
CA LYS D 60 -28.62 29.04 20.83
C LYS D 60 -30.14 28.96 20.64
N ARG D 61 -30.85 28.25 21.52
CA ARG D 61 -32.29 28.05 21.29
C ARG D 61 -33.06 29.22 21.87
N LEU D 62 -32.47 29.87 22.88
CA LEU D 62 -33.19 30.92 23.63
C LEU D 62 -33.51 32.12 22.73
N PRO D 63 -34.76 32.60 22.76
CA PRO D 63 -35.24 33.53 21.71
C PRO D 63 -34.59 34.94 21.69
N ILE D 64 -34.81 35.65 22.79
CA ILE D 64 -34.38 37.04 22.95
C ILE D 64 -32.86 37.09 23.02
N PHE D 65 -32.33 36.14 23.78
CA PHE D 65 -30.93 36.07 24.08
C PHE D 65 -30.06 35.83 22.86
N ASN D 66 -30.51 34.93 21.98
CA ASN D 66 -29.72 34.66 20.75
C ASN D 66 -29.57 35.83 19.78
N LYS D 67 -30.62 36.61 19.59
CA LYS D 67 -30.55 37.64 18.56
C LYS D 67 -29.67 38.88 18.94
N TYR D 68 -29.74 39.32 20.20
CA TYR D 68 -29.00 40.51 20.63
C TYR D 68 -28.07 40.35 21.86
N ILE D 69 -28.23 39.23 22.55
CA ILE D 69 -27.47 38.97 23.77
C ILE D 69 -26.16 38.27 23.45
N GLY D 70 -26.04 37.81 22.20
CA GLY D 70 -24.84 37.22 21.63
C GLY D 70 -25.13 35.76 21.41
N GLY D 71 -25.88 35.12 22.33
CA GLY D 71 -26.49 33.81 22.14
C GLY D 71 -25.64 32.69 22.53
N ALA D 72 -25.43 31.74 21.61
CA ALA D 72 -24.64 30.55 21.95
C ALA D 72 -23.36 30.87 22.72
N PRO D 73 -22.48 31.76 22.18
CA PRO D 73 -21.23 32.02 22.93
C PRO D 73 -21.42 32.62 24.34
N VAL D 74 -22.30 33.61 24.42
CA VAL D 74 -22.54 34.35 25.65
C VAL D 74 -23.03 33.41 26.72
N MET D 75 -23.87 32.45 26.35
CA MET D 75 -24.38 31.50 27.32
C MET D 75 -23.25 30.77 27.96
N ILE D 76 -22.41 30.15 27.14
CA ILE D 76 -21.31 29.35 27.66
C ILE D 76 -20.41 30.21 28.57
N PHE D 77 -19.96 31.37 28.05
CA PHE D 77 -19.10 32.28 28.84
C PHE D 77 -19.68 32.80 30.17
N LEU D 78 -20.96 33.18 30.20
CA LEU D 78 -21.65 33.53 31.47
C LEU D 78 -21.88 32.34 32.38
N VAL D 79 -22.46 31.27 31.81
CA VAL D 79 -22.73 30.03 32.54
C VAL D 79 -21.47 29.52 33.20
N ALA D 80 -20.41 29.38 32.41
CA ALA D 80 -19.13 28.93 32.92
C ALA D 80 -18.64 29.76 34.11
N ALA D 81 -18.77 31.09 34.03
CA ALA D 81 -18.37 31.97 35.13
C ALA D 81 -19.19 31.70 36.38
N TYR D 82 -20.49 31.49 36.18
CA TYR D 82 -21.41 31.17 37.27
C TYR D 82 -21.04 29.84 37.93
N PHE D 83 -20.52 28.90 37.13
CA PHE D 83 -20.02 27.64 37.66
C PHE D 83 -18.81 27.81 38.58
N VAL D 84 -17.93 28.76 38.25
CA VAL D 84 -16.74 29.02 39.07
C VAL D 84 -17.19 29.73 40.34
N TYR D 85 -17.97 30.80 40.16
CA TYR D 85 -18.53 31.60 41.26
C TYR D 85 -19.35 30.77 42.24
N ALA D 86 -20.33 30.04 41.71
CA ALA D 86 -21.14 29.13 42.53
C ALA D 86 -20.38 27.87 42.97
N GLY D 87 -19.11 27.73 42.59
CA GLY D 87 -18.28 26.59 43.01
C GLY D 87 -18.73 25.26 42.41
N ILE D 88 -19.41 25.34 41.26
CA ILE D 88 -19.97 24.14 40.63
C ILE D 88 -18.82 23.30 40.10
N PHE D 89 -17.83 23.94 39.48
CA PHE D 89 -16.60 23.26 39.06
C PHE D 89 -15.77 22.82 40.24
N THR D 90 -15.06 21.69 40.10
CA THR D 90 -14.08 21.23 41.09
C THR D 90 -12.77 21.93 40.88
N GLN D 91 -11.96 22.03 41.93
CA GLN D 91 -10.66 22.67 41.83
C GLN D 91 -9.90 22.09 40.67
N LYS D 92 -9.85 20.77 40.63
CA LYS D 92 -9.26 20.06 39.51
C LYS D 92 -9.77 20.49 38.14
N GLU D 93 -11.10 20.63 38.02
CA GLU D 93 -11.72 21.02 36.75
C GLU D 93 -11.32 22.43 36.35
N ILE D 94 -11.30 23.35 37.32
CA ILE D 94 -10.84 24.72 37.09
C ILE D 94 -9.36 24.70 36.67
N ASP D 95 -8.56 23.86 37.34
CA ASP D 95 -7.14 23.68 37.03
C ASP D 95 -6.94 23.18 35.59
N ALA D 96 -7.67 22.14 35.22
CA ALA D 96 -7.61 21.57 33.87
C ALA D 96 -7.90 22.63 32.82
N ILE D 97 -9.02 23.34 32.99
CA ILE D 97 -9.42 24.41 32.05
C ILE D 97 -8.39 25.52 32.04
N SER D 98 -7.95 25.94 33.23
CA SER D 98 -6.92 26.98 33.32
C SER D 98 -5.60 26.56 32.70
N ASN D 99 -5.21 25.30 32.92
CA ASN D 99 -4.05 24.68 32.28
C ASN D 99 -4.05 24.76 30.76
N VAL D 100 -5.23 24.63 30.16
CA VAL D 100 -5.36 24.75 28.71
C VAL D 100 -5.27 26.21 28.29
N MET D 101 -5.97 27.09 29.01
CA MET D 101 -6.06 28.50 28.62
C MET D 101 -4.79 29.30 28.86
N ASP D 102 -4.14 29.08 29.99
CA ASP D 102 -2.91 29.79 30.35
C ASP D 102 -1.62 28.96 30.20
N LYS D 103 -1.40 27.98 31.08
CA LYS D 103 -0.13 27.20 31.08
C LYS D 103 0.22 26.61 29.71
N SER D 104 -0.74 25.94 29.10
CA SER D 104 -0.62 25.51 27.72
C SER D 104 -0.80 26.67 26.72
N ASN D 105 -1.58 27.67 27.09
CA ASN D 105 -1.81 28.90 26.28
C ASN D 105 -2.53 28.63 24.96
N PHE D 106 -3.71 28.06 25.10
CA PHE D 106 -4.58 27.86 23.95
C PHE D 106 -5.09 29.20 23.46
N LEU D 107 -5.26 30.15 24.38
CA LEU D 107 -5.86 31.41 24.04
C LEU D 107 -5.10 32.11 22.94
N ASN D 108 -3.80 32.22 23.12
CA ASN D 108 -2.99 32.91 22.14
C ASN D 108 -3.03 32.19 20.80
N LEU D 109 -2.83 30.87 20.83
CA LEU D 109 -2.87 30.06 19.61
C LEU D 109 -4.14 30.39 18.87
N PHE D 110 -5.26 30.32 19.58
CA PHE D 110 -6.57 30.61 19.01
C PHE D 110 -6.55 31.94 18.27
N ILE D 111 -6.13 32.99 18.96
CA ILE D 111 -6.12 34.33 18.37
C ILE D 111 -5.14 34.37 17.21
N ALA D 112 -3.97 33.77 17.40
CA ALA D 112 -2.96 33.70 16.36
C ALA D 112 -3.48 33.09 15.06
N VAL D 113 -4.22 31.99 15.20
CA VAL D 113 -4.80 31.28 14.05
C VAL D 113 -5.81 32.16 13.35
N LEU D 114 -6.65 32.81 14.16
CA LEU D 114 -7.68 33.71 13.63
C LEU D 114 -7.07 34.84 12.83
N ILE D 115 -6.16 35.58 13.47
CA ILE D 115 -5.51 36.72 12.83
C ILE D 115 -4.95 36.30 11.47
N THR D 116 -4.15 35.23 11.49
CA THR D 116 -3.49 34.74 10.28
C THR D 116 -4.47 34.42 9.20
N GLY D 117 -5.46 33.61 9.53
CA GLY D 117 -6.52 33.23 8.59
C GLY D 117 -7.34 34.40 8.05
N ALA D 118 -7.60 35.37 8.90
CA ALA D 118 -8.39 36.54 8.54
C ALA D 118 -7.65 37.48 7.61
N ILE D 119 -6.35 37.67 7.88
CA ILE D 119 -5.51 38.56 7.07
C ILE D 119 -5.07 37.90 5.77
N LEU D 120 -4.67 36.64 5.80
CA LEU D 120 -4.26 35.92 4.57
C LEU D 120 -5.41 35.61 3.60
N SER D 121 -6.65 35.76 4.06
CA SER D 121 -7.82 35.50 3.25
C SER D 121 -8.14 36.68 2.35
N VAL D 122 -7.69 37.87 2.74
CA VAL D 122 -7.83 39.02 1.89
C VAL D 122 -6.89 38.86 0.68
N ASN D 123 -7.40 39.07 -0.54
CA ASN D 123 -6.59 38.96 -1.76
C ASN D 123 -5.52 40.04 -1.76
N ARG D 124 -4.40 39.76 -2.42
CA ARG D 124 -3.29 40.72 -2.47
C ARG D 124 -3.76 42.06 -2.99
N ARG D 125 -4.46 42.05 -4.13
CA ARG D 125 -4.99 43.27 -4.69
C ARG D 125 -6.03 43.91 -3.78
N LEU D 126 -7.00 43.13 -3.32
CA LEU D 126 -8.03 43.69 -2.43
C LEU D 126 -7.42 44.45 -1.23
N LEU D 127 -6.35 43.85 -0.71
CA LEU D 127 -5.69 44.38 0.46
C LEU D 127 -5.05 45.68 0.10
N LEU D 128 -4.12 45.66 -0.87
CA LEU D 128 -3.41 46.85 -1.35
C LEU D 128 -4.33 48.00 -1.83
N LYS D 129 -5.31 47.62 -2.64
CA LYS D 129 -6.34 48.56 -3.09
C LYS D 129 -7.16 49.12 -1.92
N SER D 130 -7.53 48.24 -0.99
CA SER D 130 -8.42 48.62 0.13
C SER D 130 -7.76 49.68 1.01
N LEU D 131 -6.47 49.48 1.34
CA LEU D 131 -5.60 50.40 2.09
C LEU D 131 -5.65 51.88 1.70
N LEU D 132 -5.62 52.11 0.39
CA LEU D 132 -5.59 53.43 -0.20
C LEU D 132 -6.91 54.20 0.03
N GLY D 133 -8.07 53.53 -0.09
CA GLY D 133 -9.41 54.13 0.08
C GLY D 133 -10.37 53.78 1.20
N TYR D 134 -10.63 52.48 1.31
CA TYR D 134 -11.51 51.95 2.35
C TYR D 134 -10.90 52.00 3.73
N ILE D 135 -9.62 51.61 3.80
CA ILE D 135 -8.85 51.60 5.06
C ILE D 135 -8.76 52.97 5.74
N PRO D 136 -8.39 54.02 4.98
CA PRO D 136 -8.46 55.36 5.55
C PRO D 136 -9.84 55.74 6.14
N THR D 137 -10.92 55.43 5.41
CA THR D 137 -12.29 55.62 5.91
C THR D 137 -12.49 54.97 7.29
N ILE D 138 -11.99 53.74 7.45
CA ILE D 138 -12.04 53.03 8.74
C ILE D 138 -11.38 53.86 9.83
N LEU D 139 -10.19 54.38 9.53
CA LEU D 139 -9.42 55.20 10.47
C LEU D 139 -10.16 56.48 10.81
N MET D 140 -10.77 57.08 9.80
CA MET D 140 -11.68 58.21 9.99
C MET D 140 -12.83 57.90 10.97
N GLY D 141 -13.42 56.71 10.82
CA GLY D 141 -14.48 56.25 11.72
C GLY D 141 -13.99 56.12 13.15
N ILE D 142 -12.79 55.58 13.32
CA ILE D 142 -12.16 55.43 14.63
C ILE D 142 -11.95 56.80 15.28
N VAL D 143 -11.40 57.75 14.51
CA VAL D 143 -11.17 59.12 14.98
C VAL D 143 -12.47 59.71 15.54
N GLY D 144 -13.53 59.62 14.73
CA GLY D 144 -14.86 60.06 15.12
C GLY D 144 -15.43 59.32 16.32
N ALA D 145 -15.18 58.02 16.38
CA ALA D 145 -15.58 57.21 17.52
C ALA D 145 -14.87 57.63 18.80
N SER D 146 -13.59 57.99 18.67
CA SER D 146 -12.78 58.46 19.80
C SER D 146 -13.19 59.87 20.18
N ILE D 147 -13.23 60.77 19.21
CA ILE D 147 -13.59 62.16 19.49
C ILE D 147 -14.94 62.31 20.17
N PHE D 148 -15.96 61.60 19.69
CA PHE D 148 -17.29 61.61 20.34
C PHE D 148 -17.28 60.94 21.71
N GLY D 149 -16.59 59.81 21.82
CA GLY D 149 -16.44 59.11 23.09
C GLY D 149 -15.82 59.98 24.17
N ILE D 150 -14.69 60.60 23.84
CA ILE D 150 -13.96 61.51 24.76
C ILE D 150 -14.91 62.63 25.16
N ALA D 151 -15.57 63.23 24.16
CA ALA D 151 -16.52 64.32 24.37
C ALA D 151 -17.62 63.96 25.38
N ILE D 152 -18.31 62.84 25.16
CA ILE D 152 -19.40 62.37 26.05
C ILE D 152 -18.89 61.83 27.36
N GLY D 153 -17.67 61.29 27.38
CA GLY D 153 -17.01 60.88 28.64
C GLY D 153 -16.91 61.98 29.70
N LEU D 154 -16.41 63.13 29.29
CA LEU D 154 -16.20 64.25 30.19
C LEU D 154 -17.51 64.83 30.69
N VAL D 155 -18.55 64.69 29.87
CA VAL D 155 -19.91 65.14 30.22
C VAL D 155 -20.37 64.35 31.44
N PHE D 156 -19.94 63.09 31.52
CA PHE D 156 -20.27 62.27 32.68
C PHE D 156 -19.11 62.28 33.68
N GLY D 157 -18.11 63.16 33.47
CA GLY D 157 -16.99 63.25 34.39
C GLY D 157 -16.13 61.98 34.43
N ILE D 158 -15.99 61.32 33.30
CA ILE D 158 -15.24 60.06 33.20
C ILE D 158 -13.85 60.35 32.62
N PRO D 159 -12.79 59.77 33.24
CA PRO D 159 -11.46 60.07 32.70
C PRO D 159 -11.29 59.57 31.25
N VAL D 160 -10.51 60.28 30.46
CA VAL D 160 -10.34 59.92 29.04
C VAL D 160 -9.75 58.52 28.87
N ASP D 161 -8.73 58.18 29.67
CA ASP D 161 -8.10 56.86 29.55
C ASP D 161 -9.15 55.75 29.57
N ARG D 162 -10.09 55.85 30.49
CA ARG D 162 -11.20 54.87 30.58
C ARG D 162 -12.01 54.85 29.30
N ILE D 163 -12.29 56.04 28.79
CA ILE D 163 -13.06 56.21 27.56
C ILE D 163 -12.40 55.44 26.42
N MET D 164 -11.08 55.53 26.31
CA MET D 164 -10.37 54.82 25.25
C MET D 164 -10.21 53.34 25.56
N MET D 165 -9.86 53.00 26.79
CA MET D 165 -9.54 51.61 27.14
C MET D 165 -10.78 50.75 27.43
N LEU D 166 -11.74 51.26 28.20
CA LEU D 166 -12.96 50.50 28.55
C LEU D 166 -14.20 50.75 27.70
N TYR D 167 -14.17 51.76 26.82
CA TYR D 167 -15.34 52.11 26.03
C TYR D 167 -15.05 52.06 24.53
N VAL D 168 -14.23 52.99 24.04
CA VAL D 168 -14.00 53.16 22.60
C VAL D 168 -13.35 51.91 22.00
N LEU D 169 -12.10 51.66 22.39
CA LEU D 169 -11.33 50.54 21.83
C LEU D 169 -12.11 49.22 21.81
N PRO D 170 -12.78 48.84 22.91
CA PRO D 170 -13.47 47.54 22.92
C PRO D 170 -14.65 47.51 21.96
N ILE D 171 -15.37 48.62 21.83
CA ILE D 171 -16.50 48.70 20.89
C ILE D 171 -16.03 48.54 19.43
N MET D 172 -15.05 49.35 19.05
CA MET D 172 -14.48 49.36 17.69
C MET D 172 -13.74 48.04 17.39
N GLY D 173 -13.13 47.46 18.43
CA GLY D 173 -12.50 46.16 18.34
C GLY D 173 -13.58 45.23 17.82
N GLY D 174 -13.22 44.31 16.95
CA GLY D 174 -14.20 43.43 16.29
C GLY D 174 -14.63 42.22 17.08
N GLY D 175 -15.75 42.23 17.82
CA GLY D 175 -16.14 41.07 18.55
C GLY D 175 -15.52 40.64 19.86
N ASN D 176 -15.95 39.45 20.22
CA ASN D 176 -15.58 38.76 21.45
C ASN D 176 -14.21 38.15 21.31
N GLY D 177 -14.03 37.22 20.37
CA GLY D 177 -12.77 36.54 20.16
C GLY D 177 -11.66 37.47 19.72
N ALA D 178 -11.97 38.35 18.76
CA ALA D 178 -10.98 39.30 18.18
C ALA D 178 -10.61 40.55 19.02
N GLY D 179 -11.54 41.13 19.79
CA GLY D 179 -11.21 42.31 20.65
C GLY D 179 -11.23 42.12 22.16
N ALA D 180 -12.34 41.64 22.68
CA ALA D 180 -12.45 41.41 24.12
C ALA D 180 -11.40 40.43 24.64
N VAL D 181 -11.24 39.33 23.91
CA VAL D 181 -10.30 38.30 24.28
C VAL D 181 -8.85 38.80 24.22
N PRO D 182 -8.45 39.48 23.13
CA PRO D 182 -7.05 39.93 23.01
C PRO D 182 -6.81 41.26 23.62
N LEU D 183 -7.81 42.12 23.67
CA LEU D 183 -7.61 43.41 24.32
C LEU D 183 -7.40 43.20 25.81
N SER D 184 -8.03 42.16 26.41
CA SER D 184 -7.74 41.79 27.83
C SER D 184 -6.30 41.34 27.98
N GLU D 185 -5.81 40.62 26.98
CA GLU D 185 -4.44 40.14 26.92
C GLU D 185 -3.43 41.30 26.88
N ILE D 186 -3.69 42.30 26.04
CA ILE D 186 -2.83 43.49 25.92
C ILE D 186 -2.95 44.34 27.19
N TYR D 187 -4.17 44.43 27.74
CA TYR D 187 -4.41 45.15 28.99
C TYR D 187 -3.57 44.56 30.15
N HIS D 188 -3.58 43.24 30.28
CA HIS D 188 -2.81 42.54 31.32
C HIS D 188 -1.30 42.62 31.09
N SER D 189 -0.88 42.55 29.83
CA SER D 189 0.52 42.65 29.47
C SER D 189 1.15 44.02 29.66
N VAL D 190 0.32 45.07 29.64
CA VAL D 190 0.79 46.46 29.79
C VAL D 190 0.47 47.05 31.18
N THR D 191 -0.72 46.80 31.73
CA THR D 191 -1.06 47.32 33.08
C THR D 191 -0.62 46.29 34.14
N GLY D 192 -1.02 45.03 33.97
CA GLY D 192 -0.78 43.96 34.96
C GLY D 192 -2.03 43.57 35.72
N ARG D 193 -3.09 44.38 35.59
CA ARG D 193 -4.38 44.08 36.22
C ARG D 193 -5.10 42.91 35.54
N SER D 194 -5.98 42.25 36.28
CA SER D 194 -6.63 41.02 35.82
C SER D 194 -7.34 41.21 34.51
N ARG D 195 -7.39 40.14 33.73
CA ARG D 195 -8.07 40.16 32.43
C ARG D 195 -9.58 40.29 32.66
N GLU D 196 -10.08 39.56 33.65
CA GLU D 196 -11.50 39.46 33.95
C GLU D 196 -12.09 40.85 34.26
N GLU D 197 -11.37 41.63 35.06
CA GLU D 197 -11.72 43.04 35.31
C GLU D 197 -12.02 43.81 34.03
N TYR D 198 -11.15 43.66 33.03
CA TYR D 198 -11.32 44.32 31.73
C TYR D 198 -12.41 43.67 30.89
N TYR D 199 -12.20 42.38 30.58
CA TYR D 199 -13.09 41.59 29.75
C TYR D 199 -14.57 41.79 30.13
N SER D 200 -14.88 41.57 31.41
CA SER D 200 -16.27 41.61 31.94
C SER D 200 -16.96 42.96 31.62
N THR D 201 -16.22 44.05 31.76
CA THR D 201 -16.70 45.39 31.37
C THR D 201 -16.75 45.58 29.86
N ALA D 202 -15.67 45.19 29.17
CA ALA D 202 -15.58 45.31 27.70
C ALA D 202 -16.66 44.50 26.96
N ILE D 203 -16.74 43.20 27.24
CA ILE D 203 -17.76 42.31 26.64
C ILE D 203 -19.19 42.84 26.81
N ALA D 204 -19.46 43.41 28.00
CA ALA D 204 -20.77 43.93 28.33
C ALA D 204 -21.09 45.16 27.48
N ILE D 205 -20.20 46.17 27.53
CA ILE D 205 -20.33 47.45 26.77
C ILE D 205 -20.43 47.22 25.26
N LEU D 206 -19.54 46.40 24.73
CA LEU D 206 -19.48 46.17 23.30
C LEU D 206 -20.78 45.58 22.77
N THR D 207 -21.39 44.69 23.56
CA THR D 207 -22.68 44.09 23.19
C THR D 207 -23.80 45.13 23.21
N ILE D 208 -23.76 46.06 24.15
CA ILE D 208 -24.74 47.18 24.18
C ILE D 208 -24.64 47.97 22.87
N ALA D 209 -23.43 48.39 22.53
CA ALA D 209 -23.16 49.12 21.28
C ALA D 209 -23.58 48.33 20.04
N ASN D 210 -23.28 47.04 20.01
CA ASN D 210 -23.76 46.11 18.97
C ASN D 210 -25.27 46.19 18.76
N ILE D 211 -26.06 46.31 19.83
CA ILE D 211 -27.51 46.47 19.73
C ILE D 211 -27.85 47.84 19.10
N PHE D 212 -27.16 48.90 19.53
CA PHE D 212 -27.32 50.23 18.90
C PHE D 212 -26.92 50.26 17.43
N ALA D 213 -25.84 49.55 17.10
CA ALA D 213 -25.37 49.45 15.71
C ALA D 213 -26.44 48.89 14.79
N ILE D 214 -27.11 47.82 15.23
CA ILE D 214 -28.19 47.19 14.43
C ILE D 214 -29.42 48.13 14.35
N VAL D 215 -29.66 48.92 15.39
CA VAL D 215 -30.76 49.90 15.37
C VAL D 215 -30.47 51.05 14.40
N PHE D 216 -29.29 51.65 14.48
CA PHE D 216 -28.92 52.76 13.59
C PHE D 216 -28.76 52.31 12.13
N ALA D 217 -28.41 51.04 11.93
CA ALA D 217 -28.35 50.47 10.59
C ALA D 217 -29.68 50.59 9.86
N ALA D 218 -30.77 50.31 10.57
CA ALA D 218 -32.12 50.50 10.03
C ALA D 218 -32.53 51.98 9.93
N VAL D 219 -32.00 52.81 10.83
CA VAL D 219 -32.20 54.27 10.80
C VAL D 219 -31.52 54.91 9.59
N LEU D 220 -30.26 54.56 9.32
CA LEU D 220 -29.55 55.01 8.11
C LEU D 220 -30.17 54.50 6.80
N ASP D 221 -30.85 53.35 6.87
CA ASP D 221 -31.62 52.81 5.75
C ASP D 221 -32.80 53.71 5.40
N ILE D 222 -33.55 54.11 6.43
CA ILE D 222 -34.67 55.04 6.30
C ILE D 222 -34.19 56.42 5.82
N ILE D 223 -33.11 56.93 6.43
CA ILE D 223 -32.50 58.20 6.02
C ILE D 223 -31.95 58.14 4.58
N GLY D 224 -31.42 56.99 4.18
CA GLY D 224 -30.93 56.77 2.82
C GLY D 224 -32.02 56.80 1.76
N LYS D 225 -33.15 56.17 2.06
CA LYS D 225 -34.34 56.18 1.19
C LYS D 225 -35.13 57.49 1.26
N LYS D 226 -34.97 58.26 2.34
CA LYS D 226 -35.60 59.59 2.46
C LYS D 226 -34.77 60.64 1.77
N HIS D 227 -33.44 60.52 1.84
CA HIS D 227 -32.52 61.50 1.25
C HIS D 227 -31.61 60.77 0.28
N THR D 228 -32.20 60.45 -0.89
CA THR D 228 -31.60 59.64 -1.93
C THR D 228 -30.33 60.26 -2.48
N GLU D 248 -6.55 34.90 -8.89
CA GLU D 248 -6.12 33.53 -8.64
C GLU D 248 -6.95 32.96 -7.49
N LYS D 249 -7.78 31.94 -7.78
CA LYS D 249 -8.54 31.20 -6.76
C LYS D 249 -8.37 29.71 -6.92
N THR D 250 -7.53 29.13 -6.08
CA THR D 250 -7.07 27.77 -6.29
C THR D 250 -8.14 26.82 -5.81
N GLY D 251 -8.05 25.59 -6.29
CA GLY D 251 -8.96 24.49 -5.95
C GLY D 251 -8.48 23.44 -4.90
N GLN D 252 -7.38 22.77 -5.24
CA GLN D 252 -6.90 21.64 -4.40
C GLN D 252 -6.26 22.06 -3.06
N ILE D 253 -7.12 22.22 -2.06
CA ILE D 253 -6.70 22.47 -0.69
C ILE D 253 -6.75 21.13 0.06
N THR D 254 -5.62 20.74 0.63
CA THR D 254 -5.47 19.48 1.34
C THR D 254 -5.19 19.83 2.79
N HIS D 255 -5.10 18.83 3.63
CA HIS D 255 -4.71 18.97 5.04
C HIS D 255 -3.39 19.71 5.20
N ARG D 256 -2.43 19.32 4.36
CA ARG D 256 -1.11 19.94 4.38
C ARG D 256 -1.20 21.49 4.25
N GLU D 257 -2.04 21.95 3.34
CA GLU D 257 -2.27 23.38 3.17
C GLU D 257 -2.83 23.97 4.47
N THR D 258 -3.79 23.27 5.06
CA THR D 258 -4.36 23.72 6.32
C THR D 258 -3.32 23.63 7.44
N ALA D 259 -2.53 22.58 7.40
CA ALA D 259 -1.47 22.37 8.35
C ALA D 259 -0.47 23.49 8.21
N VAL D 260 -0.18 23.89 6.97
CA VAL D 260 0.76 25.01 6.72
C VAL D 260 0.21 26.29 7.32
N GLY D 261 -1.11 26.45 7.25
CA GLY D 261 -1.77 27.53 7.97
C GLY D 261 -1.39 27.58 9.44
N LEU D 262 -1.36 26.40 10.06
CA LEU D 262 -1.01 26.29 11.47
C LEU D 262 0.44 26.67 11.70
N VAL D 263 1.31 26.23 10.81
CA VAL D 263 2.73 26.60 10.89
C VAL D 263 2.88 28.12 10.84
N LEU D 264 2.25 28.73 9.85
CA LEU D 264 2.32 30.17 9.65
C LEU D 264 1.71 30.92 10.81
N SER D 265 0.61 30.41 11.33
CA SER D 265 -0.06 31.02 12.49
C SER D 265 0.93 31.13 13.65
N THR D 266 1.60 30.04 13.97
CA THR D 266 2.53 30.01 15.10
C THR D 266 3.80 30.77 14.77
N THR D 267 4.41 30.45 13.64
CA THR D 267 5.65 31.06 13.23
C THR D 267 5.56 32.59 13.14
N CYS D 268 4.43 33.10 12.68
CA CYS D 268 4.19 34.56 12.64
C CYS D 268 4.08 35.17 14.03
N PHE D 269 3.45 34.45 14.95
CA PHE D 269 3.41 34.86 16.34
C PHE D 269 4.80 34.85 16.96
N LEU D 270 5.62 33.85 16.61
CA LEU D 270 6.96 33.76 17.16
C LEU D 270 7.78 34.95 16.73
N LEU D 271 7.74 35.28 15.44
CA LEU D 271 8.48 36.42 14.90
C LEU D 271 8.09 37.69 15.63
N ALA D 272 6.79 37.98 15.66
CA ALA D 272 6.25 39.11 16.41
C ALA D 272 6.73 39.14 17.85
N TYR D 273 6.71 37.98 18.51
CA TYR D 273 7.21 37.85 19.88
C TYR D 273 8.69 38.23 19.98
N VAL D 274 9.54 37.66 19.12
CA VAL D 274 10.98 37.96 19.09
C VAL D 274 11.25 39.44 18.80
N VAL D 275 10.36 40.05 18.03
CA VAL D 275 10.46 41.49 17.71
C VAL D 275 10.11 42.34 18.91
N ALA D 276 8.97 42.09 19.54
CA ALA D 276 8.53 42.88 20.68
C ALA D 276 9.50 42.75 21.89
N LYS D 277 10.03 41.55 22.10
CA LYS D 277 10.82 41.28 23.30
C LYS D 277 12.24 41.80 23.17
N LYS D 278 12.90 41.65 22.01
CA LYS D 278 14.28 42.18 21.85
C LYS D 278 14.56 43.16 20.71
N ILE D 279 14.03 42.86 19.53
CA ILE D 279 14.47 43.58 18.32
C ILE D 279 13.90 45.00 18.24
N LEU D 280 12.62 45.12 18.55
CA LEU D 280 11.97 46.39 18.48
C LEU D 280 10.85 46.48 19.50
N PRO D 281 11.22 46.39 20.82
CA PRO D 281 10.20 46.32 21.87
C PRO D 281 9.28 47.51 21.84
N SER D 282 9.85 48.67 21.50
CA SER D 282 9.12 49.90 21.37
C SER D 282 9.61 50.72 20.19
N ILE D 283 8.68 51.16 19.35
CA ILE D 283 8.99 52.09 18.26
C ILE D 283 9.45 53.43 18.79
N GLY D 284 8.87 53.88 19.90
CA GLY D 284 9.35 55.07 20.60
C GLY D 284 9.20 54.85 22.07
N GLY D 285 8.72 55.87 22.78
CA GLY D 285 8.29 55.72 24.17
C GLY D 285 7.12 54.75 24.32
N VAL D 286 6.41 54.52 23.22
CA VAL D 286 5.31 53.59 23.19
C VAL D 286 5.84 52.18 22.94
N ALA D 287 5.30 51.21 23.69
CA ALA D 287 5.66 49.80 23.60
C ALA D 287 4.66 48.99 22.74
N ILE D 288 5.16 48.35 21.71
CA ILE D 288 4.30 47.58 20.81
C ILE D 288 4.17 46.15 21.32
N HIS D 289 2.95 45.80 21.74
CA HIS D 289 2.61 44.46 22.19
C HIS D 289 2.74 43.48 21.03
N TYR D 290 3.25 42.28 21.32
CA TYR D 290 3.60 41.31 20.27
C TYR D 290 2.48 41.01 19.26
N PHE D 291 1.22 40.96 19.73
CA PHE D 291 0.06 40.76 18.84
C PHE D 291 -0.09 41.87 17.81
N ALA D 292 0.17 43.11 18.21
CA ALA D 292 0.17 44.23 17.27
C ALA D 292 1.16 44.00 16.14
N TRP D 293 2.40 43.63 16.50
CA TRP D 293 3.44 43.32 15.52
C TRP D 293 2.96 42.24 14.56
N MET D 294 2.36 41.19 15.13
CA MET D 294 1.87 40.07 14.32
C MET D 294 0.98 40.53 13.17
N VAL D 295 0.06 41.45 13.48
CA VAL D 295 -0.84 41.96 12.47
C VAL D 295 -0.05 42.57 11.32
N LEU D 296 0.97 43.36 11.67
CA LEU D 296 1.86 43.98 10.68
C LEU D 296 2.66 42.95 9.91
N ILE D 297 3.12 41.92 10.61
CA ILE D 297 3.91 40.86 10.02
C ILE D 297 3.07 40.06 9.03
N VAL D 298 1.88 39.67 9.47
CA VAL D 298 1.01 38.83 8.64
C VAL D 298 0.59 39.62 7.43
N ALA D 299 0.17 40.87 7.67
CA ALA D 299 -0.23 41.76 6.59
C ALA D 299 0.90 41.90 5.56
N ALA D 300 2.11 42.08 6.08
CA ALA D 300 3.31 42.13 5.25
C ALA D 300 3.48 40.85 4.47
N LEU D 301 3.37 39.72 5.16
CA LEU D 301 3.45 38.41 4.53
C LEU D 301 2.44 38.23 3.38
N ASN D 302 1.25 38.80 3.54
CA ASN D 302 0.21 38.81 2.50
C ASN D 302 0.68 39.58 1.27
N ALA D 303 1.06 40.83 1.49
CA ALA D 303 1.51 41.71 0.42
C ALA D 303 2.75 41.16 -0.28
N SER D 304 3.65 40.55 0.51
CA SER D 304 4.84 39.87 -0.05
C SER D 304 4.46 38.69 -0.94
N GLY D 305 3.26 38.13 -0.73
CA GLY D 305 2.76 37.04 -1.54
C GLY D 305 3.63 35.80 -1.47
N LEU D 306 4.38 35.67 -0.39
CA LEU D 306 5.18 34.46 -0.16
C LEU D 306 4.30 33.20 -0.05
N CYS D 307 3.05 33.42 0.33
CA CYS D 307 2.05 32.37 0.41
C CYS D 307 1.21 32.32 -0.86
N SER D 308 1.22 31.16 -1.53
CA SER D 308 0.32 30.87 -2.65
C SER D 308 -1.16 30.85 -2.20
N PRO D 309 -2.10 31.10 -3.13
CA PRO D 309 -3.54 31.08 -2.82
C PRO D 309 -3.99 29.81 -2.09
N GLU D 310 -3.44 28.67 -2.48
CA GLU D 310 -3.73 27.39 -1.82
C GLU D 310 -3.45 27.45 -0.31
N ILE D 311 -2.28 27.97 0.03
CA ILE D 311 -1.84 28.10 1.41
C ILE D 311 -2.66 29.17 2.11
N LYS D 312 -2.89 30.28 1.43
CA LYS D 312 -3.69 31.37 1.96
C LYS D 312 -5.08 30.89 2.36
N ALA D 313 -5.62 29.93 1.60
CA ALA D 313 -6.90 29.32 1.92
C ALA D 313 -6.77 28.40 3.11
N GLY D 314 -5.71 27.60 3.12
CA GLY D 314 -5.42 26.74 4.25
C GLY D 314 -5.53 27.45 5.58
N ALA D 315 -4.96 28.65 5.64
CA ALA D 315 -5.02 29.48 6.84
C ALA D 315 -6.44 29.89 7.16
N LYS D 316 -7.22 30.15 6.11
CA LYS D 316 -8.63 30.49 6.26
C LYS D 316 -9.38 29.29 6.82
N ARG D 317 -9.18 28.14 6.18
CA ARG D 317 -9.82 26.92 6.62
C ARG D 317 -9.52 26.61 8.06
N LEU D 318 -8.26 26.76 8.44
CA LEU D 318 -7.89 26.61 9.85
C LEU D 318 -8.71 27.49 10.73
N SER D 319 -8.71 28.79 10.39
CA SER D 319 -9.46 29.76 11.18
C SER D 319 -10.88 29.34 11.31
N ASP D 320 -11.46 28.78 10.25
CA ASP D 320 -12.85 28.32 10.31
C ASP D 320 -13.01 27.23 11.39
N PHE D 321 -12.15 26.21 11.33
CA PHE D 321 -12.17 25.09 12.27
C PHE D 321 -12.15 25.59 13.72
N PHE D 322 -11.32 26.58 14.01
CA PHE D 322 -11.26 27.16 15.36
C PHE D 322 -12.51 27.97 15.67
N SER D 323 -12.83 28.91 14.78
CA SER D 323 -13.94 29.82 15.00
C SER D 323 -15.28 29.18 15.04
N LYS D 324 -15.41 28.00 14.45
CA LYS D 324 -16.69 27.35 14.38
C LYS D 324 -16.80 26.10 15.23
N GLN D 325 -15.70 25.36 15.44
CA GLN D 325 -15.76 24.13 16.26
C GLN D 325 -15.27 24.35 17.66
N LEU D 326 -14.13 25.04 17.77
CA LEU D 326 -13.47 25.25 19.05
C LEU D 326 -13.93 26.54 19.72
N LEU D 327 -14.77 27.35 19.05
CA LEU D 327 -15.27 28.58 19.67
C LEU D 327 -16.03 28.29 20.95
N TRP D 328 -16.86 27.26 20.94
CA TRP D 328 -17.63 26.90 22.11
C TRP D 328 -16.71 26.48 23.26
N VAL D 329 -15.69 25.71 22.93
CA VAL D 329 -14.67 25.29 23.89
C VAL D 329 -14.01 26.50 24.50
N LEU D 330 -13.59 27.41 23.64
CA LEU D 330 -12.89 28.62 24.04
C LEU D 330 -13.68 29.39 25.08
N MET D 331 -14.97 29.57 24.81
CA MET D 331 -15.82 30.31 25.72
C MET D 331 -15.89 29.69 27.12
N VAL D 332 -15.94 28.36 27.21
CA VAL D 332 -15.89 27.67 28.52
C VAL D 332 -14.65 28.10 29.27
N GLY D 333 -13.54 28.21 28.57
CA GLY D 333 -12.28 28.68 29.14
C GLY D 333 -12.30 30.16 29.48
N VAL D 334 -12.91 30.96 28.60
CA VAL D 334 -12.97 32.39 28.79
C VAL D 334 -13.85 32.75 29.97
N GLY D 335 -14.97 32.07 30.10
CA GLY D 335 -15.85 32.22 31.25
C GLY D 335 -15.24 31.83 32.59
N VAL D 336 -14.25 30.93 32.55
CA VAL D 336 -13.59 30.47 33.77
C VAL D 336 -12.55 31.49 34.18
N CYS D 337 -11.63 31.84 33.29
CA CYS D 337 -10.46 32.68 33.67
C CYS D 337 -10.60 34.21 33.46
N TYR D 338 -11.34 34.55 32.44
CA TYR D 338 -11.44 35.92 31.95
C TYR D 338 -12.81 36.57 32.37
N THR D 339 -13.59 36.05 33.34
CA THR D 339 -14.83 36.81 33.71
C THR D 339 -15.17 36.87 35.20
N ASP D 340 -15.34 38.07 35.76
CA ASP D 340 -15.82 38.25 37.12
C ASP D 340 -17.22 38.84 37.01
N LEU D 341 -18.17 38.20 37.67
CA LEU D 341 -19.59 38.55 37.62
C LEU D 341 -19.95 39.80 38.39
N GLN D 342 -19.35 40.03 39.55
CA GLN D 342 -19.78 41.17 40.35
C GLN D 342 -19.44 42.45 39.58
N GLU D 343 -18.22 42.55 39.12
CA GLU D 343 -17.81 43.76 38.45
C GLU D 343 -18.64 43.94 37.19
N ILE D 344 -18.75 42.86 36.44
CA ILE D 344 -19.49 42.92 35.17
C ILE D 344 -20.94 43.23 35.41
N ILE D 345 -21.54 42.57 36.39
CA ILE D 345 -22.95 42.85 36.74
C ILE D 345 -23.12 44.35 37.10
N ASN D 346 -22.18 44.87 37.89
CA ASN D 346 -22.21 46.27 38.33
C ASN D 346 -22.11 47.36 37.24
N ALA D 347 -21.29 47.11 36.22
CA ALA D 347 -21.17 48.06 35.12
C ALA D 347 -22.29 47.88 34.09
N ILE D 348 -23.57 47.90 34.52
CA ILE D 348 -24.74 47.84 33.59
C ILE D 348 -25.52 49.17 33.69
N THR D 349 -24.78 50.24 33.80
CA THR D 349 -25.35 51.52 34.19
C THR D 349 -25.89 52.27 32.98
N PHE D 350 -27.08 52.86 33.11
CA PHE D 350 -27.64 53.81 32.12
C PHE D 350 -26.60 54.75 31.48
N ALA D 351 -25.61 55.17 32.27
CA ALA D 351 -24.46 55.93 31.75
C ALA D 351 -23.82 55.24 30.55
N ASN D 352 -23.54 53.94 30.71
CA ASN D 352 -22.99 53.13 29.62
C ASN D 352 -23.86 53.11 28.37
N VAL D 353 -25.18 52.99 28.57
CA VAL D 353 -26.15 52.95 27.48
C VAL D 353 -25.97 54.16 26.56
N VAL D 354 -25.88 55.34 27.19
CA VAL D 354 -25.76 56.61 26.47
C VAL D 354 -24.35 56.73 25.87
N ILE D 355 -23.32 56.57 26.70
CA ILE D 355 -21.91 56.69 26.27
C ILE D 355 -21.63 55.79 25.06
N ALA D 356 -22.02 54.52 25.19
CA ALA D 356 -21.88 53.54 24.11
C ALA D 356 -22.55 53.99 22.82
N ALA D 357 -23.85 54.30 22.91
CA ALA D 357 -24.64 54.74 21.75
C ALA D 357 -23.95 55.89 21.01
N ILE D 358 -23.52 56.90 21.76
CA ILE D 358 -22.87 58.09 21.18
C ILE D 358 -21.56 57.74 20.47
N ILE D 359 -20.76 56.85 21.05
CA ILE D 359 -19.51 56.39 20.41
C ILE D 359 -19.83 55.77 19.03
N VAL D 360 -20.93 55.02 18.95
CA VAL D 360 -21.41 54.43 17.68
C VAL D 360 -21.72 55.54 16.69
N ILE D 361 -22.46 56.53 17.16
CA ILE D 361 -22.81 57.71 16.36
C ILE D 361 -21.54 58.42 15.87
N GLY D 362 -20.53 58.50 16.74
CA GLY D 362 -19.22 59.04 16.37
C GLY D 362 -18.57 58.26 15.24
N ALA D 363 -18.72 56.94 15.28
CA ALA D 363 -18.25 56.08 14.19
C ALA D 363 -19.03 56.29 12.90
N VAL D 364 -20.34 56.47 13.03
CA VAL D 364 -21.25 56.71 11.89
C VAL D 364 -20.80 57.96 11.14
N LEU D 365 -20.73 59.05 11.87
CA LEU D 365 -20.39 60.35 11.29
C LEU D 365 -18.92 60.36 10.82
N GLY D 366 -18.06 59.67 11.56
CA GLY D 366 -16.65 59.54 11.20
C GLY D 366 -16.42 58.83 9.88
N ALA D 367 -17.11 57.70 9.70
CA ALA D 367 -17.02 56.91 8.46
C ALA D 367 -17.82 57.55 7.33
N ALA D 368 -18.90 58.27 7.67
CA ALA D 368 -19.71 59.00 6.68
C ALA D 368 -18.89 60.11 6.03
N ILE D 369 -18.26 60.93 6.86
CA ILE D 369 -17.43 62.03 6.38
C ILE D 369 -16.24 61.49 5.60
N GLY D 370 -15.54 60.52 6.18
CA GLY D 370 -14.36 59.95 5.56
C GLY D 370 -14.64 59.37 4.19
N GLY D 371 -15.67 58.53 4.11
CA GLY D 371 -16.08 57.91 2.85
C GLY D 371 -16.50 58.92 1.78
N TRP D 372 -17.30 59.91 2.19
CA TRP D 372 -17.69 61.06 1.32
C TRP D 372 -16.45 61.71 0.70
N LEU D 373 -15.39 61.89 1.51
CA LEU D 373 -14.11 62.45 1.06
C LEU D 373 -13.34 61.48 0.15
N MET D 374 -13.50 60.17 0.40
CA MET D 374 -12.85 59.14 -0.42
C MET D 374 -13.58 58.74 -1.70
N GLY D 375 -14.85 59.15 -1.83
CA GLY D 375 -15.63 58.94 -3.05
C GLY D 375 -16.74 57.90 -2.95
N PHE D 376 -16.93 57.36 -1.75
CA PHE D 376 -17.98 56.38 -1.50
C PHE D 376 -19.25 57.11 -1.06
N PHE D 377 -20.37 56.39 -1.10
CA PHE D 377 -21.65 56.90 -0.62
C PHE D 377 -21.63 56.98 0.91
N PRO D 378 -21.99 58.14 1.48
CA PRO D 378 -21.92 58.30 2.94
C PRO D 378 -22.68 57.26 3.76
N ILE D 379 -23.90 56.93 3.33
CA ILE D 379 -24.73 55.94 4.07
C ILE D 379 -24.03 54.59 4.13
N GLU D 380 -23.62 54.09 2.96
CA GLU D 380 -22.91 52.82 2.85
C GLU D 380 -21.57 52.82 3.62
N SER D 381 -20.86 53.94 3.55
CA SER D 381 -19.59 54.11 4.28
C SER D 381 -19.77 54.03 5.78
N ALA D 382 -20.79 54.71 6.30
CA ALA D 382 -21.14 54.66 7.73
C ALA D 382 -21.58 53.26 8.23
N ILE D 383 -22.16 52.46 7.34
CA ILE D 383 -22.56 51.08 7.66
C ILE D 383 -21.31 50.17 7.68
N THR D 384 -20.55 50.18 6.59
CA THR D 384 -19.43 49.25 6.40
C THR D 384 -18.22 49.62 7.26
N ALA D 385 -17.74 50.86 7.11
CA ALA D 385 -16.56 51.32 7.84
C ALA D 385 -16.88 51.91 9.22
N GLY D 386 -18.17 52.07 9.54
CA GLY D 386 -18.61 52.64 10.81
C GLY D 386 -19.28 51.61 11.73
N LEU D 387 -20.53 51.25 11.43
CA LEU D 387 -21.30 50.33 12.29
C LEU D 387 -20.70 48.91 12.34
N CYS D 388 -20.17 48.46 11.21
CA CYS D 388 -19.52 47.16 11.16
C CYS D 388 -18.21 47.03 11.93
N MET D 389 -17.64 48.17 12.31
CA MET D 389 -16.51 48.23 13.22
C MET D 389 -16.96 48.08 14.69
N ALA D 390 -18.01 48.84 15.04
CA ALA D 390 -18.53 48.97 16.41
C ALA D 390 -19.42 47.80 16.83
N ASN D 391 -19.85 47.02 15.84
CA ASN D 391 -20.62 45.81 16.05
C ASN D 391 -19.77 44.66 16.60
N ARG D 392 -20.41 43.55 16.96
CA ARG D 392 -19.72 42.38 17.49
C ARG D 392 -19.08 41.52 16.40
N GLY D 393 -17.97 42.00 15.85
CA GLY D 393 -17.22 41.29 14.81
C GLY D 393 -18.09 40.67 13.70
N GLY D 394 -17.97 39.37 13.47
CA GLY D 394 -18.70 38.63 12.41
C GLY D 394 -20.17 38.36 12.64
N SER D 395 -20.50 37.80 13.80
CA SER D 395 -21.90 37.62 14.18
C SER D 395 -22.63 38.93 14.03
N GLY D 396 -21.99 40.01 14.48
CA GLY D 396 -22.53 41.36 14.36
C GLY D 396 -22.80 41.82 12.93
N ASP D 397 -21.84 41.60 12.03
CA ASP D 397 -21.96 42.05 10.63
C ASP D 397 -23.24 41.53 10.01
N LEU D 398 -23.49 40.24 10.23
CA LEU D 398 -24.73 39.59 9.79
C LEU D 398 -25.97 40.23 10.43
N GLU D 399 -25.89 40.55 11.72
CA GLU D 399 -26.98 41.25 12.43
C GLU D 399 -27.22 42.67 11.88
N VAL D 400 -26.13 43.40 11.58
CA VAL D 400 -26.20 44.79 11.06
C VAL D 400 -26.65 44.81 9.60
N LEU D 401 -25.93 44.10 8.74
CA LEU D 401 -26.22 44.09 7.31
C LEU D 401 -27.59 43.55 6.97
N SER D 402 -28.18 42.72 7.83
CA SER D 402 -29.56 42.29 7.64
C SER D 402 -30.61 43.35 8.07
N ALA D 403 -30.24 44.23 8.99
CA ALA D 403 -31.10 45.32 9.44
C ALA D 403 -31.22 46.45 8.42
N CYS D 404 -30.18 46.69 7.66
CA CYS D 404 -30.24 47.61 6.54
C CYS D 404 -30.21 46.50 5.51
N ASN D 405 -31.17 46.30 4.62
CA ASN D 405 -30.87 45.22 3.57
C ASN D 405 -29.64 45.61 2.69
N ARG D 406 -28.41 45.46 3.20
CA ARG D 406 -27.18 45.54 2.40
C ARG D 406 -26.25 44.32 2.59
N MET D 407 -26.84 43.14 2.71
CA MET D 407 -26.11 41.88 2.95
C MET D 407 -24.99 41.62 1.93
N ASN D 408 -25.15 42.12 0.71
CA ASN D 408 -24.09 42.11 -0.31
C ASN D 408 -22.77 42.82 0.03
N LEU D 409 -22.71 43.56 1.14
CA LEU D 409 -21.49 44.23 1.57
C LEU D 409 -20.75 43.45 2.66
N ILE D 410 -21.17 42.20 2.89
CA ILE D 410 -20.52 41.29 3.85
C ILE D 410 -19.01 41.32 3.72
N SER D 411 -18.50 41.32 2.49
CA SER D 411 -17.07 41.30 2.23
C SER D 411 -16.39 42.53 2.81
N TYR D 412 -16.99 43.70 2.62
CA TYR D 412 -16.48 44.96 3.22
C TYR D 412 -16.58 44.96 4.73
N ALA D 413 -17.75 44.59 5.23
CA ALA D 413 -18.00 44.47 6.69
C ALA D 413 -16.94 43.62 7.39
N GLN D 414 -16.58 42.50 6.77
CA GLN D 414 -15.57 41.61 7.33
C GLN D 414 -14.16 42.21 7.25
N ILE D 415 -13.86 43.02 6.23
CA ILE D 415 -12.58 43.78 6.21
C ILE D 415 -12.45 44.66 7.45
N SER D 416 -13.51 45.39 7.81
CA SER D 416 -13.52 46.20 9.03
C SER D 416 -13.40 45.35 10.32
N SER D 417 -14.24 44.32 10.42
CA SER D 417 -14.27 43.45 11.61
C SER D 417 -12.97 42.66 11.79
N ARG D 418 -12.33 42.28 10.68
CA ARG D 418 -11.13 41.45 10.73
C ARG D 418 -9.85 42.29 10.62
N LEU D 419 -9.62 42.94 9.47
CA LEU D 419 -8.40 43.77 9.32
C LEU D 419 -8.50 44.98 10.21
N GLY D 420 -9.65 45.66 10.13
CA GLY D 420 -9.87 46.84 10.94
C GLY D 420 -9.80 46.52 12.42
N GLY D 421 -10.22 45.32 12.80
CA GLY D 421 -10.09 44.85 14.19
C GLY D 421 -8.63 44.67 14.58
N GLY D 422 -7.85 44.11 13.67
CA GLY D 422 -6.41 43.97 13.85
C GLY D 422 -5.70 45.30 13.95
N ILE D 423 -6.25 46.33 13.31
CA ILE D 423 -5.73 47.69 13.40
C ILE D 423 -6.00 48.23 14.81
N VAL D 424 -7.20 47.99 15.31
CA VAL D 424 -7.61 48.42 16.66
C VAL D 424 -6.62 47.92 17.68
N LEU D 425 -6.12 46.71 17.49
CA LEU D 425 -5.11 46.12 18.39
C LEU D 425 -3.79 46.88 18.39
N VAL D 426 -3.30 47.27 17.22
CA VAL D 426 -2.06 48.04 17.12
C VAL D 426 -2.23 49.40 17.81
N ILE D 427 -3.33 50.06 17.50
CA ILE D 427 -3.70 51.33 18.14
C ILE D 427 -3.81 51.17 19.66
N ALA D 428 -4.47 50.09 20.06
CA ALA D 428 -4.69 49.79 21.47
C ALA D 428 -3.37 49.67 22.22
N SER D 429 -2.38 48.97 21.64
CA SER D 429 -1.06 48.86 22.31
C SER D 429 -0.47 50.25 22.54
N ILE D 430 -0.55 51.11 21.52
CA ILE D 430 0.01 52.47 21.58
C ILE D 430 -0.72 53.28 22.64
N VAL D 431 -2.05 53.16 22.68
CA VAL D 431 -2.87 53.88 23.66
C VAL D 431 -2.46 53.46 25.05
N PHE D 432 -2.37 52.15 25.24
CA PHE D 432 -2.00 51.60 26.54
C PHE D 432 -0.62 52.11 26.98
N GLY D 433 0.34 52.04 26.05
CA GLY D 433 1.69 52.50 26.35
C GLY D 433 1.74 53.98 26.72
N MET D 434 0.99 54.80 26.00
CA MET D 434 0.98 56.26 26.24
C MET D 434 0.40 56.55 27.60
N MET D 435 -0.63 55.80 27.97
CA MET D 435 -1.26 55.99 29.25
C MET D 435 -0.32 55.53 30.39
N ILE D 436 0.39 54.41 30.16
CA ILE D 436 1.28 53.81 31.17
C ILE D 436 2.45 53.10 30.51
NA NA E . 9.11 -1.95 26.68
CAC FLC F . 2.93 6.45 27.39
CA FLC F . 3.95 7.51 27.58
CB FLC F . 5.38 7.10 27.75
CBC FLC F . 5.81 5.95 28.55
CG FLC F . 6.39 8.20 27.56
CGC FLC F . 7.80 7.80 27.91
OA1 FLC F . 1.77 6.87 27.18
OA2 FLC F . 3.22 5.23 27.41
OB1 FLC F . 5.59 6.17 29.76
OB2 FLC F . 6.38 4.92 28.11
OG1 FLC F . 8.22 7.96 29.08
OG2 FLC F . 8.49 7.34 26.99
OHB FLC F . 5.51 6.49 26.41
C1 BOG G . -7.93 -1.49 13.57
O1 BOG G . -7.76 -1.66 14.97
C2 BOG G . -6.70 -0.77 13.04
O2 BOG G . -6.55 0.52 13.63
C3 BOG G . -6.80 -0.61 11.54
O3 BOG G . -5.69 0.10 11.01
C4 BOG G . -6.82 -2.01 10.96
O4 BOG G . -6.96 -1.92 9.55
C5 BOG G . -8.05 -2.70 11.49
O5 BOG G . -8.07 -2.76 12.91
C6 BOG G . -8.20 -4.12 11.01
O6 BOG G . -6.97 -4.77 11.35
C1' BOG G . -8.73 -2.45 15.65
C2' BOG G . -7.92 -3.45 16.46
C3' BOG G . -8.12 -3.26 17.95
C4' BOG G . -9.18 -4.21 18.45
C5' BOG G . -9.54 -3.87 19.88
C6' BOG G . -10.71 -4.71 20.32
C7' BOG G . -10.34 -6.16 20.56
C8' BOG G . -11.49 -6.88 21.25
CAC FLC H . -10.16 -24.32 -8.93
CA FLC H . -9.19 -25.45 -8.71
CB FLC H . -9.70 -26.64 -7.96
CBC FLC H . -10.52 -26.56 -6.74
CG FLC H . -8.93 -27.90 -8.09
CGC FLC H . -9.54 -29.10 -7.42
OA1 FLC H . -11.22 -24.20 -8.29
OA2 FLC H . -9.79 -23.52 -9.81
OB1 FLC H . -11.74 -26.84 -6.65
OB2 FLC H . -9.83 -26.21 -5.76
OG1 FLC H . -10.43 -29.72 -8.02
OG2 FLC H . -9.13 -29.47 -6.30
OHB FLC H . -10.74 -26.86 -8.97
NA NA I . -19.12 -28.02 -6.90
CAC FLC J . 21.51 -19.95 -19.93
CA FLC J . 20.93 -19.05 -18.88
CB FLC J . 21.73 -17.92 -18.33
CBC FLC J . 23.18 -18.06 -18.03
CG FLC J . 21.01 -16.80 -17.64
CGC FLC J . 21.90 -15.76 -17.00
OA1 FLC J . 20.73 -20.78 -20.43
OA2 FLC J . 22.71 -19.89 -20.29
OB1 FLC J . 23.32 -18.80 -17.05
OB2 FLC J . 24.13 -17.50 -18.62
OG1 FLC J . 22.22 -14.81 -17.74
OG2 FLC J . 22.25 -15.86 -15.79
OHB FLC J . 21.83 -17.25 -19.65
NA NA K . -16.76 45.95 16.97
#